data_9B7B
#
_entry.id   9B7B
#
_cell.length_a   169.586
_cell.length_b   178.801
_cell.length_c   178.359
_cell.angle_alpha   90.000
_cell.angle_beta   90.000
_cell.angle_gamma   90.000
#
_symmetry.space_group_name_H-M   'I 2 2 2'
#
loop_
_entity.id
_entity.type
_entity.pdbx_description
1 polymer 'HLA class II histocompatibility antigen, DR alpha chain'
2 polymer 'Hemagglutinin HA1 chain, HLA class II histocompatibility antigen DR beta chain'
3 polymer 'h44H10-V22 Antibody, heavy chain'
4 polymer 'h44H10-V22 Antibody, light chain'
5 non-polymer 2-acetamido-2-deoxy-beta-D-glucopyranose
6 non-polymer 'SULFATE ION'
#
loop_
_entity_poly.entity_id
_entity_poly.type
_entity_poly.pdbx_seq_one_letter_code
_entity_poly.pdbx_strand_id
1 'polypeptide(L)'
;IKEEHVIIQAEFYLNPDQSGEFMFDFDGDEIFHVDMAKKETVWRLEEFGRFASFEAQGALANIAVDKANLEIMTKRSNYT
PITNVPPEVTVLTNSPVELREPNVLICFIDKFTPPVVNVTWLRNGKPVTTGVSETVFLPREDHLFRKFHYLPFLPSTEDV
YDCRVEHWGLDEPLLKHWEFDTSGENLYFQ
;
A,E
2 'polypeptide(L)'
;GAPKYVKQNTLKLATSGGSGSIEGRGSGDTRPRFLEQVKHECHFFNGTERVRFLDRYFYHQEEYVRFDSDVGEYRAVTEL
GRPDAEYWNSQKDLLEQKRAAVDTYCRHNYGVGESFTVQRRVYPEVTVYPAKTQPLQHHNLLVCSVNGFYPGSIEVRWFR
NGQEEKTGVVSTGLIQNGDWTFQTLVMLETVPRSGEVYTCQVEHPSLTSPLTVEWRATGGENLYFQ
;
B,F
3 'polypeptide(L)'
;QVQLQESGPGLVKPSETLSLTCTVSGFSLTSYGVHWIRQPPGKGLEWIGVIWAGGSINYNSALMSRVTISKDTSKNQVSL
KLSSVTAADTAVYYCARAYGDYVHYAMDYWGQGTLVTVSSASTKGPSVFPLAPSSKSTSGGTAALGCLVKDYFPEPVTVS
WNSGALTSGVHTFPAVLQSSGLYSLSSVVTVPSSSLGTQTYICNVNHKPSNTKVDKKVEPKSC
;
C,G
4 'polypeptide(L)'
;DIQMTQSPSSLSASVGDRVTITCRASQEISGYLTWLQQKPGKAPKLLIYAASTLDSGVPKRFSGSRSGTDFTLTISSLQP
EDFATYYCLQYTNYPLTFGQGTKLEIKRTVAAPSVFIFPPSDEQLKSGTASVVCLLNNFYPREAKVQWKVDNALQSGNSQ
ESVTEQDSKDSTYSLSSTLTLSKADYEKHKVYACEVTHQGLSSPVTKSFNRGEC
;
D,H
#
# COMPACT_ATOMS: atom_id res chain seq x y z
N GLU A 4 17.80 11.95 -12.88
CA GLU A 4 18.77 12.32 -11.84
C GLU A 4 19.48 13.61 -12.22
N HIS A 5 19.85 13.73 -13.50
CA HIS A 5 20.52 14.93 -13.99
C HIS A 5 20.09 15.16 -15.44
N VAL A 6 19.93 16.43 -15.81
CA VAL A 6 19.47 16.82 -17.14
C VAL A 6 20.34 17.98 -17.62
N ILE A 7 20.99 17.82 -18.77
CA ILE A 7 21.74 18.90 -19.42
C ILE A 7 21.13 19.16 -20.79
N ILE A 8 20.70 20.39 -21.01
CA ILE A 8 20.04 20.80 -22.25
C ILE A 8 20.85 21.91 -22.91
N GLN A 9 21.12 21.74 -24.20
CA GLN A 9 21.60 22.83 -25.04
C GLN A 9 20.38 23.53 -25.63
N ALA A 10 20.09 24.72 -25.13
CA ALA A 10 18.87 25.43 -25.48
C ALA A 10 19.17 26.52 -26.49
N GLU A 11 18.45 26.50 -27.61
CA GLU A 11 18.60 27.47 -28.68
C GLU A 11 17.22 27.99 -29.06
N PHE A 12 17.13 29.30 -29.31
CA PHE A 12 15.92 29.84 -29.91
C PHE A 12 16.29 31.02 -30.81
N TYR A 13 15.34 31.34 -31.69
CA TYR A 13 15.39 32.53 -32.54
C TYR A 13 13.99 33.08 -32.67
N LEU A 14 13.86 34.40 -32.52
CA LEU A 14 12.56 35.08 -32.55
C LEU A 14 12.61 36.18 -33.59
N ASN A 15 11.67 36.13 -34.55
CA ASN A 15 11.33 37.12 -35.55
C ASN A 15 10.00 37.77 -35.19
N PRO A 16 9.81 39.08 -35.47
CA PRO A 16 10.68 40.01 -36.18
C PRO A 16 11.69 40.77 -35.30
N ASP A 17 11.88 40.40 -34.04
CA ASP A 17 12.91 41.03 -33.23
C ASP A 17 14.32 40.61 -33.65
N GLN A 18 14.44 39.52 -34.41
CA GLN A 18 15.72 38.95 -34.86
C GLN A 18 16.65 38.63 -33.69
N SER A 19 16.06 38.12 -32.61
CA SER A 19 16.80 37.89 -31.37
C SER A 19 17.03 36.40 -31.18
N GLY A 20 18.29 36.02 -31.00
CA GLY A 20 18.63 34.62 -30.85
C GLY A 20 19.32 34.33 -29.53
N GLU A 21 19.31 33.07 -29.11
CA GLU A 21 19.94 32.71 -27.85
C GLU A 21 20.42 31.27 -27.90
N PHE A 22 21.65 31.07 -27.43
CA PHE A 22 22.29 29.77 -27.26
C PHE A 22 22.76 29.72 -25.81
N MET A 23 22.36 28.67 -25.08
CA MET A 23 22.73 28.56 -23.68
C MET A 23 22.78 27.10 -23.29
N PHE A 24 23.35 26.83 -22.12
CA PHE A 24 23.44 25.49 -21.56
C PHE A 24 22.77 25.44 -20.20
N ASP A 25 22.06 24.36 -19.92
CA ASP A 25 21.27 24.20 -18.72
C ASP A 25 21.61 22.89 -18.02
N PHE A 26 21.81 22.95 -16.71
CA PHE A 26 22.01 21.78 -15.86
C PHE A 26 20.97 21.84 -14.74
N ASP A 27 19.92 21.01 -14.88
CA ASP A 27 18.90 20.77 -13.84
C ASP A 27 18.18 22.04 -13.42
N GLY A 28 17.85 22.90 -14.39
CA GLY A 28 17.08 24.10 -14.14
C GLY A 28 17.89 25.37 -14.01
N ASP A 29 19.22 25.29 -13.98
CA ASP A 29 20.07 26.46 -13.84
C ASP A 29 20.98 26.61 -15.05
N GLU A 30 21.25 27.87 -15.40
CA GLU A 30 22.09 28.17 -16.54
C GLU A 30 23.56 27.92 -16.22
N ILE A 31 24.23 27.16 -17.08
CA ILE A 31 25.68 27.04 -16.99
C ILE A 31 26.35 28.23 -17.66
N PHE A 32 26.07 28.43 -18.95
CA PHE A 32 26.61 29.55 -19.70
C PHE A 32 25.61 29.98 -20.76
N HIS A 33 25.84 31.19 -21.27
CA HIS A 33 25.03 31.80 -22.32
C HIS A 33 25.97 32.44 -23.33
N VAL A 34 25.85 32.06 -24.59
CA VAL A 34 26.65 32.70 -25.64
C VAL A 34 26.02 34.06 -25.96
N ASP A 35 26.78 35.12 -25.77
CA ASP A 35 26.29 36.47 -26.05
C ASP A 35 26.31 36.72 -27.55
N MET A 36 25.18 37.21 -28.07
CA MET A 36 25.05 37.47 -29.50
C MET A 36 26.03 38.55 -29.96
N ALA A 37 25.90 39.74 -29.39
CA ALA A 37 26.97 40.75 -29.51
C ALA A 37 28.19 40.31 -28.71
N LYS A 38 29.35 40.80 -29.16
CA LYS A 38 30.72 40.60 -28.63
C LYS A 38 31.27 39.19 -28.88
N LYS A 39 30.42 38.27 -29.35
CA LYS A 39 30.78 36.94 -29.87
C LYS A 39 31.62 36.12 -28.89
N GLU A 40 31.08 35.95 -27.68
CA GLU A 40 31.83 35.28 -26.62
C GLU A 40 30.84 34.66 -25.62
N THR A 41 31.34 33.66 -24.90
CA THR A 41 30.54 33.00 -23.88
C THR A 41 30.53 33.81 -22.60
N VAL A 42 29.38 33.80 -21.92
CA VAL A 42 29.20 34.45 -20.63
C VAL A 42 28.78 33.36 -19.66
N TRP A 43 29.68 32.96 -18.79
CA TRP A 43 29.36 31.98 -17.77
C TRP A 43 28.48 32.63 -16.72
N ARG A 44 27.45 31.90 -16.28
CA ARG A 44 26.52 32.41 -15.28
C ARG A 44 27.23 32.68 -13.95
N LEU A 45 28.11 31.77 -13.54
CA LEU A 45 29.01 32.00 -12.43
C LEU A 45 30.42 32.14 -12.99
N GLU A 46 31.17 33.14 -12.50
CA GLU A 46 32.48 33.44 -13.08
C GLU A 46 33.48 32.32 -12.85
N GLU A 47 33.31 31.56 -11.77
CA GLU A 47 34.17 30.42 -11.47
C GLU A 47 34.10 29.36 -12.57
N PHE A 48 32.93 29.22 -13.21
CA PHE A 48 32.74 28.22 -14.26
C PHE A 48 33.67 28.45 -15.46
N GLY A 49 33.99 29.71 -15.76
CA GLY A 49 34.90 30.02 -16.85
C GLY A 49 36.34 29.68 -16.56
N ARG A 50 36.69 29.53 -15.29
CA ARG A 50 38.02 29.12 -14.88
C ARG A 50 38.11 27.61 -14.71
N PHE A 51 37.01 26.89 -14.95
CA PHE A 51 36.96 25.44 -14.89
C PHE A 51 36.62 24.77 -16.22
N ALA A 52 36.16 25.53 -17.22
CA ALA A 52 35.76 24.97 -18.50
C ALA A 52 35.88 26.06 -19.57
N SER A 53 35.59 25.70 -20.82
CA SER A 53 35.70 26.62 -21.94
C SER A 53 34.80 26.15 -23.08
N PHE A 54 34.40 27.10 -23.93
CA PHE A 54 33.53 26.81 -25.06
C PHE A 54 33.75 27.84 -26.18
N GLU A 55 33.80 27.36 -27.42
CA GLU A 55 33.89 28.25 -28.58
C GLU A 55 32.51 28.72 -29.01
N ALA A 56 32.28 30.04 -28.94
CA ALA A 56 30.98 30.64 -29.19
C ALA A 56 30.59 30.71 -30.67
N GLN A 57 31.57 30.67 -31.58
CA GLN A 57 31.30 30.94 -32.99
C GLN A 57 30.47 29.84 -33.65
N GLY A 58 30.74 28.57 -33.30
CA GLY A 58 29.89 27.49 -33.79
C GLY A 58 28.47 27.56 -33.24
N ALA A 59 28.32 28.05 -32.01
CA ALA A 59 27.00 28.30 -31.46
C ALA A 59 26.26 29.36 -32.25
N LEU A 60 26.96 30.41 -32.67
CA LEU A 60 26.33 31.43 -33.52
C LEU A 60 25.96 30.87 -34.90
N ALA A 61 26.76 29.91 -35.42
CA ALA A 61 26.38 29.20 -36.64
C ALA A 61 25.09 28.42 -36.45
N ASN A 62 24.93 27.78 -35.27
CA ASN A 62 23.67 27.10 -34.96
C ASN A 62 22.50 28.09 -34.88
N ILE A 63 22.74 29.31 -34.38
CA ILE A 63 21.69 30.33 -34.35
C ILE A 63 21.28 30.73 -35.77
N ALA A 64 22.24 30.78 -36.69
CA ALA A 64 21.90 31.03 -38.11
C ALA A 64 21.05 29.90 -38.69
N VAL A 65 21.37 28.65 -38.32
CA VAL A 65 20.55 27.51 -38.73
C VAL A 65 19.13 27.62 -38.14
N ASP A 66 19.02 28.12 -36.91
CA ASP A 66 17.71 28.34 -36.29
C ASP A 66 16.91 29.39 -37.03
N LYS A 67 17.58 30.45 -37.51
CA LYS A 67 16.93 31.47 -38.32
C LYS A 67 16.34 30.87 -39.59
N ALA A 68 17.13 30.04 -40.30
CA ALA A 68 16.65 29.40 -41.52
C ALA A 68 15.48 28.46 -41.25
N ASN A 69 15.55 27.68 -40.17
CA ASN A 69 14.47 26.78 -39.80
C ASN A 69 13.20 27.54 -39.41
N LEU A 70 13.35 28.72 -38.81
CA LEU A 70 12.18 29.54 -38.49
C LEU A 70 11.53 30.08 -39.76
N GLU A 71 12.34 30.42 -40.78
CA GLU A 71 11.77 30.78 -42.10
C GLU A 71 10.93 29.64 -42.68
N ILE A 72 11.47 28.41 -42.66
CA ILE A 72 10.73 27.28 -43.23
C ILE A 72 9.49 26.95 -42.42
N MET A 73 9.56 27.05 -41.09
CA MET A 73 8.39 26.74 -40.28
C MET A 73 7.32 27.81 -40.41
N THR A 74 7.73 29.08 -40.54
CA THR A 74 6.77 30.16 -40.75
C THR A 74 6.05 30.00 -42.08
N LYS A 75 6.76 29.57 -43.13
CA LYS A 75 6.08 29.32 -44.39
C LYS A 75 5.17 28.09 -44.31
N ARG A 76 5.58 27.06 -43.58
CA ARG A 76 4.77 25.85 -43.46
C ARG A 76 3.61 25.97 -42.47
N SER A 77 3.51 27.06 -41.71
CA SER A 77 2.43 27.20 -40.74
C SER A 77 1.36 28.19 -41.18
N ASN A 78 1.41 28.65 -42.44
CA ASN A 78 0.52 29.66 -43.01
C ASN A 78 0.53 30.95 -42.18
N TYR A 79 1.73 31.33 -41.72
CA TYR A 79 1.99 32.53 -40.91
C TYR A 79 1.14 32.57 -39.64
N THR A 80 1.08 31.44 -38.94
CA THR A 80 0.34 31.35 -37.70
C THR A 80 1.14 31.96 -36.56
N PRO A 81 0.62 32.96 -35.85
CA PRO A 81 1.41 33.65 -34.83
C PRO A 81 1.52 32.86 -33.54
N ILE A 82 2.49 33.27 -32.73
CA ILE A 82 2.64 32.69 -31.40
C ILE A 82 1.57 33.25 -30.47
N THR A 83 1.27 32.51 -29.41
CA THR A 83 0.33 32.97 -28.40
C THR A 83 1.08 33.75 -27.33
N ASN A 84 0.61 34.96 -27.05
CA ASN A 84 1.23 35.77 -26.00
C ASN A 84 0.82 35.22 -24.64
N VAL A 85 1.63 34.32 -24.09
CA VAL A 85 1.34 33.69 -22.80
C VAL A 85 1.81 34.62 -21.70
N PRO A 86 0.90 35.11 -20.86
CA PRO A 86 1.26 36.18 -19.92
C PRO A 86 2.13 35.64 -18.78
N PRO A 87 2.96 36.49 -18.19
CA PRO A 87 3.92 36.01 -17.19
C PRO A 87 3.43 36.10 -15.75
N GLU A 88 4.02 35.23 -14.93
CA GLU A 88 3.81 35.21 -13.48
C GLU A 88 4.98 35.93 -12.83
N VAL A 89 4.68 36.94 -12.01
CA VAL A 89 5.71 37.77 -11.41
C VAL A 89 5.61 37.64 -9.90
N THR A 90 6.72 37.23 -9.26
CA THR A 90 6.81 37.15 -7.80
C THR A 90 8.06 37.89 -7.34
N VAL A 91 7.92 38.76 -6.36
CA VAL A 91 9.05 39.48 -5.78
C VAL A 91 9.46 38.76 -4.50
N LEU A 92 10.72 38.33 -4.45
CA LEU A 92 11.28 37.56 -3.36
C LEU A 92 12.45 38.31 -2.75
N THR A 93 12.88 37.84 -1.58
CA THR A 93 14.10 38.29 -0.93
C THR A 93 15.02 37.10 -0.74
N ASN A 94 16.33 37.34 -0.97
CA ASN A 94 17.31 36.26 -0.90
C ASN A 94 17.46 35.73 0.53
N SER A 95 17.50 36.63 1.51
CA SER A 95 17.60 36.27 2.92
C SER A 95 16.35 36.76 3.63
N PRO A 96 16.06 36.32 4.85
CA PRO A 96 15.05 37.02 5.66
C PRO A 96 15.55 38.42 5.98
N VAL A 97 14.67 39.40 5.78
CA VAL A 97 15.07 40.80 5.84
C VAL A 97 15.22 41.24 7.29
N GLU A 98 16.35 41.86 7.60
CA GLU A 98 16.55 42.67 8.79
C GLU A 98 16.99 44.06 8.34
N LEU A 99 16.72 45.04 9.20
CA LEU A 99 17.02 46.43 8.86
C LEU A 99 18.53 46.65 8.77
N ARG A 100 18.94 47.32 7.69
CA ARG A 100 20.33 47.70 7.40
C ARG A 100 21.26 46.49 7.33
N GLU A 101 20.73 45.35 6.87
CA GLU A 101 21.50 44.13 6.72
C GLU A 101 21.36 43.71 5.25
N PRO A 102 22.44 43.69 4.48
CA PRO A 102 22.32 43.72 3.00
C PRO A 102 21.69 42.47 2.41
N ASN A 103 20.80 42.69 1.42
CA ASN A 103 19.99 41.62 0.87
C ASN A 103 19.80 41.87 -0.63
N VAL A 104 19.08 40.96 -1.28
CA VAL A 104 18.85 41.02 -2.73
C VAL A 104 17.36 40.86 -2.98
N LEU A 105 16.77 41.77 -3.75
CA LEU A 105 15.40 41.65 -4.21
C LEU A 105 15.39 40.94 -5.56
N ILE A 106 14.64 39.84 -5.64
CA ILE A 106 14.60 38.99 -6.83
C ILE A 106 13.22 39.07 -7.45
N CYS A 107 13.14 39.56 -8.68
CA CYS A 107 11.91 39.52 -9.46
C CYS A 107 11.95 38.25 -10.31
N PHE A 108 11.08 37.30 -9.99
CA PHE A 108 11.01 36.02 -10.67
C PHE A 108 9.82 36.04 -11.64
N ILE A 109 10.11 35.82 -12.92
CA ILE A 109 9.13 35.86 -13.99
C ILE A 109 9.04 34.44 -14.56
N ASP A 110 7.82 33.93 -14.70
CA ASP A 110 7.64 32.51 -14.99
C ASP A 110 6.47 32.29 -15.94
N LYS A 111 6.53 31.17 -16.66
CA LYS A 111 5.44 30.64 -17.50
C LYS A 111 5.00 31.63 -18.59
N PHE A 112 5.95 32.03 -19.42
CA PHE A 112 5.63 32.99 -20.47
C PHE A 112 6.32 32.60 -21.78
N THR A 113 5.72 33.06 -22.88
CA THR A 113 6.27 33.06 -24.23
C THR A 113 5.41 34.07 -24.98
N PRO A 114 5.97 34.86 -25.92
CA PRO A 114 7.33 34.89 -26.49
C PRO A 114 8.37 35.50 -25.54
N PRO A 115 9.66 35.18 -25.69
CA PRO A 115 10.69 35.65 -24.74
C PRO A 115 11.12 37.10 -25.00
N VAL A 116 10.17 38.03 -24.85
CA VAL A 116 10.48 39.46 -24.85
C VAL A 116 9.68 40.08 -23.70
N VAL A 117 10.37 40.73 -22.77
CA VAL A 117 9.74 41.32 -21.61
C VAL A 117 10.49 42.59 -21.24
N ASN A 118 9.76 43.62 -20.81
CA ASN A 118 10.34 44.87 -20.33
C ASN A 118 10.27 44.89 -18.81
N VAL A 119 11.42 44.82 -18.14
CA VAL A 119 11.47 44.70 -16.69
C VAL A 119 12.15 45.93 -16.12
N THR A 120 11.53 46.55 -15.12
CA THR A 120 12.09 47.74 -14.48
C THR A 120 11.90 47.66 -12.97
N TRP A 121 12.98 47.88 -12.23
CA TRP A 121 12.91 48.03 -10.78
C TRP A 121 12.54 49.46 -10.43
N LEU A 122 11.64 49.63 -9.46
CA LEU A 122 11.18 50.93 -9.03
C LEU A 122 11.40 51.07 -7.53
N ARG A 123 12.31 51.96 -7.14
CA ARG A 123 12.54 52.31 -5.73
C ARG A 123 11.72 53.56 -5.43
N ASN A 124 10.67 53.39 -4.61
CA ASN A 124 9.71 54.45 -4.25
C ASN A 124 9.07 55.07 -5.50
N GLY A 125 8.83 54.25 -6.51
CA GLY A 125 8.28 54.73 -7.76
C GLY A 125 9.28 55.27 -8.76
N LYS A 126 10.57 55.27 -8.43
CA LYS A 126 11.60 55.80 -9.32
C LYS A 126 12.42 54.67 -9.91
N PRO A 127 12.65 54.67 -11.22
CA PRO A 127 13.39 53.57 -11.86
C PRO A 127 14.84 53.47 -11.41
N VAL A 128 15.33 52.24 -11.27
CA VAL A 128 16.71 51.96 -10.90
C VAL A 128 17.36 51.29 -12.09
N THR A 129 18.15 52.05 -12.85
CA THR A 129 18.74 51.57 -14.08
C THR A 129 20.20 51.14 -13.95
N THR A 130 20.77 51.25 -12.75
CA THR A 130 22.18 50.92 -12.52
C THR A 130 22.30 50.00 -11.31
N GLY A 131 23.29 49.12 -11.37
CA GLY A 131 23.51 48.14 -10.33
C GLY A 131 22.39 47.12 -10.25
N VAL A 132 21.89 46.68 -11.41
CA VAL A 132 20.81 45.72 -11.52
C VAL A 132 21.30 44.55 -12.37
N SER A 133 21.12 43.34 -11.87
CA SER A 133 21.55 42.15 -12.59
C SER A 133 20.33 41.40 -13.14
N GLU A 134 20.57 40.55 -14.14
CA GLU A 134 19.50 39.74 -14.69
C GLU A 134 20.10 38.48 -15.30
N THR A 135 19.28 37.43 -15.36
CA THR A 135 19.63 36.23 -16.11
C THR A 135 19.00 36.29 -17.50
N VAL A 136 19.42 35.35 -18.34
CA VAL A 136 18.87 35.19 -19.67
C VAL A 136 17.57 34.40 -19.59
N PHE A 137 16.86 34.32 -20.71
CA PHE A 137 15.57 33.63 -20.78
C PHE A 137 15.79 32.14 -20.62
N LEU A 138 15.56 31.64 -19.41
CA LEU A 138 15.80 30.24 -19.11
C LEU A 138 14.61 29.41 -19.58
N PRO A 139 14.84 28.30 -20.30
CA PRO A 139 13.73 27.52 -20.84
C PRO A 139 13.15 26.56 -19.81
N ARG A 140 11.85 26.33 -19.95
CA ARG A 140 11.13 25.39 -19.10
C ARG A 140 10.87 24.10 -19.88
N GLU A 141 10.31 23.11 -19.18
CA GLU A 141 9.97 21.83 -19.81
C GLU A 141 8.55 21.78 -20.34
N ASP A 142 7.73 22.81 -20.10
CA ASP A 142 6.54 23.01 -20.90
C ASP A 142 6.79 23.97 -22.06
N HIS A 143 8.06 24.29 -22.31
CA HIS A 143 8.58 25.05 -23.44
C HIS A 143 8.13 26.50 -23.44
N LEU A 144 7.80 27.01 -22.26
CA LEU A 144 7.65 28.41 -21.96
C LEU A 144 8.99 28.91 -21.41
N PHE A 145 9.00 30.10 -20.81
CA PHE A 145 10.24 30.72 -20.40
C PHE A 145 10.12 31.26 -18.98
N ARG A 146 11.28 31.38 -18.32
CA ARG A 146 11.38 32.05 -17.03
C ARG A 146 12.59 32.98 -17.06
N LYS A 147 12.58 33.97 -16.17
CA LYS A 147 13.63 34.98 -16.13
C LYS A 147 13.78 35.47 -14.68
N PHE A 148 15.00 35.90 -14.35
CA PHE A 148 15.35 36.35 -13.01
C PHE A 148 15.91 37.77 -13.10
N HIS A 149 15.50 38.64 -12.19
CA HIS A 149 16.09 39.96 -12.08
C HIS A 149 16.49 40.23 -10.63
N TYR A 150 17.65 40.84 -10.45
CA TYR A 150 18.23 41.06 -9.12
C TYR A 150 18.50 42.54 -8.90
N LEU A 151 18.14 43.01 -7.72
CA LEU A 151 18.51 44.35 -7.26
C LEU A 151 19.11 44.20 -5.87
N PRO A 152 20.43 44.37 -5.71
CA PRO A 152 21.01 44.38 -4.37
C PRO A 152 20.61 45.65 -3.64
N PHE A 153 20.25 45.50 -2.36
CA PHE A 153 19.69 46.61 -1.61
C PHE A 153 19.96 46.42 -0.13
N LEU A 154 19.61 47.46 0.63
CA LEU A 154 19.80 47.50 2.07
C LEU A 154 18.44 47.85 2.68
N PRO A 155 17.79 46.89 3.38
CA PRO A 155 16.39 47.07 3.79
C PRO A 155 16.14 48.26 4.69
N SER A 156 15.03 48.94 4.45
CA SER A 156 14.68 50.18 5.12
C SER A 156 13.22 50.12 5.57
N THR A 157 12.93 50.83 6.66
CA THR A 157 11.56 50.90 7.18
C THR A 157 10.63 51.61 6.20
N GLU A 158 11.11 52.69 5.59
CA GLU A 158 10.27 53.59 4.80
C GLU A 158 10.27 53.30 3.31
N ASP A 159 11.31 52.65 2.79
CA ASP A 159 11.41 52.41 1.35
C ASP A 159 10.46 51.30 0.89
N VAL A 160 9.83 51.52 -0.25
CA VAL A 160 8.96 50.54 -0.90
C VAL A 160 9.46 50.32 -2.32
N TYR A 161 9.40 49.08 -2.79
CA TYR A 161 9.93 48.72 -4.08
C TYR A 161 8.85 48.06 -4.92
N ASP A 162 9.08 48.07 -6.23
CA ASP A 162 8.09 47.66 -7.22
C ASP A 162 8.82 46.99 -8.38
N CYS A 163 8.31 45.86 -8.83
CA CYS A 163 8.79 45.25 -10.07
C CYS A 163 7.75 45.49 -11.14
N ARG A 164 8.16 46.13 -12.24
CA ARG A 164 7.27 46.50 -13.33
C ARG A 164 7.64 45.66 -14.54
N VAL A 165 6.76 44.72 -14.88
CA VAL A 165 7.00 43.73 -15.93
C VAL A 165 5.97 43.98 -17.04
N GLU A 166 6.46 44.13 -18.27
CA GLU A 166 5.63 44.45 -19.42
C GLU A 166 5.75 43.33 -20.45
N HIS A 167 4.62 42.70 -20.74
CA HIS A 167 4.52 41.62 -21.72
C HIS A 167 3.27 41.82 -22.55
N TRP A 168 3.29 41.29 -23.79
CA TRP A 168 2.18 41.45 -24.72
C TRP A 168 0.96 40.63 -24.34
N GLY A 169 1.10 39.66 -23.44
CA GLY A 169 -0.07 38.94 -22.93
C GLY A 169 -0.89 39.72 -21.92
N LEU A 170 -0.41 40.89 -21.51
CA LEU A 170 -1.06 41.75 -20.56
C LEU A 170 -1.54 43.03 -21.25
N ASP A 171 -2.65 43.58 -20.77
CA ASP A 171 -3.13 44.85 -21.29
C ASP A 171 -2.50 46.06 -20.61
N GLU A 172 -1.91 45.87 -19.44
CA GLU A 172 -1.23 46.91 -18.69
C GLU A 172 0.09 46.34 -18.19
N PRO A 173 1.06 47.20 -17.86
CA PRO A 173 2.24 46.72 -17.13
C PRO A 173 1.86 46.17 -15.76
N LEU A 174 2.46 45.04 -15.40
CA LEU A 174 2.20 44.38 -14.14
C LEU A 174 3.15 44.93 -13.08
N LEU A 175 2.61 45.27 -11.92
CA LEU A 175 3.37 45.90 -10.84
C LEU A 175 3.23 45.05 -9.59
N LYS A 176 4.32 44.40 -9.18
CA LYS A 176 4.32 43.61 -7.95
C LYS A 176 5.08 44.37 -6.87
N HIS A 177 4.45 44.51 -5.71
CA HIS A 177 4.90 45.39 -4.65
C HIS A 177 5.68 44.63 -3.58
N TRP A 178 6.63 45.32 -2.96
CA TRP A 178 7.31 44.78 -1.79
C TRP A 178 7.69 45.91 -0.84
N GLU A 179 7.34 45.74 0.43
CA GLU A 179 7.82 46.60 1.49
C GLU A 179 8.41 45.74 2.59
N PHE A 180 9.12 46.40 3.53
CA PHE A 180 9.80 45.66 4.59
C PHE A 180 8.82 44.98 5.52
N ASP A 181 7.80 45.71 5.98
CA ASP A 181 6.66 45.07 6.61
C ASP A 181 5.87 44.30 5.57
N THR A 182 5.19 43.24 6.02
CA THR A 182 4.42 42.30 5.19
C THR A 182 5.28 41.73 4.05
N SER A 183 6.42 41.15 4.43
CA SER A 183 7.31 40.53 3.47
C SER A 183 6.94 39.08 3.17
N GLY A 184 5.92 38.55 3.84
CA GLY A 184 5.48 37.19 3.56
C GLY A 184 4.10 37.11 2.94
N GLU A 185 4.05 36.77 1.65
CA GLU A 185 2.79 36.53 0.95
C GLU A 185 2.69 35.09 0.46
N ASN A 186 3.52 34.20 0.99
CA ASN A 186 3.62 32.84 0.47
C ASN A 186 2.81 31.86 1.32
N LEU A 187 1.49 32.11 1.33
CA LEU A 187 0.49 31.32 2.05
C LEU A 187 0.82 31.07 3.53
N ALA B 2 42.55 23.10 -20.16
CA ALA B 2 41.29 23.75 -20.53
C ALA B 2 40.24 22.73 -20.94
N PRO B 3 39.34 22.38 -20.03
CA PRO B 3 38.20 21.53 -20.39
C PRO B 3 37.29 22.23 -21.39
N LYS B 4 36.84 21.49 -22.41
CA LYS B 4 36.09 22.05 -23.52
C LYS B 4 34.72 21.42 -23.64
N TYR B 5 33.69 22.26 -23.70
CA TYR B 5 32.33 21.83 -23.98
C TYR B 5 32.16 21.65 -25.48
N VAL B 6 31.50 20.57 -25.89
CA VAL B 6 31.20 20.37 -27.30
C VAL B 6 29.74 20.71 -27.55
N LYS B 7 29.42 21.04 -28.79
CA LYS B 7 28.08 21.43 -29.21
C LYS B 7 27.47 20.33 -30.07
N GLN B 8 26.14 20.25 -30.05
CA GLN B 8 25.39 19.44 -31.00
C GLN B 8 24.84 20.35 -32.08
N ASN B 9 25.17 20.06 -33.33
CA ASN B 9 24.83 20.93 -34.44
C ASN B 9 23.33 20.89 -34.74
N THR B 10 22.71 22.07 -34.81
CA THR B 10 21.32 22.17 -35.22
C THR B 10 21.17 21.83 -36.69
N LEU B 11 20.15 21.04 -37.01
CA LEU B 11 19.95 20.53 -38.35
C LEU B 11 19.11 21.49 -39.19
N LYS B 12 19.53 21.68 -40.43
CA LYS B 12 18.76 22.48 -41.37
C LYS B 12 17.51 21.72 -41.79
N LEU B 13 16.39 22.44 -41.90
CA LEU B 13 15.08 21.82 -42.03
C LEU B 13 14.85 21.37 -43.47
N ALA B 14 13.63 20.90 -43.75
CA ALA B 14 13.23 20.44 -45.07
C ALA B 14 12.26 21.46 -45.65
N THR B 15 12.58 21.98 -46.83
CA THR B 15 11.81 23.07 -47.44
C THR B 15 10.50 22.54 -47.97
N SER B 16 9.43 22.71 -47.19
CA SER B 16 8.06 22.23 -47.44
C SER B 16 7.94 20.80 -47.97
N GLY B 28 6.90 45.19 -35.31
CA GLY B 28 7.69 45.98 -34.39
C GLY B 28 7.10 46.07 -33.00
N ASP B 29 5.80 46.36 -32.90
CA ASP B 29 5.15 46.40 -31.59
C ASP B 29 3.90 45.53 -31.52
N THR B 30 2.96 45.73 -32.42
CA THR B 30 1.71 44.98 -32.46
C THR B 30 1.68 44.01 -33.64
N ARG B 31 2.85 43.57 -34.07
CA ARG B 31 3.06 42.66 -35.18
C ARG B 31 3.07 41.22 -34.68
N PRO B 32 2.80 40.26 -35.56
CA PRO B 32 2.92 38.84 -35.16
C PRO B 32 4.35 38.46 -34.82
N ARG B 33 4.47 37.50 -33.89
CA ARG B 33 5.75 37.05 -33.38
C ARG B 33 5.92 35.57 -33.73
N PHE B 34 7.09 35.21 -34.22
CA PHE B 34 7.35 33.84 -34.67
C PHE B 34 8.63 33.33 -34.03
N LEU B 35 8.55 32.17 -33.38
CA LEU B 35 9.62 31.62 -32.57
C LEU B 35 9.84 30.15 -32.90
N GLU B 36 11.11 29.76 -33.06
CA GLU B 36 11.49 28.37 -33.25
C GLU B 36 12.54 28.01 -32.21
N GLN B 37 12.29 26.95 -31.45
CA GLN B 37 13.20 26.52 -30.39
C GLN B 37 13.75 25.14 -30.70
N VAL B 38 15.02 24.93 -30.35
CA VAL B 38 15.70 23.64 -30.51
C VAL B 38 16.35 23.29 -29.19
N LYS B 39 16.02 22.12 -28.65
CA LYS B 39 16.54 21.67 -27.37
C LYS B 39 17.19 20.31 -27.55
N HIS B 40 18.51 20.25 -27.37
CA HIS B 40 19.26 18.99 -27.39
C HIS B 40 19.40 18.57 -25.93
N GLU B 41 18.60 17.60 -25.51
CA GLU B 41 18.51 17.23 -24.09
C GLU B 41 19.31 15.96 -23.83
N CYS B 42 20.11 16.00 -22.77
CA CYS B 42 20.83 14.83 -22.26
C CYS B 42 20.25 14.48 -20.90
N HIS B 43 19.74 13.27 -20.75
CA HIS B 43 19.15 12.80 -19.50
C HIS B 43 20.04 11.72 -18.90
N PHE B 44 20.40 11.89 -17.63
CA PHE B 44 21.35 11.03 -16.96
C PHE B 44 20.69 10.29 -15.79
N PHE B 45 20.96 8.99 -15.72
CA PHE B 45 20.53 8.16 -14.60
C PHE B 45 21.76 7.40 -14.10
N ASN B 46 21.89 7.30 -12.76
CA ASN B 46 23.00 6.61 -12.09
C ASN B 46 24.35 7.18 -12.51
N GLY B 47 24.43 8.50 -12.61
CA GLY B 47 25.65 9.13 -13.10
C GLY B 47 25.72 9.02 -14.60
N THR B 48 26.87 8.57 -15.10
CA THR B 48 27.07 8.35 -16.52
C THR B 48 26.71 6.94 -16.97
N GLU B 49 25.90 6.22 -16.19
CA GLU B 49 25.56 4.84 -16.54
C GLU B 49 24.45 4.79 -17.59
N ARG B 50 23.26 5.28 -17.26
CA ARG B 50 22.12 5.29 -18.19
C ARG B 50 21.95 6.71 -18.73
N VAL B 51 22.22 6.88 -20.03
CA VAL B 51 22.18 8.18 -20.69
C VAL B 51 21.22 8.09 -21.88
N ARG B 52 20.28 9.04 -21.95
CA ARG B 52 19.31 9.12 -23.04
C ARG B 52 19.49 10.45 -23.75
N PHE B 53 19.78 10.39 -25.06
CA PHE B 53 19.86 11.59 -25.88
C PHE B 53 18.50 11.90 -26.47
N LEU B 54 18.20 13.19 -26.58
CA LEU B 54 16.85 13.59 -27.00
C LEU B 54 16.96 14.92 -27.75
N ASP B 55 17.05 14.83 -29.08
CA ASP B 55 17.14 16.01 -29.94
C ASP B 55 15.73 16.43 -30.34
N ARG B 56 15.27 17.54 -29.77
CA ARG B 56 13.89 17.98 -29.90
C ARG B 56 13.81 19.34 -30.56
N TYR B 57 12.87 19.48 -31.50
CA TYR B 57 12.69 20.71 -32.26
C TYR B 57 11.27 21.24 -32.04
N PHE B 58 11.18 22.55 -31.82
CA PHE B 58 9.91 23.17 -31.45
C PHE B 58 9.64 24.38 -32.32
N TYR B 59 8.38 24.51 -32.73
CA TYR B 59 7.87 25.72 -33.36
C TYR B 59 6.86 26.30 -32.39
N HIS B 60 7.11 27.55 -31.95
CA HIS B 60 6.36 28.29 -30.94
C HIS B 60 6.51 27.55 -29.63
N GLN B 61 5.40 27.08 -29.06
CA GLN B 61 5.46 26.30 -27.82
C GLN B 61 5.14 24.82 -28.06
N GLU B 62 5.29 24.34 -29.30
CA GLU B 62 4.83 23.02 -29.71
C GLU B 62 5.95 22.25 -30.38
N GLU B 63 6.10 20.98 -29.99
CA GLU B 63 7.07 20.08 -30.60
C GLU B 63 6.54 19.53 -31.91
N TYR B 64 7.40 19.49 -32.94
CA TYR B 64 7.00 18.94 -34.22
C TYR B 64 7.83 17.75 -34.68
N VAL B 65 9.10 17.64 -34.29
CA VAL B 65 9.90 16.48 -34.61
C VAL B 65 10.85 16.23 -33.44
N ARG B 66 11.27 14.98 -33.26
CA ARG B 66 12.09 14.59 -32.12
C ARG B 66 12.90 13.36 -32.48
N PHE B 67 14.17 13.35 -32.08
CA PHE B 67 15.00 12.15 -32.10
C PHE B 67 15.13 11.61 -30.68
N ASP B 68 14.69 10.37 -30.48
CA ASP B 68 14.91 9.67 -29.23
C ASP B 68 15.93 8.56 -29.48
N SER B 69 16.95 8.50 -28.63
CA SER B 69 17.95 7.45 -28.75
C SER B 69 17.38 6.09 -28.36
N ASP B 70 16.32 6.06 -27.56
CA ASP B 70 15.60 4.82 -27.28
C ASP B 70 14.75 4.37 -28.47
N VAL B 71 14.46 5.27 -29.40
CA VAL B 71 13.77 4.93 -30.64
C VAL B 71 14.74 4.78 -31.80
N GLY B 72 15.72 5.67 -31.88
CA GLY B 72 16.76 5.56 -32.89
C GLY B 72 16.46 6.21 -34.22
N GLU B 73 15.36 6.96 -34.33
CA GLU B 73 15.06 7.67 -35.56
C GLU B 73 14.33 8.97 -35.22
N TYR B 74 14.40 9.92 -36.15
CA TYR B 74 13.62 11.14 -36.04
C TYR B 74 12.16 10.83 -36.33
N ARG B 75 11.29 11.09 -35.35
CA ARG B 75 9.86 10.89 -35.52
C ARG B 75 9.12 12.21 -35.37
N ALA B 76 8.01 12.33 -36.09
CA ALA B 76 7.22 13.55 -36.09
C ALA B 76 6.26 13.56 -34.92
N VAL B 77 6.28 14.65 -34.14
CA VAL B 77 5.37 14.78 -33.01
C VAL B 77 4.02 15.29 -33.48
N THR B 78 4.01 16.25 -34.41
CA THR B 78 2.81 16.69 -35.11
C THR B 78 3.04 16.50 -36.61
N GLU B 79 2.00 16.82 -37.39
CA GLU B 79 2.05 16.63 -38.84
C GLU B 79 3.08 17.54 -39.51
N LEU B 80 3.40 18.68 -38.89
CA LEU B 80 4.36 19.61 -39.46
C LEU B 80 5.78 19.07 -39.52
N GLY B 81 6.10 18.05 -38.70
CA GLY B 81 7.43 17.50 -38.73
C GLY B 81 7.60 16.32 -39.66
N ARG B 82 6.48 15.81 -40.20
CA ARG B 82 6.50 14.69 -41.16
C ARG B 82 7.41 14.92 -42.37
N PRO B 83 7.42 16.07 -43.06
CA PRO B 83 8.44 16.27 -44.10
C PRO B 83 9.88 16.21 -43.59
N ASP B 84 10.13 16.67 -42.36
CA ASP B 84 11.49 16.70 -41.85
C ASP B 84 12.01 15.31 -41.53
N ALA B 85 11.22 14.52 -40.78
CA ALA B 85 11.64 13.20 -40.31
C ALA B 85 12.00 12.27 -41.46
N GLU B 86 11.10 12.16 -42.45
CA GLU B 86 11.36 11.41 -43.68
C GLU B 86 12.60 11.91 -44.38
N TYR B 87 12.82 13.24 -44.38
CA TYR B 87 14.06 13.76 -44.94
C TYR B 87 15.25 13.35 -44.07
N TRP B 88 15.12 13.49 -42.75
CA TRP B 88 16.25 13.25 -41.86
C TRP B 88 16.55 11.76 -41.73
N ASN B 89 15.53 10.91 -41.77
CA ASN B 89 15.76 9.48 -41.81
C ASN B 89 16.08 8.98 -43.22
N SER B 90 16.18 9.87 -44.21
CA SER B 90 16.69 9.47 -45.53
C SER B 90 18.19 9.60 -45.62
N GLN B 91 18.83 10.15 -44.58
CA GLN B 91 20.28 10.31 -44.54
C GLN B 91 20.75 9.51 -43.33
N LYS B 92 21.25 8.31 -43.59
CA LYS B 92 21.70 7.44 -42.51
C LYS B 92 22.98 7.94 -41.86
N ASP B 93 23.80 8.67 -42.62
CA ASP B 93 25.03 9.24 -42.08
C ASP B 93 24.73 10.23 -40.96
N LEU B 94 23.69 11.05 -41.12
CA LEU B 94 23.27 11.98 -40.07
C LEU B 94 22.76 11.22 -38.83
N LEU B 95 22.00 10.15 -39.06
CA LEU B 95 21.44 9.36 -37.97
C LEU B 95 22.53 8.65 -37.15
N GLU B 96 23.68 8.31 -37.75
CA GLU B 96 24.76 7.66 -37.00
C GLU B 96 25.39 8.61 -35.99
N GLN B 97 25.60 9.87 -36.38
CA GLN B 97 26.00 10.92 -35.44
C GLN B 97 24.94 11.18 -34.37
N LYS B 98 23.66 11.18 -34.75
CA LYS B 98 22.62 11.39 -33.74
C LYS B 98 22.56 10.24 -32.73
N ARG B 99 22.77 9.00 -33.18
CA ARG B 99 22.79 7.87 -32.27
C ARG B 99 24.07 7.82 -31.43
N ALA B 100 25.20 8.25 -32.00
CA ALA B 100 26.46 8.29 -31.27
C ALA B 100 26.58 9.52 -30.39
N ALA B 101 25.62 10.44 -30.45
CA ALA B 101 25.62 11.61 -29.58
C ALA B 101 25.54 11.26 -28.10
N VAL B 102 24.97 10.09 -27.76
CA VAL B 102 24.85 9.62 -26.37
C VAL B 102 26.23 9.51 -25.72
N ASP B 103 27.21 9.07 -26.50
CA ASP B 103 28.57 8.89 -26.03
C ASP B 103 29.48 10.07 -26.37
N THR B 104 29.33 10.69 -27.54
CA THR B 104 30.25 11.72 -27.97
C THR B 104 29.86 13.13 -27.52
N TYR B 105 28.61 13.38 -27.18
CA TYR B 105 28.12 14.69 -26.82
C TYR B 105 27.59 14.75 -25.40
N CYS B 106 26.71 13.81 -25.04
CA CYS B 106 26.08 13.82 -23.72
C CYS B 106 27.09 13.46 -22.63
N ARG B 107 27.83 12.37 -22.83
CA ARG B 107 28.76 11.90 -21.81
C ARG B 107 30.03 12.75 -21.76
N HIS B 108 30.43 13.35 -22.88
CA HIS B 108 31.58 14.26 -22.88
C HIS B 108 31.27 15.50 -22.06
N ASN B 109 30.15 16.17 -22.36
CA ASN B 109 29.76 17.38 -21.64
C ASN B 109 29.34 17.10 -20.20
N TYR B 110 28.93 15.87 -19.89
CA TYR B 110 28.82 15.47 -18.50
C TYR B 110 30.19 15.42 -17.83
N GLY B 111 31.21 14.95 -18.58
CA GLY B 111 32.55 14.87 -18.03
C GLY B 111 33.17 16.23 -17.77
N VAL B 112 33.04 17.16 -18.70
CA VAL B 112 33.66 18.49 -18.54
C VAL B 112 32.63 19.35 -17.81
N GLY B 113 32.61 19.23 -16.49
CA GLY B 113 31.61 19.95 -15.72
C GLY B 113 31.05 19.22 -14.52
N GLU B 114 31.44 17.94 -14.35
CA GLU B 114 30.96 17.16 -13.22
C GLU B 114 31.50 17.69 -11.90
N SER B 115 32.66 18.36 -11.92
CA SER B 115 33.28 18.88 -10.71
C SER B 115 32.48 20.02 -10.09
N PHE B 116 31.97 20.94 -10.92
CA PHE B 116 31.32 22.14 -10.41
C PHE B 116 29.80 22.15 -10.56
N THR B 117 29.21 21.12 -11.18
CA THR B 117 27.75 21.02 -11.28
C THR B 117 27.20 19.85 -10.48
N VAL B 118 27.68 18.64 -10.74
CA VAL B 118 27.14 17.45 -10.08
C VAL B 118 27.57 17.40 -8.62
N GLN B 119 28.84 17.71 -8.34
CA GLN B 119 29.39 17.65 -7.00
C GLN B 119 29.47 19.04 -6.36
N ARG B 120 28.55 19.94 -6.72
CA ARG B 120 28.48 21.26 -6.11
C ARG B 120 27.68 21.18 -4.82
N ARG B 121 28.28 21.63 -3.72
CA ARG B 121 27.62 21.68 -2.43
C ARG B 121 27.71 23.09 -1.86
N VAL B 122 26.58 23.64 -1.43
CA VAL B 122 26.51 24.96 -0.81
C VAL B 122 25.81 24.81 0.53
N TYR B 123 26.41 25.39 1.58
CA TYR B 123 25.84 25.30 2.93
C TYR B 123 24.53 26.07 3.01
N PRO B 124 23.47 25.46 3.55
CA PRO B 124 22.24 26.22 3.80
C PRO B 124 22.34 27.09 5.05
N GLU B 125 21.66 28.23 5.00
CA GLU B 125 21.53 29.12 6.15
C GLU B 125 20.11 28.99 6.69
N VAL B 126 19.99 28.65 7.97
CA VAL B 126 18.71 28.30 8.59
C VAL B 126 18.33 29.39 9.57
N THR B 127 17.07 29.85 9.50
CA THR B 127 16.56 30.90 10.37
C THR B 127 15.16 30.52 10.83
N VAL B 128 14.88 30.72 12.12
CA VAL B 128 13.56 30.48 12.69
C VAL B 128 13.02 31.79 13.24
N TYR B 129 11.87 32.22 12.74
CA TYR B 129 11.22 33.44 13.18
C TYR B 129 9.71 33.24 13.21
N PRO B 130 9.02 33.89 14.16
CA PRO B 130 7.56 33.83 14.17
C PRO B 130 6.94 34.86 13.23
N ALA B 131 5.80 34.50 12.65
CA ALA B 131 5.12 35.35 11.69
C ALA B 131 3.67 35.61 12.09
N LYS B 132 2.90 36.23 11.21
CA LYS B 132 1.51 36.56 11.49
C LYS B 132 0.58 35.42 11.10
N ASN B 140 0.65 30.11 16.97
CA ASN B 140 0.20 30.87 15.83
C ASN B 140 0.87 30.34 14.55
N LEU B 141 2.10 30.80 14.29
CA LEU B 141 2.85 30.33 13.13
C LEU B 141 4.34 30.54 13.36
N LEU B 142 5.12 29.52 13.02
CA LEU B 142 6.58 29.57 13.07
C LEU B 142 7.09 29.27 11.66
N VAL B 143 8.19 29.92 11.28
CA VAL B 143 8.75 29.77 9.94
C VAL B 143 10.19 29.31 10.08
N CYS B 144 10.56 28.23 9.37
CA CYS B 144 11.94 27.78 9.30
C CYS B 144 12.43 28.09 7.88
N SER B 145 13.12 29.21 7.73
CA SER B 145 13.59 29.66 6.41
C SER B 145 14.97 29.11 6.15
N VAL B 146 15.10 28.32 5.08
CA VAL B 146 16.34 27.66 4.71
C VAL B 146 16.75 28.21 3.35
N ASN B 147 17.83 28.98 3.30
CA ASN B 147 18.19 29.72 2.09
C ASN B 147 19.61 29.39 1.64
N GLY B 148 19.81 29.48 0.33
CA GLY B 148 21.14 29.45 -0.26
C GLY B 148 21.85 28.11 -0.25
N PHE B 149 21.24 27.09 -0.82
CA PHE B 149 21.82 25.75 -0.83
C PHE B 149 21.73 25.14 -2.23
N TYR B 150 22.61 24.16 -2.48
CA TYR B 150 22.67 23.40 -3.71
C TYR B 150 23.27 22.06 -3.31
N PRO B 151 22.67 20.92 -3.73
CA PRO B 151 21.51 20.76 -4.62
C PRO B 151 20.16 20.97 -3.95
N GLY B 152 19.07 20.73 -4.68
CA GLY B 152 17.74 20.96 -4.17
C GLY B 152 17.16 19.84 -3.32
N SER B 153 17.90 18.75 -3.14
CA SER B 153 17.44 17.67 -2.27
C SER B 153 17.59 18.08 -0.81
N ILE B 154 16.54 18.69 -0.25
CA ILE B 154 16.54 19.18 1.11
C ILE B 154 15.42 18.47 1.87
N GLU B 155 15.62 18.28 3.17
CA GLU B 155 14.62 17.67 4.03
C GLU B 155 14.53 18.47 5.32
N VAL B 156 13.35 19.00 5.61
CA VAL B 156 13.11 19.86 6.77
C VAL B 156 12.04 19.21 7.64
N ARG B 157 12.33 19.07 8.93
CA ARG B 157 11.40 18.50 9.90
C ARG B 157 11.24 19.42 11.10
N TRP B 158 10.04 19.44 11.65
CA TRP B 158 9.68 20.27 12.81
C TRP B 158 9.48 19.38 14.02
N PHE B 159 10.35 19.53 15.01
CA PHE B 159 10.26 18.77 16.26
C PHE B 159 9.67 19.67 17.35
N ARG B 160 8.40 19.45 17.67
CA ARG B 160 7.72 20.15 18.76
C ARG B 160 7.93 19.37 20.06
N ASN B 161 8.71 19.95 20.98
CA ASN B 161 9.06 19.35 22.28
C ASN B 161 9.70 17.97 22.12
N GLY B 162 10.58 17.84 21.14
CA GLY B 162 11.21 16.56 20.87
C GLY B 162 10.30 15.54 20.20
N GLN B 163 9.18 16.00 19.61
CA GLN B 163 8.25 15.14 18.89
C GLN B 163 8.05 15.72 17.51
N GLU B 164 8.20 14.88 16.48
CA GLU B 164 8.09 15.33 15.11
C GLU B 164 6.63 15.63 14.77
N GLU B 165 6.37 16.85 14.32
CA GLU B 165 5.02 17.24 13.92
C GLU B 165 4.73 16.80 12.50
N LYS B 166 3.69 15.98 12.33
CA LYS B 166 3.16 15.64 11.02
C LYS B 166 1.84 16.35 10.73
N THR B 167 1.35 17.17 11.66
CA THR B 167 0.06 17.85 11.51
C THR B 167 0.28 19.33 11.78
N GLY B 168 0.40 20.11 10.71
CA GLY B 168 0.60 21.54 10.84
C GLY B 168 1.82 22.04 10.09
N VAL B 169 2.38 21.21 9.22
CA VAL B 169 3.57 21.56 8.45
C VAL B 169 3.13 21.85 7.02
N VAL B 170 3.41 23.07 6.55
CA VAL B 170 3.23 23.44 5.16
C VAL B 170 4.55 23.99 4.64
N SER B 171 4.96 23.52 3.47
CA SER B 171 6.22 23.93 2.85
C SER B 171 5.93 24.75 1.60
N THR B 172 6.75 25.77 1.37
CA THR B 172 6.70 26.52 0.12
C THR B 172 7.26 25.74 -1.06
N GLY B 173 7.93 24.61 -0.82
CA GLY B 173 8.56 23.86 -1.88
C GLY B 173 9.92 24.42 -2.23
N LEU B 174 10.56 23.76 -3.19
CA LEU B 174 11.87 24.21 -3.66
C LEU B 174 11.69 25.44 -4.53
N ILE B 175 12.41 26.51 -4.19
CA ILE B 175 12.32 27.77 -4.92
C ILE B 175 13.70 28.08 -5.50
N GLN B 176 13.78 28.18 -6.83
CA GLN B 176 15.04 28.47 -7.49
C GLN B 176 15.29 29.98 -7.47
N ASN B 177 16.51 30.36 -7.11
CA ASN B 177 16.91 31.76 -7.11
C ASN B 177 17.63 32.18 -8.38
N GLY B 178 18.21 31.24 -9.11
CA GLY B 178 18.98 31.54 -10.30
C GLY B 178 20.45 31.81 -10.05
N ASP B 179 20.90 31.85 -8.79
CA ASP B 179 22.31 31.98 -8.46
C ASP B 179 22.98 30.62 -8.25
N TRP B 180 22.41 29.55 -8.81
CA TRP B 180 22.68 28.15 -8.43
C TRP B 180 22.49 27.96 -6.92
N THR B 181 21.44 28.58 -6.39
CA THR B 181 21.07 28.48 -4.99
C THR B 181 19.55 28.31 -4.90
N PHE B 182 19.12 27.46 -3.98
CA PHE B 182 17.70 27.26 -3.72
C PHE B 182 17.33 27.83 -2.37
N GLN B 183 16.02 27.97 -2.15
CA GLN B 183 15.52 28.40 -0.85
C GLN B 183 14.13 27.79 -0.63
N THR B 184 13.76 27.66 0.65
CA THR B 184 12.47 27.10 1.03
C THR B 184 12.11 27.59 2.43
N LEU B 185 10.80 27.76 2.66
CA LEU B 185 10.28 28.27 3.93
C LEU B 185 9.25 27.29 4.47
N VAL B 186 9.68 26.39 5.35
CA VAL B 186 8.79 25.40 5.95
C VAL B 186 8.13 26.01 7.18
N MET B 187 6.81 26.01 7.20
CA MET B 187 6.01 26.67 8.23
C MET B 187 5.39 25.64 9.17
N LEU B 188 5.19 26.06 10.42
CA LEU B 188 4.57 25.21 11.44
C LEU B 188 3.41 25.95 12.08
N GLU B 189 2.19 25.46 11.85
CA GLU B 189 0.98 26.06 12.41
C GLU B 189 0.65 25.34 13.72
N THR B 190 1.09 25.91 14.84
CA THR B 190 0.83 25.30 16.15
C THR B 190 0.29 26.33 17.15
N VAL B 191 0.18 25.93 18.41
CA VAL B 191 -0.30 26.82 19.48
C VAL B 191 0.70 26.91 20.64
N PRO B 192 1.78 27.69 20.52
CA PRO B 192 2.72 27.83 21.64
C PRO B 192 2.11 28.69 22.74
N ARG B 193 2.21 28.22 23.97
CA ARG B 193 1.59 28.93 25.10
C ARG B 193 2.58 29.34 26.18
N SER B 194 3.37 28.42 26.75
CA SER B 194 4.26 28.80 27.85
C SER B 194 5.55 27.98 27.79
N GLY B 195 6.56 28.53 27.14
CA GLY B 195 7.91 27.99 27.16
C GLY B 195 8.11 26.64 26.51
N GLU B 196 7.23 26.26 25.59
CA GLU B 196 7.42 25.02 24.85
C GLU B 196 8.55 25.19 23.84
N VAL B 197 9.51 24.28 23.87
CA VAL B 197 10.70 24.37 23.02
C VAL B 197 10.40 23.73 21.67
N TYR B 198 10.69 24.47 20.59
CA TYR B 198 10.48 24.00 19.22
C TYR B 198 11.82 23.89 18.51
N THR B 199 11.96 22.86 17.67
CA THR B 199 13.21 22.58 16.98
C THR B 199 12.94 22.31 15.51
N CYS B 200 13.76 22.89 14.64
CA CYS B 200 13.71 22.67 13.20
C CYS B 200 15.02 22.03 12.76
N GLN B 201 14.92 20.98 11.95
CA GLN B 201 16.09 20.22 11.50
C GLN B 201 16.18 20.23 9.98
N VAL B 202 17.39 20.40 9.47
CA VAL B 202 17.64 20.46 8.03
C VAL B 202 18.63 19.35 7.66
N GLU B 203 18.28 18.55 6.66
CA GLU B 203 19.14 17.50 6.13
C GLU B 203 19.50 17.85 4.70
N HIS B 204 20.81 17.94 4.41
CA HIS B 204 21.26 18.36 3.10
C HIS B 204 22.57 17.65 2.79
N PRO B 205 22.83 17.33 1.50
CA PRO B 205 24.11 16.70 1.13
C PRO B 205 25.34 17.56 1.40
N SER B 206 25.20 18.88 1.47
CA SER B 206 26.34 19.73 1.84
C SER B 206 26.69 19.62 3.32
N LEU B 207 25.81 19.06 4.14
CA LEU B 207 26.04 18.87 5.56
C LEU B 207 26.56 17.46 5.82
N THR B 208 27.61 17.35 6.63
CA THR B 208 28.11 16.05 7.06
C THR B 208 27.29 15.47 8.20
N SER B 209 26.43 16.26 8.83
CA SER B 209 25.60 15.88 9.96
C SER B 209 24.37 16.77 9.93
N PRO B 210 23.23 16.30 10.46
CA PRO B 210 22.02 17.13 10.45
C PRO B 210 22.17 18.41 11.27
N LEU B 211 21.52 19.47 10.78
CA LEU B 211 21.62 20.81 11.36
C LEU B 211 20.36 21.10 12.15
N THR B 212 20.52 21.57 13.38
CA THR B 212 19.38 21.79 14.26
C THR B 212 19.39 23.23 14.77
N VAL B 213 18.21 23.82 14.85
CA VAL B 213 18.00 25.17 15.36
C VAL B 213 16.79 25.15 16.29
N GLU B 214 16.90 25.83 17.43
CA GLU B 214 15.85 25.85 18.44
C GLU B 214 15.26 27.25 18.53
N TRP B 215 13.94 27.32 18.71
CA TRP B 215 13.26 28.62 18.77
C TRP B 215 13.51 29.32 20.09
N ARG B 216 13.68 28.56 21.18
CA ARG B 216 13.97 29.07 22.53
C ARG B 216 12.89 30.02 23.02
N ALA B 217 11.70 29.47 23.21
CA ALA B 217 10.52 30.22 23.66
C ALA B 217 10.69 30.82 25.04
N GLN C 1 -1.14 20.06 -1.81
CA GLN C 1 -2.47 19.65 -2.23
C GLN C 1 -3.34 20.82 -2.66
N VAL C 2 -3.29 21.16 -3.94
CA VAL C 2 -4.11 22.24 -4.49
C VAL C 2 -5.53 21.71 -4.61
N GLN C 3 -6.45 22.25 -3.81
CA GLN C 3 -7.83 21.80 -3.82
C GLN C 3 -8.78 22.99 -3.84
N LEU C 4 -9.88 22.84 -4.58
CA LEU C 4 -11.01 23.75 -4.55
C LEU C 4 -12.26 22.90 -4.32
N GLN C 5 -13.09 23.30 -3.37
CA GLN C 5 -14.22 22.47 -2.95
C GLN C 5 -15.46 23.34 -2.82
N GLU C 6 -16.48 23.00 -3.59
CA GLU C 6 -17.74 23.74 -3.58
C GLU C 6 -18.63 23.22 -2.45
N SER C 7 -19.49 24.11 -1.94
CA SER C 7 -20.39 23.78 -0.85
C SER C 7 -21.63 24.66 -0.96
N GLY C 8 -22.78 24.10 -0.61
CA GLY C 8 -24.03 24.81 -0.71
C GLY C 8 -25.24 23.96 -0.37
N PRO C 9 -26.43 24.51 -0.61
CA PRO C 9 -27.65 23.85 -0.11
C PRO C 9 -28.04 22.61 -0.91
N GLY C 10 -27.99 22.66 -2.23
CA GLY C 10 -28.41 21.52 -3.04
C GLY C 10 -29.83 21.67 -3.56
N LEU C 11 -30.73 22.15 -2.71
CA LEU C 11 -32.12 22.38 -3.09
C LEU C 11 -32.51 23.80 -2.71
N VAL C 12 -32.93 24.58 -3.70
CA VAL C 12 -33.39 25.96 -3.51
C VAL C 12 -34.79 26.07 -4.11
N LYS C 13 -35.69 26.71 -3.39
CA LYS C 13 -37.00 27.01 -3.95
C LYS C 13 -36.86 28.06 -5.05
N PRO C 14 -37.77 28.08 -6.02
CA PRO C 14 -37.72 29.11 -7.07
C PRO C 14 -37.97 30.51 -6.50
N SER C 15 -37.37 31.49 -7.18
CA SER C 15 -37.33 32.92 -6.87
C SER C 15 -36.53 33.25 -5.60
N GLU C 16 -35.90 32.27 -4.95
CA GLU C 16 -35.05 32.52 -3.81
C GLU C 16 -33.62 32.84 -4.28
N THR C 17 -32.70 32.95 -3.33
CA THR C 17 -31.30 33.24 -3.62
C THR C 17 -30.46 32.01 -3.33
N LEU C 18 -29.74 31.54 -4.34
CA LEU C 18 -28.75 30.48 -4.16
C LEU C 18 -27.46 31.08 -3.64
N SER C 19 -26.86 30.42 -2.65
CA SER C 19 -25.63 30.90 -2.03
C SER C 19 -24.65 29.72 -1.92
N LEU C 20 -23.52 29.83 -2.62
CA LEU C 20 -22.51 28.80 -2.67
C LEU C 20 -21.18 29.35 -2.17
N THR C 21 -20.37 28.49 -1.55
CA THR C 21 -19.03 28.87 -1.13
C THR C 21 -18.02 27.86 -1.67
N CYS C 22 -16.93 28.38 -2.20
CA CYS C 22 -15.81 27.59 -2.69
C CYS C 22 -14.66 27.79 -1.70
N THR C 23 -14.35 26.74 -0.94
CA THR C 23 -13.24 26.75 -0.01
C THR C 23 -12.01 26.16 -0.69
N VAL C 24 -10.89 26.86 -0.60
CA VAL C 24 -9.69 26.48 -1.34
C VAL C 24 -8.58 26.17 -0.35
N SER C 25 -7.58 25.43 -0.85
CA SER C 25 -6.38 25.12 -0.09
C SER C 25 -5.25 24.86 -1.07
N GLY C 26 -4.02 25.04 -0.58
CA GLY C 26 -2.84 24.86 -1.41
C GLY C 26 -2.39 26.11 -2.15
N PHE C 27 -3.20 27.16 -2.16
CA PHE C 27 -2.81 28.41 -2.81
C PHE C 27 -3.49 29.57 -2.08
N SER C 28 -3.11 30.78 -2.46
CA SER C 28 -3.55 32.00 -1.79
C SER C 28 -4.54 32.75 -2.67
N LEU C 29 -5.63 33.20 -2.06
CA LEU C 29 -6.63 33.99 -2.79
C LEU C 29 -6.19 35.43 -3.05
N THR C 30 -5.08 35.87 -2.44
CA THR C 30 -4.50 37.15 -2.75
C THR C 30 -3.54 37.09 -3.94
N SER C 31 -3.13 35.89 -4.34
CA SER C 31 -2.29 35.69 -5.51
C SER C 31 -3.01 35.01 -6.66
N TYR C 32 -4.21 34.49 -6.43
CA TYR C 32 -4.95 33.74 -7.43
C TYR C 32 -6.39 34.24 -7.48
N GLY C 33 -6.98 34.18 -8.68
CA GLY C 33 -8.39 34.48 -8.83
C GLY C 33 -9.14 33.21 -9.16
N VAL C 34 -10.45 33.20 -8.94
CA VAL C 34 -11.24 32.01 -9.18
C VAL C 34 -12.44 32.33 -10.05
N HIS C 35 -12.76 31.39 -10.93
CA HIS C 35 -13.86 31.46 -11.89
C HIS C 35 -15.01 30.59 -11.38
N TRP C 36 -16.22 31.00 -11.73
CA TRP C 36 -17.44 30.24 -11.50
C TRP C 36 -18.01 29.85 -12.85
N ILE C 37 -18.21 28.54 -13.05
CA ILE C 37 -18.71 27.95 -14.29
C ILE C 37 -19.83 26.98 -13.93
N ARG C 38 -20.96 27.05 -14.63
CA ARG C 38 -22.05 26.13 -14.35
C ARG C 38 -22.32 25.24 -15.57
N GLN C 39 -22.78 24.02 -15.28
CA GLN C 39 -23.04 23.02 -16.31
C GLN C 39 -24.40 22.39 -16.04
N PRO C 40 -25.43 22.70 -16.82
CA PRO C 40 -26.68 21.94 -16.75
C PRO C 40 -26.45 20.48 -17.11
N PRO C 41 -27.17 19.55 -16.48
CA PRO C 41 -26.94 18.12 -16.76
C PRO C 41 -27.33 17.76 -18.18
N GLY C 42 -26.39 17.14 -18.90
CA GLY C 42 -26.56 16.80 -20.29
C GLY C 42 -26.06 17.85 -21.27
N LYS C 43 -26.15 19.13 -20.89
CA LYS C 43 -25.77 20.22 -21.77
C LYS C 43 -24.31 20.62 -21.51
N GLY C 44 -23.88 21.72 -22.10
CA GLY C 44 -22.49 22.14 -22.05
C GLY C 44 -22.18 22.98 -20.82
N LEU C 45 -21.07 23.70 -20.90
CA LEU C 45 -20.58 24.51 -19.80
C LEU C 45 -20.89 25.98 -20.07
N GLU C 46 -21.06 26.74 -18.99
CA GLU C 46 -21.38 28.16 -19.08
C GLU C 46 -20.62 28.92 -18.02
N TRP C 47 -19.86 29.92 -18.45
CA TRP C 47 -19.06 30.75 -17.54
C TRP C 47 -19.96 31.73 -16.79
N ILE C 48 -19.95 31.66 -15.47
CA ILE C 48 -20.71 32.62 -14.66
C ILE C 48 -19.89 33.88 -14.40
N GLY C 49 -18.68 33.75 -13.88
CA GLY C 49 -17.96 34.96 -13.54
C GLY C 49 -16.55 34.68 -13.05
N VAL C 50 -15.83 35.76 -12.75
CA VAL C 50 -14.52 35.68 -12.11
C VAL C 50 -14.46 36.66 -10.94
N ILE C 51 -13.64 36.31 -9.96
CA ILE C 51 -13.15 37.22 -8.93
C ILE C 51 -11.63 37.06 -8.89
N TRP C 52 -10.92 38.10 -9.31
CA TRP C 52 -9.47 38.02 -9.41
C TRP C 52 -8.80 38.18 -8.05
N ALA C 53 -7.47 38.06 -8.05
CA ALA C 53 -6.69 38.17 -6.82
C ALA C 53 -6.72 39.58 -6.26
N GLY C 54 -6.73 40.59 -7.12
CA GLY C 54 -6.80 41.97 -6.71
C GLY C 54 -8.18 42.47 -6.33
N GLY C 55 -9.18 41.60 -6.34
CA GLY C 55 -10.55 42.00 -6.01
C GLY C 55 -11.39 42.41 -7.19
N SER C 56 -10.84 42.40 -8.40
CA SER C 56 -11.63 42.70 -9.59
C SER C 56 -12.63 41.60 -9.86
N ILE C 57 -13.89 41.98 -10.09
CA ILE C 57 -14.99 41.04 -10.28
C ILE C 57 -15.55 41.28 -11.67
N ASN C 58 -15.72 40.20 -12.44
CA ASN C 58 -16.33 40.31 -13.77
C ASN C 58 -17.45 39.29 -13.88
N TYR C 59 -18.64 39.77 -14.23
CA TYR C 59 -19.80 38.92 -14.43
C TYR C 59 -20.09 38.75 -15.92
N ASN C 60 -21.01 37.85 -16.22
CA ASN C 60 -21.51 37.66 -17.57
C ASN C 60 -22.74 38.54 -17.79
N SER C 61 -22.91 39.00 -19.03
CA SER C 61 -23.96 39.96 -19.36
C SER C 61 -25.35 39.35 -19.22
N ALA C 62 -25.49 38.06 -19.49
CA ALA C 62 -26.79 37.40 -19.41
C ALA C 62 -27.30 37.34 -17.97
N LEU C 63 -26.40 37.17 -17.00
CA LEU C 63 -26.77 37.06 -15.59
C LEU C 63 -26.23 38.22 -14.75
N MET C 64 -25.99 39.38 -15.38
CA MET C 64 -25.33 40.51 -14.72
C MET C 64 -26.07 41.00 -13.48
N SER C 65 -27.37 41.20 -13.60
CA SER C 65 -28.17 41.68 -12.47
C SER C 65 -28.30 40.65 -11.34
N ARG C 66 -28.15 39.35 -11.65
CA ARG C 66 -28.50 38.32 -10.68
C ARG C 66 -27.30 37.67 -10.00
N VAL C 67 -26.07 37.95 -10.41
CA VAL C 67 -24.89 37.25 -9.91
C VAL C 67 -24.06 38.20 -9.07
N THR C 68 -23.74 37.79 -7.84
CA THR C 68 -22.81 38.52 -6.98
C THR C 68 -21.75 37.56 -6.46
N ILE C 69 -20.48 37.84 -6.77
CA ILE C 69 -19.37 37.00 -6.35
C ILE C 69 -18.46 37.82 -5.44
N SER C 70 -18.27 37.35 -4.21
CA SER C 70 -17.43 38.00 -3.22
C SER C 70 -16.34 37.05 -2.74
N LYS C 71 -15.44 37.56 -1.89
CA LYS C 71 -14.24 36.84 -1.49
C LYS C 71 -13.88 37.14 -0.05
N ASP C 72 -13.71 36.08 0.75
CA ASP C 72 -13.09 36.16 2.08
C ASP C 72 -11.72 35.50 1.96
N THR C 73 -10.69 36.33 1.86
CA THR C 73 -9.32 35.82 1.77
C THR C 73 -8.82 35.24 3.09
N SER C 74 -9.39 35.70 4.21
CA SER C 74 -8.96 35.22 5.53
C SER C 74 -9.32 33.75 5.73
N LYS C 75 -10.51 33.34 5.30
CA LYS C 75 -10.99 31.99 5.44
C LYS C 75 -10.78 31.15 4.18
N ASN C 76 -10.06 31.70 3.20
CA ASN C 76 -9.76 31.06 1.90
C ASN C 76 -11.02 30.60 1.18
N GLN C 77 -12.05 31.44 1.18
CA GLN C 77 -13.31 31.06 0.54
C GLN C 77 -13.84 32.18 -0.34
N VAL C 78 -14.65 31.77 -1.31
CA VAL C 78 -15.25 32.68 -2.29
C VAL C 78 -16.73 32.34 -2.42
N SER C 79 -17.58 33.36 -2.34
CA SER C 79 -19.02 33.15 -2.31
C SER C 79 -19.67 33.61 -3.61
N LEU C 80 -20.63 32.83 -4.08
CA LEU C 80 -21.40 33.13 -5.29
C LEU C 80 -22.87 33.10 -4.93
N LYS C 81 -23.58 34.19 -5.22
CA LYS C 81 -25.01 34.29 -4.96
C LYS C 81 -25.76 34.58 -6.25
N LEU C 82 -26.82 33.81 -6.47
CA LEU C 82 -27.73 33.97 -7.59
C LEU C 82 -29.10 34.39 -7.07
N SER C 83 -29.56 35.58 -7.46
CA SER C 83 -30.88 36.05 -7.06
C SER C 83 -31.93 35.63 -8.08
N SER C 84 -33.11 35.28 -7.58
CA SER C 84 -34.29 34.88 -8.37
C SER C 84 -33.98 33.69 -9.28
N VAL C 85 -33.68 32.55 -8.64
CA VAL C 85 -33.33 31.35 -9.37
C VAL C 85 -34.56 30.76 -10.04
N THR C 86 -34.39 30.31 -11.29
CA THR C 86 -35.40 29.58 -12.03
C THR C 86 -34.95 28.13 -12.20
N ALA C 87 -35.77 27.35 -12.90
CA ALA C 87 -35.43 25.95 -13.14
C ALA C 87 -34.29 25.79 -14.14
N ALA C 88 -34.00 26.83 -14.93
CA ALA C 88 -32.84 26.81 -15.80
C ALA C 88 -31.53 26.93 -15.02
N ASP C 89 -31.59 27.43 -13.78
CA ASP C 89 -30.40 27.57 -12.94
C ASP C 89 -30.05 26.29 -12.19
N THR C 90 -30.81 25.22 -12.38
CA THR C 90 -30.45 23.91 -11.85
C THR C 90 -29.26 23.36 -12.63
N ALA C 91 -28.13 23.18 -11.95
CA ALA C 91 -26.89 22.84 -12.64
C ALA C 91 -25.86 22.32 -11.63
N VAL C 92 -24.78 21.78 -12.16
CA VAL C 92 -23.58 21.48 -11.38
C VAL C 92 -22.67 22.69 -11.49
N TYR C 93 -22.36 23.29 -10.35
CA TYR C 93 -21.60 24.53 -10.27
C TYR C 93 -20.17 24.22 -9.87
N TYR C 94 -19.23 24.85 -10.56
CA TYR C 94 -17.80 24.57 -10.47
C TYR C 94 -17.07 25.88 -10.16
N CYS C 95 -16.10 25.81 -9.26
CA CYS C 95 -15.13 26.88 -9.08
C CYS C 95 -13.77 26.40 -9.57
N ALA C 96 -13.13 27.21 -10.40
CA ALA C 96 -11.84 26.90 -10.98
C ALA C 96 -10.85 28.02 -10.67
N ARG C 97 -9.57 27.77 -10.93
CA ARG C 97 -8.51 28.68 -10.51
C ARG C 97 -7.77 29.25 -11.71
N ALA C 98 -7.40 30.52 -11.63
CA ALA C 98 -6.54 31.17 -12.61
C ALA C 98 -5.60 32.10 -11.87
N TYR C 99 -4.49 32.46 -12.51
CA TYR C 99 -3.48 33.28 -11.86
C TYR C 99 -3.78 34.76 -12.08
N GLY C 100 -3.54 35.56 -11.05
CA GLY C 100 -3.43 36.99 -11.22
C GLY C 100 -4.75 37.72 -11.40
N ASP C 101 -4.73 38.76 -12.24
CA ASP C 101 -5.89 39.63 -12.45
C ASP C 101 -6.16 39.87 -13.93
N TYR C 102 -5.90 38.89 -14.80
CA TYR C 102 -6.14 39.10 -16.22
C TYR C 102 -6.73 37.85 -16.86
N VAL C 103 -7.57 38.07 -17.87
CA VAL C 103 -8.32 37.00 -18.53
C VAL C 103 -7.43 36.09 -19.36
N HIS C 104 -6.28 36.57 -19.82
CA HIS C 104 -5.41 35.76 -20.66
C HIS C 104 -4.58 34.76 -19.86
N TYR C 105 -4.69 34.76 -18.53
CA TYR C 105 -4.12 33.72 -17.70
C TYR C 105 -5.04 32.51 -17.73
N ALA C 106 -4.48 31.32 -17.98
CA ALA C 106 -5.29 30.14 -18.22
C ALA C 106 -5.93 29.63 -16.93
N MET C 107 -7.05 28.92 -17.09
CA MET C 107 -7.80 28.38 -15.96
C MET C 107 -7.30 26.99 -15.59
N ASP C 108 -6.74 26.86 -14.38
CA ASP C 108 -6.10 25.63 -13.94
C ASP C 108 -6.84 25.04 -12.75
N TYR C 109 -6.81 23.70 -12.65
CA TYR C 109 -7.32 22.95 -11.51
C TYR C 109 -8.78 23.20 -11.11
N TRP C 110 -9.73 22.59 -11.81
CA TRP C 110 -11.13 22.76 -11.44
C TRP C 110 -11.45 21.99 -10.16
N GLY C 111 -12.53 22.43 -9.48
CA GLY C 111 -13.04 21.73 -8.32
C GLY C 111 -14.12 20.74 -8.69
N GLN C 112 -14.48 19.88 -7.72
CA GLN C 112 -15.34 18.73 -8.01
C GLN C 112 -16.77 19.13 -8.36
N GLY C 113 -17.26 20.24 -7.83
CA GLY C 113 -18.57 20.74 -8.24
C GLY C 113 -19.69 20.32 -7.31
N THR C 114 -20.66 21.22 -7.10
CA THR C 114 -21.82 20.90 -6.29
C THR C 114 -23.08 21.03 -7.14
N LEU C 115 -24.07 20.20 -6.84
CA LEU C 115 -25.29 20.18 -7.63
C LEU C 115 -26.35 21.03 -6.94
N VAL C 116 -26.93 21.96 -7.69
CA VAL C 116 -28.03 22.79 -7.20
C VAL C 116 -29.26 22.47 -8.04
N THR C 117 -30.31 22.01 -7.37
CA THR C 117 -31.60 21.71 -7.98
C THR C 117 -32.61 22.76 -7.54
N VAL C 118 -33.17 23.49 -8.49
CA VAL C 118 -34.17 24.51 -8.19
C VAL C 118 -35.55 23.86 -8.33
N SER C 119 -36.21 23.61 -7.21
CA SER C 119 -37.54 23.03 -7.21
C SER C 119 -38.27 23.47 -5.94
N SER C 120 -39.59 23.56 -6.04
CA SER C 120 -40.43 23.95 -4.90
C SER C 120 -40.82 22.77 -4.02
N ALA C 121 -40.39 21.56 -4.37
CA ALA C 121 -40.76 20.37 -3.61
C ALA C 121 -39.85 20.21 -2.39
N SER C 122 -40.33 19.41 -1.44
CA SER C 122 -39.60 19.12 -0.22
C SER C 122 -38.68 17.92 -0.42
N THR C 123 -37.66 17.85 0.43
CA THR C 123 -36.74 16.71 0.40
C THR C 123 -37.41 15.46 0.97
N LYS C 124 -36.86 14.31 0.60
CA LYS C 124 -37.36 13.03 1.07
C LYS C 124 -36.23 12.01 1.07
N GLY C 125 -36.11 11.26 2.16
CA GLY C 125 -35.10 10.23 2.28
C GLY C 125 -35.44 9.01 1.44
N PRO C 126 -34.43 8.21 1.12
CA PRO C 126 -34.65 7.03 0.26
C PRO C 126 -34.94 5.75 1.04
N SER C 127 -35.82 4.94 0.45
CA SER C 127 -36.03 3.58 0.92
C SER C 127 -35.08 2.65 0.17
N VAL C 128 -34.38 1.80 0.92
CA VAL C 128 -33.39 0.90 0.35
C VAL C 128 -33.94 -0.52 0.44
N PHE C 129 -34.00 -1.21 -0.70
CA PHE C 129 -34.46 -2.58 -0.72
C PHE C 129 -33.40 -3.50 -1.31
N PRO C 130 -33.25 -4.71 -0.79
CA PRO C 130 -32.24 -5.62 -1.35
C PRO C 130 -32.72 -6.25 -2.65
N LEU C 131 -31.78 -6.40 -3.58
CA LEU C 131 -32.00 -7.12 -4.83
C LEU C 131 -31.27 -8.45 -4.64
N ALA C 132 -32.01 -9.42 -4.11
CA ALA C 132 -31.41 -10.62 -3.56
C ALA C 132 -30.93 -11.55 -4.67
N PRO C 133 -29.79 -12.22 -4.49
CA PRO C 133 -29.37 -13.24 -5.45
C PRO C 133 -30.22 -14.49 -5.34
N SER C 134 -30.36 -15.18 -6.47
CA SER C 134 -31.22 -16.34 -6.59
C SER C 134 -30.68 -17.22 -7.71
N SER C 135 -31.45 -18.25 -8.07
CA SER C 135 -31.11 -19.04 -9.26
C SER C 135 -31.32 -18.22 -10.53
N LYS C 136 -32.23 -17.25 -10.51
CA LYS C 136 -32.47 -16.41 -11.68
C LYS C 136 -31.34 -15.43 -11.93
N SER C 137 -30.62 -15.01 -10.88
CA SER C 137 -29.54 -14.03 -11.02
C SER C 137 -28.18 -14.67 -10.81
N THR C 138 -28.02 -15.93 -11.21
CA THR C 138 -26.76 -16.66 -11.09
C THR C 138 -26.53 -17.38 -12.43
N SER C 139 -25.65 -16.84 -13.27
CA SER C 139 -25.36 -17.42 -14.58
C SER C 139 -24.10 -18.25 -14.45
N GLY C 140 -24.28 -19.55 -14.18
CA GLY C 140 -23.16 -20.46 -14.07
C GLY C 140 -22.26 -20.21 -12.88
N GLY C 141 -21.03 -19.75 -13.16
CA GLY C 141 -20.08 -19.48 -12.11
C GLY C 141 -19.96 -18.02 -11.70
N THR C 142 -21.07 -17.30 -11.79
CA THR C 142 -21.12 -15.91 -11.34
C THR C 142 -22.55 -15.59 -10.94
N ALA C 143 -22.68 -14.76 -9.91
CA ALA C 143 -23.97 -14.32 -9.39
C ALA C 143 -23.98 -12.80 -9.28
N ALA C 144 -25.18 -12.24 -9.21
CA ALA C 144 -25.38 -10.81 -9.14
C ALA C 144 -26.30 -10.48 -7.97
N LEU C 145 -25.94 -9.44 -7.22
CA LEU C 145 -26.77 -8.98 -6.10
C LEU C 145 -26.70 -7.46 -6.04
N GLY C 146 -27.78 -6.85 -5.56
CA GLY C 146 -27.78 -5.40 -5.58
C GLY C 146 -28.61 -4.68 -4.53
N CYS C 147 -28.73 -3.37 -4.70
CA CYS C 147 -29.50 -2.53 -3.80
C CYS C 147 -30.31 -1.56 -4.65
N LEU C 148 -31.61 -1.46 -4.36
CA LEU C 148 -32.51 -0.55 -5.03
C LEU C 148 -32.77 0.63 -4.08
N VAL C 149 -32.25 1.80 -4.46
CA VAL C 149 -32.40 3.02 -3.68
C VAL C 149 -33.51 3.82 -4.34
N LYS C 150 -34.67 3.89 -3.69
CA LYS C 150 -35.90 4.31 -4.35
C LYS C 150 -36.55 5.45 -3.57
N ASP C 151 -37.24 6.33 -4.31
CA ASP C 151 -38.17 7.33 -3.78
C ASP C 151 -37.45 8.34 -2.86
N TYR C 152 -36.55 9.10 -3.47
CA TYR C 152 -35.85 10.17 -2.77
C TYR C 152 -35.86 11.44 -3.61
N PHE C 153 -35.60 12.56 -2.93
CA PHE C 153 -35.48 13.87 -3.55
C PHE C 153 -34.64 14.74 -2.64
N PRO C 154 -33.69 15.52 -3.17
CA PRO C 154 -33.18 15.51 -4.55
C PRO C 154 -31.89 14.69 -4.69
N GLU C 155 -31.21 14.85 -5.82
CA GLU C 155 -29.92 14.22 -6.04
C GLU C 155 -28.84 14.85 -5.15
N PRO C 156 -27.76 14.11 -4.83
CA PRO C 156 -27.47 12.69 -5.12
C PRO C 156 -27.49 11.77 -3.90
N VAL C 157 -27.48 10.46 -4.16
CA VAL C 157 -27.21 9.45 -3.15
C VAL C 157 -25.87 8.81 -3.51
N THR C 158 -25.14 8.36 -2.49
CA THR C 158 -23.89 7.66 -2.70
C THR C 158 -24.01 6.25 -2.16
N VAL C 159 -23.64 5.27 -2.98
CA VAL C 159 -23.71 3.85 -2.61
C VAL C 159 -22.31 3.28 -2.68
N SER C 160 -21.85 2.73 -1.56
CA SER C 160 -20.62 1.95 -1.50
C SER C 160 -20.96 0.51 -1.10
N TRP C 161 -19.99 -0.38 -1.25
CA TRP C 161 -20.19 -1.79 -0.95
C TRP C 161 -19.14 -2.24 0.05
N ASN C 162 -19.59 -2.77 1.19
CA ASN C 162 -18.76 -3.24 2.30
C ASN C 162 -17.80 -2.16 2.80
N SER C 163 -18.31 -0.91 2.85
CA SER C 163 -17.56 0.29 3.24
C SER C 163 -16.30 0.48 2.39
N GLY C 164 -16.44 0.28 1.08
CA GLY C 164 -15.35 0.46 0.16
C GLY C 164 -14.45 -0.74 -0.04
N ALA C 165 -14.68 -1.83 0.69
CA ALA C 165 -13.86 -3.04 0.51
C ALA C 165 -14.18 -3.73 -0.81
N LEU C 166 -15.42 -3.63 -1.28
CA LEU C 166 -15.86 -4.26 -2.52
C LEU C 166 -15.99 -3.17 -3.58
N THR C 167 -15.10 -3.19 -4.57
CA THR C 167 -15.13 -2.17 -5.63
C THR C 167 -15.18 -2.79 -7.02
N SER C 168 -14.59 -3.96 -7.19
CA SER C 168 -14.56 -4.61 -8.49
C SER C 168 -15.89 -5.28 -8.79
N GLY C 169 -16.43 -5.03 -9.98
CA GLY C 169 -17.75 -5.51 -10.34
C GLY C 169 -18.90 -4.64 -9.89
N VAL C 170 -18.61 -3.54 -9.21
CA VAL C 170 -19.65 -2.65 -8.70
C VAL C 170 -20.12 -1.73 -9.83
N HIS C 171 -21.44 -1.66 -10.03
CA HIS C 171 -22.05 -0.85 -11.08
C HIS C 171 -23.20 -0.07 -10.44
N THR C 172 -22.96 1.20 -10.12
CA THR C 172 -24.01 2.10 -9.67
C THR C 172 -24.55 2.87 -10.87
N PHE C 173 -25.86 2.79 -11.08
CA PHE C 173 -26.51 3.33 -12.25
C PHE C 173 -26.96 4.77 -12.03
N PRO C 174 -27.04 5.56 -13.11
CA PRO C 174 -27.62 6.90 -13.01
C PRO C 174 -29.08 6.86 -12.59
N ALA C 175 -29.48 7.83 -11.79
CA ALA C 175 -30.84 7.92 -11.29
C ALA C 175 -31.81 8.28 -12.41
N VAL C 176 -33.02 7.75 -12.32
CA VAL C 176 -34.09 8.04 -13.27
C VAL C 176 -35.18 8.80 -12.53
N LEU C 177 -35.63 9.90 -13.11
CA LEU C 177 -36.72 10.67 -12.52
C LEU C 177 -38.03 9.96 -12.82
N GLN C 178 -38.68 9.46 -11.77
CA GLN C 178 -39.94 8.76 -11.93
C GLN C 178 -41.07 9.74 -12.24
N SER C 179 -42.20 9.19 -12.69
CA SER C 179 -43.38 10.01 -12.96
C SER C 179 -43.93 10.66 -11.70
N SER C 180 -43.74 10.03 -10.54
CA SER C 180 -44.17 10.61 -9.28
C SER C 180 -43.31 11.80 -8.85
N GLY C 181 -42.13 11.97 -9.45
CA GLY C 181 -41.25 13.09 -9.15
C GLY C 181 -40.02 12.74 -8.35
N LEU C 182 -40.04 11.62 -7.63
CA LEU C 182 -38.87 11.22 -6.85
C LEU C 182 -37.87 10.47 -7.74
N TYR C 183 -36.62 10.41 -7.27
CA TYR C 183 -35.60 9.68 -7.99
C TYR C 183 -35.47 8.26 -7.47
N SER C 184 -34.82 7.41 -8.28
CA SER C 184 -34.56 6.03 -7.91
C SER C 184 -33.40 5.53 -8.77
N LEU C 185 -32.52 4.75 -8.16
CA LEU C 185 -31.42 4.11 -8.87
C LEU C 185 -31.20 2.72 -8.27
N SER C 186 -30.30 1.99 -8.89
CA SER C 186 -29.87 0.69 -8.38
C SER C 186 -28.36 0.61 -8.48
N SER C 187 -27.77 -0.13 -7.54
CA SER C 187 -26.34 -0.43 -7.59
C SER C 187 -26.17 -1.93 -7.43
N VAL C 188 -25.56 -2.55 -8.42
CA VAL C 188 -25.39 -4.00 -8.43
C VAL C 188 -23.92 -4.34 -8.30
N VAL C 189 -23.64 -5.58 -7.94
CA VAL C 189 -22.29 -6.11 -7.92
C VAL C 189 -22.36 -7.59 -8.28
N THR C 190 -21.44 -8.03 -9.14
CA THR C 190 -21.31 -9.43 -9.50
C THR C 190 -20.18 -10.05 -8.70
N VAL C 191 -20.49 -11.18 -8.07
CA VAL C 191 -19.57 -11.90 -7.19
C VAL C 191 -19.52 -13.34 -7.68
N PRO C 192 -18.47 -14.10 -7.35
CA PRO C 192 -18.49 -15.53 -7.68
C PRO C 192 -19.59 -16.27 -6.93
N SER C 193 -20.14 -17.29 -7.59
CA SER C 193 -21.31 -18.00 -7.07
C SER C 193 -21.00 -18.78 -5.79
N SER C 194 -19.77 -19.30 -5.67
CA SER C 194 -19.38 -20.02 -4.47
C SER C 194 -19.25 -19.10 -3.26
N SER C 195 -18.94 -17.82 -3.48
CA SER C 195 -18.74 -16.87 -2.39
C SER C 195 -20.03 -16.54 -1.64
N LEU C 196 -21.19 -16.78 -2.24
CA LEU C 196 -22.47 -16.57 -1.57
C LEU C 196 -22.62 -17.51 -0.37
N GLY C 197 -23.04 -16.96 0.75
CA GLY C 197 -23.15 -17.73 1.99
C GLY C 197 -21.96 -17.58 2.89
N THR C 198 -20.76 -17.52 2.31
CA THR C 198 -19.52 -17.39 3.05
C THR C 198 -18.94 -15.98 3.00
N GLN C 199 -19.77 -14.98 2.67
CA GLN C 199 -19.31 -13.60 2.59
C GLN C 199 -20.51 -12.68 2.79
N THR C 200 -20.40 -11.76 3.74
CA THR C 200 -21.48 -10.83 4.07
C THR C 200 -21.43 -9.62 3.15
N TYR C 201 -22.56 -9.28 2.54
CA TYR C 201 -22.65 -8.18 1.59
C TYR C 201 -23.64 -7.14 2.12
N ILE C 202 -23.14 -5.93 2.39
CA ILE C 202 -23.94 -4.82 2.88
C ILE C 202 -23.65 -3.61 1.98
N CYS C 203 -24.71 -3.02 1.42
CA CYS C 203 -24.55 -1.77 0.70
C CYS C 203 -24.78 -0.60 1.65
N ASN C 204 -23.99 0.45 1.47
CA ASN C 204 -24.02 1.63 2.31
C ASN C 204 -24.50 2.79 1.47
N VAL C 205 -25.71 3.28 1.76
CA VAL C 205 -26.35 4.35 1.01
C VAL C 205 -26.40 5.58 1.90
N ASN C 206 -25.87 6.69 1.40
CA ASN C 206 -25.81 7.94 2.15
C ASN C 206 -26.44 9.04 1.31
N HIS C 207 -27.51 9.64 1.84
CA HIS C 207 -28.18 10.78 1.25
C HIS C 207 -28.13 11.94 2.25
N LYS C 208 -27.01 12.67 2.23
CA LYS C 208 -26.90 13.88 3.06
C LYS C 208 -27.90 15.01 2.77
N PRO C 209 -28.49 15.19 1.57
CA PRO C 209 -29.59 16.17 1.45
C PRO C 209 -30.80 15.91 2.35
N SER C 210 -31.05 14.66 2.76
CA SER C 210 -32.11 14.36 3.71
C SER C 210 -31.57 13.89 5.06
N ASN C 211 -30.24 13.98 5.26
CA ASN C 211 -29.54 13.49 6.46
C ASN C 211 -29.85 12.02 6.75
N THR C 212 -29.72 11.19 5.72
CA THR C 212 -30.11 9.79 5.77
C THR C 212 -28.89 8.90 5.57
N LYS C 213 -28.69 7.94 6.49
CA LYS C 213 -27.60 6.98 6.41
C LYS C 213 -28.20 5.59 6.60
N VAL C 214 -28.19 4.76 5.55
CA VAL C 214 -28.80 3.43 5.60
C VAL C 214 -27.78 2.39 5.18
N ASP C 215 -27.54 1.40 6.03
CA ASP C 215 -26.75 0.22 5.66
C ASP C 215 -27.71 -0.96 5.51
N LYS C 216 -27.77 -1.54 4.31
CA LYS C 216 -28.69 -2.63 4.02
C LYS C 216 -27.92 -3.91 3.75
N LYS C 217 -28.24 -4.96 4.49
CA LYS C 217 -27.63 -6.28 4.36
C LYS C 217 -28.38 -7.08 3.31
N VAL C 218 -27.75 -7.34 2.17
CA VAL C 218 -28.36 -8.13 1.10
C VAL C 218 -28.11 -9.60 1.38
N GLU C 219 -29.18 -10.39 1.40
CA GLU C 219 -29.12 -11.79 1.78
C GLU C 219 -29.66 -12.66 0.66
N PRO C 220 -29.15 -13.89 0.49
CA PRO C 220 -29.60 -14.71 -0.64
C PRO C 220 -31.04 -15.16 -0.52
N LYS C 221 -31.67 -15.35 -1.68
CA LYS C 221 -33.06 -15.77 -1.77
C LYS C 221 -33.18 -17.11 -2.48
N SER C 222 -34.36 -17.72 -2.33
CA SER C 222 -34.85 -18.75 -3.21
C SER C 222 -36.14 -18.26 -3.86
N CYS C 223 -36.66 -19.01 -4.81
CA CYS C 223 -37.88 -18.61 -5.50
C CYS C 223 -38.74 -19.81 -5.88
N ASP D 1 -20.77 35.38 -26.71
CA ASP D 1 -20.69 36.39 -27.76
C ASP D 1 -19.71 35.94 -28.84
N ILE D 2 -18.71 35.18 -28.42
CA ILE D 2 -17.79 34.50 -29.34
C ILE D 2 -18.26 33.05 -29.47
N GLN D 3 -18.28 32.54 -30.70
CA GLN D 3 -18.88 31.24 -30.98
C GLN D 3 -17.80 30.19 -31.19
N MET D 4 -17.93 29.07 -30.48
CA MET D 4 -16.99 27.95 -30.57
C MET D 4 -17.74 26.75 -31.14
N THR D 5 -17.40 26.36 -32.36
CA THR D 5 -18.03 25.25 -33.05
C THR D 5 -17.15 24.01 -32.94
N GLN D 6 -17.64 22.98 -32.27
CA GLN D 6 -16.86 21.77 -32.02
C GLN D 6 -17.35 20.65 -32.93
N SER D 7 -16.40 19.94 -33.54
CA SER D 7 -16.75 18.88 -34.48
C SER D 7 -15.74 17.75 -34.43
N PRO D 8 -16.21 16.48 -34.46
CA PRO D 8 -17.60 16.00 -34.55
C PRO D 8 -18.29 16.02 -33.19
N SER D 9 -19.63 15.96 -33.16
CA SER D 9 -20.37 16.02 -31.90
C SER D 9 -20.16 14.75 -31.07
N SER D 10 -20.06 13.59 -31.73
CA SER D 10 -19.73 12.34 -31.05
C SER D 10 -18.77 11.55 -31.92
N LEU D 11 -17.98 10.70 -31.27
CA LEU D 11 -16.92 9.97 -31.95
C LEU D 11 -16.74 8.61 -31.28
N SER D 12 -16.45 7.59 -32.08
CA SER D 12 -16.08 6.27 -31.59
C SER D 12 -14.86 5.78 -32.35
N ALA D 13 -13.83 5.35 -31.62
CA ALA D 13 -12.60 4.89 -32.24
C ALA D 13 -11.99 3.79 -31.39
N SER D 14 -11.13 2.99 -32.01
CA SER D 14 -10.52 1.84 -31.36
C SER D 14 -9.31 2.25 -30.53
N VAL D 15 -8.83 1.30 -29.72
CA VAL D 15 -7.64 1.51 -28.92
C VAL D 15 -6.41 1.47 -29.82
N GLY D 16 -5.58 2.51 -29.72
CA GLY D 16 -4.43 2.67 -30.59
C GLY D 16 -4.65 3.55 -31.79
N ASP D 17 -5.88 4.04 -31.99
CA ASP D 17 -6.19 4.91 -33.11
C ASP D 17 -5.69 6.33 -32.83
N ARG D 18 -5.63 7.13 -33.90
CA ARG D 18 -5.28 8.54 -33.81
C ARG D 18 -6.54 9.35 -34.06
N VAL D 19 -7.02 10.04 -33.04
CA VAL D 19 -8.25 10.81 -33.15
C VAL D 19 -7.95 12.30 -33.15
N THR D 20 -8.89 13.07 -33.69
CA THR D 20 -8.69 14.48 -33.99
C THR D 20 -10.02 15.22 -33.83
N ILE D 21 -10.10 16.10 -32.84
CA ILE D 21 -11.26 16.94 -32.59
C ILE D 21 -10.92 18.36 -33.04
N THR D 22 -11.83 19.00 -33.78
CA THR D 22 -11.60 20.33 -34.30
C THR D 22 -12.54 21.35 -33.68
N CYS D 23 -12.07 22.58 -33.55
CA CYS D 23 -12.81 23.65 -32.90
C CYS D 23 -12.61 24.93 -33.69
N ARG D 24 -13.71 25.46 -34.23
CA ARG D 24 -13.72 26.70 -34.99
C ARG D 24 -14.12 27.87 -34.10
N ALA D 25 -13.46 29.01 -34.30
CA ALA D 25 -13.80 30.24 -33.60
C ALA D 25 -14.41 31.22 -34.60
N SER D 26 -15.45 31.93 -34.16
CA SER D 26 -16.11 32.91 -35.03
C SER D 26 -15.22 34.12 -35.27
N GLN D 27 -14.60 34.63 -34.21
CA GLN D 27 -13.60 35.69 -34.26
C GLN D 27 -12.21 35.08 -34.16
N GLU D 28 -11.20 35.92 -33.94
CA GLU D 28 -9.84 35.46 -33.67
C GLU D 28 -9.61 35.43 -32.17
N ILE D 29 -9.13 34.30 -31.66
CA ILE D 29 -8.94 34.13 -30.23
C ILE D 29 -7.50 34.33 -29.82
N SER D 30 -6.62 34.68 -30.77
CA SER D 30 -5.20 35.02 -30.54
C SER D 30 -4.44 33.90 -29.83
N GLY D 31 -4.76 32.66 -30.18
CA GLY D 31 -4.12 31.51 -29.59
C GLY D 31 -4.62 31.09 -28.23
N TYR D 32 -5.56 31.85 -27.65
CA TYR D 32 -6.04 31.59 -26.29
C TYR D 32 -7.18 30.58 -26.34
N LEU D 33 -6.80 29.32 -26.55
CA LEU D 33 -7.75 28.21 -26.50
C LEU D 33 -7.23 27.14 -25.55
N THR D 34 -8.16 26.57 -24.80
CA THR D 34 -7.93 25.53 -23.81
C THR D 34 -8.76 24.30 -24.20
N TRP D 35 -8.10 23.14 -24.18
CA TRP D 35 -8.76 21.85 -24.36
C TRP D 35 -8.89 21.20 -23.00
N LEU D 36 -10.13 20.82 -22.65
CA LEU D 36 -10.50 20.23 -21.37
C LEU D 36 -11.09 18.83 -21.59
N GLN D 37 -10.81 17.95 -20.64
CA GLN D 37 -11.33 16.58 -20.63
C GLN D 37 -12.21 16.40 -19.42
N GLN D 38 -13.45 15.97 -19.63
CA GLN D 38 -14.38 15.67 -18.55
C GLN D 38 -14.79 14.21 -18.63
N LYS D 39 -14.28 13.41 -17.72
CA LYS D 39 -14.81 12.07 -17.52
C LYS D 39 -16.13 12.17 -16.77
N PRO D 40 -17.05 11.21 -16.97
CA PRO D 40 -18.38 11.32 -16.34
C PRO D 40 -18.32 11.22 -14.82
N GLY D 41 -19.11 12.07 -14.17
CA GLY D 41 -19.09 12.19 -12.72
C GLY D 41 -17.91 12.94 -12.17
N LYS D 42 -17.13 13.62 -13.02
CA LYS D 42 -15.94 14.34 -12.60
C LYS D 42 -15.96 15.74 -13.17
N ALA D 43 -15.03 16.55 -12.68
CA ALA D 43 -14.80 17.88 -13.21
C ALA D 43 -14.06 17.80 -14.55
N PRO D 44 -14.14 18.86 -15.35
CA PRO D 44 -13.17 19.01 -16.45
C PRO D 44 -11.75 19.08 -15.93
N LYS D 45 -10.84 18.41 -16.63
CA LYS D 45 -9.43 18.38 -16.29
C LYS D 45 -8.67 19.13 -17.39
N LEU D 46 -7.75 20.01 -16.99
CA LEU D 46 -7.03 20.83 -17.95
C LEU D 46 -6.04 19.97 -18.72
N LEU D 47 -6.28 19.83 -20.03
CA LEU D 47 -5.35 19.11 -20.89
C LEU D 47 -4.37 20.08 -21.54
N ILE D 48 -4.86 21.00 -22.37
CA ILE D 48 -4.00 21.89 -23.15
C ILE D 48 -4.46 23.33 -22.95
N TYR D 49 -3.50 24.25 -22.84
CA TYR D 49 -3.77 25.68 -22.82
C TYR D 49 -2.85 26.35 -23.83
N ALA D 50 -3.23 27.58 -24.23
CA ALA D 50 -2.50 28.41 -25.21
C ALA D 50 -2.29 27.70 -26.56
N ALA D 51 -3.25 26.83 -26.88
CA ALA D 51 -3.44 26.04 -28.10
C ALA D 51 -2.43 24.91 -28.30
N SER D 52 -1.27 24.99 -27.64
CA SER D 52 -0.30 23.90 -27.74
C SER D 52 0.58 23.70 -26.51
N THR D 53 0.33 24.38 -25.38
CA THR D 53 1.12 24.18 -24.18
C THR D 53 0.48 23.08 -23.34
N LEU D 54 1.24 22.02 -23.06
CA LEU D 54 0.71 20.87 -22.35
C LEU D 54 0.82 21.10 -20.85
N ASP D 55 -0.29 20.87 -20.14
CA ASP D 55 -0.29 21.01 -18.69
C ASP D 55 0.53 19.89 -18.06
N SER D 56 1.17 20.22 -16.93
CA SER D 56 1.93 19.24 -16.17
C SER D 56 0.98 18.19 -15.59
N GLY D 57 1.23 16.92 -15.93
CA GLY D 57 0.34 15.83 -15.56
C GLY D 57 -0.49 15.30 -16.70
N VAL D 58 -0.45 15.93 -17.88
CA VAL D 58 -1.12 15.41 -19.07
C VAL D 58 -0.12 14.54 -19.84
N PRO D 59 -0.53 13.36 -20.32
CA PRO D 59 0.40 12.51 -21.08
C PRO D 59 0.82 13.13 -22.39
N LYS D 60 1.96 12.63 -22.90
CA LYS D 60 2.56 13.15 -24.13
C LYS D 60 1.70 12.89 -25.37
N ARG D 61 0.84 11.86 -25.32
CA ARG D 61 0.05 11.46 -26.48
C ARG D 61 -1.00 12.48 -26.89
N PHE D 62 -1.33 13.44 -26.03
CA PHE D 62 -2.23 14.53 -26.38
C PHE D 62 -1.41 15.68 -26.96
N SER D 63 -1.89 16.24 -28.06
CA SER D 63 -1.19 17.34 -28.70
C SER D 63 -2.20 18.33 -29.27
N GLY D 64 -1.85 19.60 -29.23
CA GLY D 64 -2.72 20.66 -29.71
C GLY D 64 -2.02 21.45 -30.80
N SER D 65 -2.79 21.83 -31.81
CA SER D 65 -2.23 22.60 -32.92
C SER D 65 -3.34 23.42 -33.56
N ARG D 66 -3.02 24.01 -34.71
CA ARG D 66 -3.97 24.80 -35.48
C ARG D 66 -3.92 24.34 -36.92
N SER D 67 -5.05 23.84 -37.41
CA SER D 67 -5.26 23.50 -38.82
C SER D 67 -5.90 24.70 -39.50
N GLY D 68 -5.07 25.56 -40.07
CA GLY D 68 -5.54 26.81 -40.65
C GLY D 68 -6.13 27.74 -39.62
N THR D 69 -7.40 28.09 -39.79
CA THR D 69 -8.13 28.87 -38.80
C THR D 69 -8.79 28.01 -37.74
N ASP D 70 -8.85 26.70 -37.95
CA ASP D 70 -9.45 25.79 -36.99
C ASP D 70 -8.39 25.31 -36.01
N PHE D 71 -8.84 24.86 -34.84
CA PHE D 71 -7.91 24.36 -33.85
C PHE D 71 -8.12 22.86 -33.66
N THR D 72 -7.07 22.18 -33.19
CA THR D 72 -6.98 20.74 -33.32
C THR D 72 -6.43 20.10 -32.06
N LEU D 73 -7.22 19.21 -31.46
CA LEU D 73 -6.77 18.31 -30.40
C LEU D 73 -6.58 16.91 -30.98
N THR D 74 -5.39 16.35 -30.79
CA THR D 74 -5.02 15.08 -31.41
C THR D 74 -4.55 14.11 -30.34
N ILE D 75 -5.21 12.96 -30.27
CA ILE D 75 -4.75 11.85 -29.44
C ILE D 75 -4.06 10.84 -30.36
N SER D 76 -2.77 10.59 -30.08
CA SER D 76 -1.94 9.81 -30.99
C SER D 76 -2.29 8.32 -30.94
N SER D 77 -2.19 7.72 -29.76
CA SER D 77 -2.54 6.32 -29.55
C SER D 77 -3.62 6.26 -28.49
N LEU D 78 -4.84 5.92 -28.91
CA LEU D 78 -5.99 5.97 -28.02
C LEU D 78 -5.94 4.86 -26.98
N GLN D 79 -6.30 5.21 -25.74
CA GLN D 79 -6.30 4.33 -24.58
C GLN D 79 -7.74 4.13 -24.09
N PRO D 80 -8.05 3.00 -23.42
CA PRO D 80 -9.43 2.75 -22.98
C PRO D 80 -9.97 3.75 -21.97
N GLU D 81 -9.10 4.35 -21.14
CA GLU D 81 -9.55 5.30 -20.13
C GLU D 81 -9.78 6.71 -20.69
N ASP D 82 -9.56 6.92 -21.98
CA ASP D 82 -9.79 8.21 -22.62
C ASP D 82 -11.23 8.45 -23.04
N PHE D 83 -12.15 7.53 -22.70
CA PHE D 83 -13.58 7.75 -22.87
C PHE D 83 -14.03 8.94 -22.04
N ALA D 84 -14.43 10.04 -22.70
CA ALA D 84 -14.72 11.28 -22.00
C ALA D 84 -15.42 12.24 -22.95
N THR D 85 -15.85 13.37 -22.40
CA THR D 85 -16.36 14.48 -23.20
C THR D 85 -15.30 15.58 -23.22
N TYR D 86 -14.89 15.99 -24.40
CA TYR D 86 -13.84 16.98 -24.59
C TYR D 86 -14.44 18.31 -25.00
N TYR D 87 -13.97 19.39 -24.37
CA TYR D 87 -14.49 20.73 -24.57
C TYR D 87 -13.36 21.65 -25.01
N CYS D 88 -13.66 22.53 -25.97
CA CYS D 88 -12.76 23.62 -26.30
C CYS D 88 -13.29 24.92 -25.69
N LEU D 89 -12.37 25.77 -25.25
CA LEU D 89 -12.71 26.96 -24.49
C LEU D 89 -11.82 28.12 -24.92
N GLN D 90 -12.42 29.24 -25.30
CA GLN D 90 -11.65 30.45 -25.55
C GLN D 90 -11.49 31.25 -24.27
N TYR D 91 -10.31 31.86 -24.09
CA TYR D 91 -10.08 32.73 -22.95
C TYR D 91 -9.36 33.99 -23.40
N THR D 92 -9.85 34.62 -24.47
CA THR D 92 -9.26 35.84 -24.99
C THR D 92 -10.04 37.10 -24.62
N ASN D 93 -11.32 36.97 -24.24
CA ASN D 93 -12.18 38.10 -23.98
C ASN D 93 -13.43 37.62 -23.25
N TYR D 94 -13.89 38.42 -22.29
CA TYR D 94 -15.16 38.14 -21.63
C TYR D 94 -16.32 38.30 -22.62
N PRO D 95 -17.28 37.37 -22.64
CA PRO D 95 -17.42 36.19 -21.77
C PRO D 95 -16.70 34.95 -22.30
N LEU D 96 -16.27 34.09 -21.40
CA LEU D 96 -15.62 32.84 -21.79
C LEU D 96 -16.67 31.87 -22.30
N THR D 97 -16.49 31.35 -23.51
CA THR D 97 -17.47 30.48 -24.13
C THR D 97 -16.84 29.13 -24.44
N PHE D 98 -17.58 28.06 -24.14
CA PHE D 98 -17.17 26.69 -24.39
C PHE D 98 -17.82 26.18 -25.66
N GLY D 99 -17.29 25.08 -26.18
CA GLY D 99 -17.91 24.38 -27.28
C GLY D 99 -19.05 23.51 -26.80
N GLN D 100 -19.74 22.89 -27.78
CA GLN D 100 -20.82 21.98 -27.44
C GLN D 100 -20.28 20.70 -26.81
N GLY D 101 -19.08 20.28 -27.18
CA GLY D 101 -18.46 19.12 -26.61
C GLY D 101 -18.48 17.93 -27.55
N THR D 102 -17.43 17.12 -27.47
CA THR D 102 -17.29 15.92 -28.28
C THR D 102 -17.24 14.72 -27.34
N LYS D 103 -18.19 13.80 -27.49
CA LYS D 103 -18.23 12.59 -26.67
C LYS D 103 -17.38 11.53 -27.36
N LEU D 104 -16.17 11.31 -26.82
CA LEU D 104 -15.28 10.28 -27.33
C LEU D 104 -15.56 8.98 -26.58
N GLU D 105 -16.00 7.98 -27.34
CA GLU D 105 -16.28 6.62 -26.91
C GLU D 105 -15.26 5.67 -27.53
N ILE D 106 -15.12 4.49 -26.93
CA ILE D 106 -14.15 3.49 -27.35
C ILE D 106 -14.85 2.38 -28.12
N LYS D 107 -14.32 2.03 -29.29
CA LYS D 107 -14.76 0.83 -29.99
C LYS D 107 -14.04 -0.40 -29.45
N ARG D 108 -14.76 -1.51 -29.38
CA ARG D 108 -14.19 -2.78 -28.97
C ARG D 108 -14.92 -3.89 -29.72
N THR D 109 -14.57 -5.14 -29.38
CA THR D 109 -15.31 -6.27 -29.92
C THR D 109 -16.67 -6.37 -29.26
N VAL D 110 -17.64 -6.90 -30.01
CA VAL D 110 -19.02 -6.99 -29.54
C VAL D 110 -19.12 -8.01 -28.41
N ALA D 111 -19.77 -7.61 -27.31
CA ALA D 111 -19.89 -8.43 -26.12
C ALA D 111 -21.36 -8.62 -25.78
N ALA D 112 -21.76 -9.88 -25.56
CA ALA D 112 -23.14 -10.21 -25.24
C ALA D 112 -23.45 -9.82 -23.80
N PRO D 113 -24.66 -9.33 -23.52
CA PRO D 113 -25.00 -8.99 -22.14
C PRO D 113 -25.36 -10.22 -21.32
N SER D 114 -24.97 -10.19 -20.04
CA SER D 114 -25.40 -11.17 -19.07
C SER D 114 -26.68 -10.66 -18.40
N VAL D 115 -27.74 -11.44 -18.50
CA VAL D 115 -29.07 -11.00 -18.06
C VAL D 115 -29.36 -11.62 -16.70
N PHE D 116 -29.71 -10.77 -15.73
CA PHE D 116 -30.03 -11.18 -14.38
C PHE D 116 -31.34 -10.51 -13.98
N ILE D 117 -32.28 -11.28 -13.45
CA ILE D 117 -33.57 -10.72 -13.06
C ILE D 117 -33.73 -10.84 -11.54
N PHE D 118 -34.13 -9.73 -10.91
CA PHE D 118 -34.30 -9.62 -9.49
C PHE D 118 -35.78 -9.45 -9.19
N PRO D 119 -36.38 -10.42 -8.49
CA PRO D 119 -37.75 -10.26 -8.00
C PRO D 119 -37.84 -9.16 -6.95
N PRO D 120 -39.02 -8.57 -6.74
CA PRO D 120 -39.14 -7.54 -5.72
C PRO D 120 -39.01 -8.09 -4.31
N SER D 121 -38.57 -7.23 -3.39
CA SER D 121 -38.27 -7.62 -2.03
C SER D 121 -39.54 -7.73 -1.20
N ASP D 122 -39.39 -8.28 0.00
CA ASP D 122 -40.51 -8.39 0.93
C ASP D 122 -40.87 -7.04 1.55
N GLU D 123 -39.85 -6.23 1.85
CA GLU D 123 -40.06 -4.94 2.49
C GLU D 123 -40.75 -3.96 1.54
N GLN D 124 -40.40 -3.98 0.26
CA GLN D 124 -41.10 -3.16 -0.72
C GLN D 124 -42.53 -3.62 -0.90
N LEU D 125 -42.76 -4.94 -0.94
CA LEU D 125 -44.11 -5.47 -1.11
C LEU D 125 -45.00 -5.15 0.09
N LYS D 126 -44.44 -5.14 1.30
CA LYS D 126 -45.23 -4.67 2.43
C LYS D 126 -45.27 -3.16 2.53
N SER D 127 -44.50 -2.43 1.72
CA SER D 127 -44.71 -0.99 1.59
C SER D 127 -45.76 -0.64 0.55
N GLY D 128 -46.24 -1.61 -0.23
CA GLY D 128 -47.29 -1.38 -1.20
C GLY D 128 -46.87 -1.20 -2.64
N THR D 129 -45.59 -1.40 -2.96
CA THR D 129 -45.08 -1.21 -4.31
C THR D 129 -44.27 -2.45 -4.69
N ALA D 130 -44.16 -2.73 -6.00
CA ALA D 130 -43.35 -3.83 -6.48
C ALA D 130 -42.44 -3.33 -7.60
N SER D 131 -41.14 -3.59 -7.47
CA SER D 131 -40.17 -3.28 -8.51
C SER D 131 -39.40 -4.53 -8.88
N VAL D 132 -39.56 -4.97 -10.13
CA VAL D 132 -38.77 -6.05 -10.71
C VAL D 132 -37.61 -5.43 -11.48
N VAL D 133 -36.40 -5.93 -11.27
CA VAL D 133 -35.21 -5.32 -11.84
C VAL D 133 -34.61 -6.29 -12.85
N CYS D 134 -34.34 -5.80 -14.06
CA CYS D 134 -33.66 -6.60 -15.07
C CYS D 134 -32.33 -5.93 -15.35
N LEU D 135 -31.24 -6.65 -15.09
CA LEU D 135 -29.89 -6.14 -15.18
C LEU D 135 -29.18 -6.78 -16.35
N LEU D 136 -28.60 -5.95 -17.21
CA LEU D 136 -27.74 -6.35 -18.31
C LEU D 136 -26.32 -5.99 -17.92
N ASN D 137 -25.47 -7.00 -17.83
CA ASN D 137 -24.09 -6.81 -17.41
C ASN D 137 -23.27 -6.44 -18.63
N ASN D 138 -21.94 -6.33 -18.46
CA ASN D 138 -20.96 -5.78 -19.41
C ASN D 138 -21.14 -6.20 -20.87
N PHE D 139 -21.61 -5.25 -21.69
CA PHE D 139 -21.96 -5.48 -23.08
C PHE D 139 -21.53 -4.29 -23.94
N TYR D 140 -21.35 -4.56 -25.24
CA TYR D 140 -21.05 -3.57 -26.27
C TYR D 140 -21.70 -4.07 -27.56
N PRO D 141 -22.34 -3.20 -28.35
CA PRO D 141 -22.51 -1.74 -28.22
C PRO D 141 -23.65 -1.35 -27.28
N ARG D 142 -23.87 -0.04 -27.10
CA ARG D 142 -24.81 0.46 -26.10
C ARG D 142 -26.27 0.16 -26.44
N GLU D 143 -26.59 -0.09 -27.71
CA GLU D 143 -27.97 -0.30 -28.12
C GLU D 143 -28.44 -1.69 -27.67
N ALA D 144 -29.49 -1.72 -26.84
CA ALA D 144 -30.05 -2.96 -26.34
C ALA D 144 -31.55 -2.79 -26.17
N LYS D 145 -32.30 -3.82 -26.54
CA LYS D 145 -33.76 -3.79 -26.54
C LYS D 145 -34.25 -4.64 -25.37
N VAL D 146 -34.83 -3.99 -24.36
CA VAL D 146 -35.30 -4.67 -23.15
C VAL D 146 -36.81 -4.55 -23.11
N GLN D 147 -37.49 -5.69 -23.21
CA GLN D 147 -38.94 -5.76 -23.21
C GLN D 147 -39.41 -6.52 -21.97
N TRP D 148 -40.56 -6.11 -21.44
CA TRP D 148 -41.11 -6.73 -20.25
C TRP D 148 -42.35 -7.53 -20.65
N LYS D 149 -42.34 -8.83 -20.36
CA LYS D 149 -43.47 -9.70 -20.67
C LYS D 149 -43.98 -10.26 -19.35
N VAL D 150 -45.20 -9.87 -19.00
CA VAL D 150 -45.88 -10.34 -17.79
C VAL D 150 -47.07 -11.19 -18.22
N ASP D 151 -47.04 -12.47 -17.81
CA ASP D 151 -47.99 -13.51 -18.25
C ASP D 151 -48.02 -13.59 -19.78
N ASN D 152 -46.82 -13.62 -20.37
CA ASN D 152 -46.53 -13.64 -21.80
C ASN D 152 -47.07 -12.41 -22.55
N ALA D 153 -47.45 -11.35 -21.85
CA ALA D 153 -48.07 -10.18 -22.46
C ALA D 153 -47.13 -9.00 -22.33
N LEU D 154 -46.88 -8.32 -23.45
CA LEU D 154 -45.91 -7.23 -23.47
C LEU D 154 -46.44 -6.02 -22.72
N GLN D 155 -45.63 -5.50 -21.81
CA GLN D 155 -45.94 -4.27 -21.09
C GLN D 155 -45.33 -3.07 -21.80
N SER D 156 -45.90 -1.90 -21.54
CA SER D 156 -45.42 -0.66 -22.12
C SER D 156 -45.82 0.49 -21.22
N GLY D 157 -44.88 1.41 -21.00
CA GLY D 157 -45.14 2.58 -20.18
C GLY D 157 -44.98 2.38 -18.68
N ASN D 158 -44.54 1.20 -18.24
CA ASN D 158 -44.35 0.95 -16.82
C ASN D 158 -42.92 0.51 -16.50
N SER D 159 -41.96 0.83 -17.36
CA SER D 159 -40.58 0.45 -17.16
C SER D 159 -39.66 1.60 -17.53
N GLN D 160 -38.61 1.79 -16.73
CA GLN D 160 -37.61 2.82 -17.01
C GLN D 160 -36.23 2.22 -16.98
N GLU D 161 -35.36 2.66 -17.89
CA GLU D 161 -34.02 2.11 -18.02
C GLU D 161 -32.96 3.13 -17.63
N SER D 162 -31.80 2.61 -17.28
CA SER D 162 -30.64 3.44 -16.96
C SER D 162 -29.39 2.72 -17.42
N VAL D 163 -28.55 3.41 -18.18
CA VAL D 163 -27.34 2.84 -18.77
C VAL D 163 -26.12 3.49 -18.14
N THR D 164 -25.19 2.67 -17.66
CA THR D 164 -23.92 3.18 -17.17
C THR D 164 -23.08 3.74 -18.32
N GLU D 165 -22.12 4.58 -17.95
CA GLU D 165 -21.12 5.02 -18.89
C GLU D 165 -20.12 3.90 -19.16
N GLN D 166 -19.25 4.12 -20.14
CA GLN D 166 -18.30 3.10 -20.57
C GLN D 166 -17.27 2.81 -19.48
N ASP D 167 -17.03 1.53 -19.23
CA ASP D 167 -16.06 1.09 -18.24
C ASP D 167 -14.65 1.41 -18.73
N SER D 168 -13.80 1.86 -17.80
CA SER D 168 -12.48 2.37 -18.17
C SER D 168 -11.50 1.27 -18.55
N LYS D 169 -11.81 0.00 -18.32
CA LYS D 169 -10.88 -1.08 -18.58
C LYS D 169 -11.28 -2.01 -19.71
N ASP D 170 -12.54 -2.42 -19.79
CA ASP D 170 -12.98 -3.31 -20.87
C ASP D 170 -13.97 -2.65 -21.83
N SER D 171 -14.29 -1.36 -21.63
CA SER D 171 -15.06 -0.53 -22.57
C SER D 171 -16.48 -1.06 -22.80
N THR D 172 -17.13 -1.49 -21.72
CA THR D 172 -18.48 -2.04 -21.79
C THR D 172 -19.49 -1.12 -21.13
N TYR D 173 -20.76 -1.45 -21.32
CA TYR D 173 -21.88 -0.76 -20.70
C TYR D 173 -22.71 -1.76 -19.89
N SER D 174 -23.61 -1.22 -19.06
CA SER D 174 -24.52 -2.04 -18.28
C SER D 174 -25.86 -1.31 -18.20
N LEU D 175 -26.96 -2.07 -18.22
CA LEU D 175 -28.29 -1.50 -18.27
C LEU D 175 -29.12 -2.03 -17.11
N SER D 176 -29.99 -1.17 -16.57
CA SER D 176 -30.91 -1.53 -15.48
C SER D 176 -32.29 -1.06 -15.89
N SER D 177 -33.14 -2.02 -16.27
CA SER D 177 -34.55 -1.74 -16.56
C SER D 177 -35.38 -2.11 -15.35
N THR D 178 -36.12 -1.14 -14.81
CA THR D 178 -36.93 -1.33 -13.63
C THR D 178 -38.40 -1.27 -14.03
N LEU D 179 -39.12 -2.36 -13.78
CA LEU D 179 -40.56 -2.44 -13.95
C LEU D 179 -41.22 -2.21 -12.60
N THR D 180 -42.10 -1.22 -12.52
CA THR D 180 -42.73 -0.84 -11.27
C THR D 180 -44.24 -0.99 -11.39
N LEU D 181 -44.85 -1.69 -10.43
CA LEU D 181 -46.28 -1.91 -10.39
C LEU D 181 -46.78 -1.70 -8.97
N SER D 182 -48.10 -1.52 -8.84
CA SER D 182 -48.71 -1.55 -7.53
C SER D 182 -48.79 -2.99 -7.04
N LYS D 183 -49.04 -3.14 -5.73
CA LYS D 183 -49.10 -4.47 -5.14
C LYS D 183 -50.27 -5.29 -5.69
N ALA D 184 -51.43 -4.63 -5.88
CA ALA D 184 -52.58 -5.33 -6.46
C ALA D 184 -52.31 -5.76 -7.90
N ASP D 185 -51.72 -4.86 -8.71
CA ASP D 185 -51.44 -5.21 -10.09
C ASP D 185 -50.27 -6.18 -10.20
N TYR D 186 -49.36 -6.19 -9.23
CA TYR D 186 -48.30 -7.18 -9.22
C TYR D 186 -48.85 -8.56 -8.89
N GLU D 187 -49.80 -8.63 -7.96
CA GLU D 187 -50.34 -9.89 -7.49
C GLU D 187 -51.45 -10.42 -8.38
N LYS D 188 -51.76 -9.72 -9.48
CA LYS D 188 -52.71 -10.18 -10.49
C LYS D 188 -52.07 -11.12 -11.51
N HIS D 189 -50.78 -11.39 -11.41
CA HIS D 189 -50.07 -12.16 -12.42
C HIS D 189 -49.15 -13.17 -11.76
N LYS D 190 -48.62 -14.08 -12.58
CA LYS D 190 -47.78 -15.16 -12.09
C LYS D 190 -46.38 -15.16 -12.70
N VAL D 191 -46.27 -15.06 -14.02
CA VAL D 191 -44.99 -15.20 -14.72
C VAL D 191 -44.48 -13.81 -15.08
N TYR D 192 -43.26 -13.49 -14.63
CA TYR D 192 -42.65 -12.20 -14.92
C TYR D 192 -41.32 -12.43 -15.65
N ALA D 193 -41.14 -11.77 -16.80
CA ALA D 193 -39.96 -12.00 -17.61
C ALA D 193 -39.48 -10.72 -18.24
N CYS D 194 -38.17 -10.64 -18.46
CA CYS D 194 -37.58 -9.60 -19.29
C CYS D 194 -36.83 -10.27 -20.44
N GLU D 195 -37.07 -9.74 -21.64
CA GLU D 195 -36.51 -10.25 -22.88
C GLU D 195 -35.51 -9.24 -23.42
N VAL D 196 -34.32 -9.72 -23.76
CA VAL D 196 -33.20 -8.87 -24.15
C VAL D 196 -32.83 -9.22 -25.59
N THR D 197 -32.85 -8.22 -26.45
CA THR D 197 -32.36 -8.32 -27.82
C THR D 197 -31.10 -7.46 -27.93
N HIS D 198 -30.01 -8.08 -28.38
CA HIS D 198 -28.73 -7.39 -28.48
C HIS D 198 -27.97 -7.98 -29.66
N GLN D 199 -27.05 -7.17 -30.21
CA GLN D 199 -26.26 -7.57 -31.37
C GLN D 199 -25.33 -8.74 -31.07
N GLY D 200 -24.91 -8.88 -29.81
CA GLY D 200 -24.10 -10.02 -29.40
C GLY D 200 -24.87 -11.28 -29.12
N LEU D 201 -26.19 -11.26 -29.27
CA LEU D 201 -27.05 -12.42 -29.05
C LEU D 201 -27.64 -12.87 -30.38
N SER D 202 -27.48 -14.16 -30.68
CA SER D 202 -28.07 -14.71 -31.90
C SER D 202 -29.58 -14.78 -31.82
N SER D 203 -30.12 -15.04 -30.63
CA SER D 203 -31.55 -15.10 -30.36
C SER D 203 -31.83 -14.30 -29.10
N PRO D 204 -33.05 -13.74 -28.96
CA PRO D 204 -33.36 -12.97 -27.75
C PRO D 204 -33.35 -13.84 -26.50
N VAL D 205 -32.84 -13.27 -25.41
CA VAL D 205 -32.66 -13.99 -24.16
C VAL D 205 -33.74 -13.56 -23.19
N THR D 206 -34.54 -14.51 -22.70
CA THR D 206 -35.64 -14.21 -21.79
C THR D 206 -35.33 -14.80 -20.43
N LYS D 207 -35.21 -13.93 -19.42
CA LYS D 207 -35.08 -14.36 -18.04
C LYS D 207 -36.40 -14.15 -17.32
N SER D 208 -36.81 -15.15 -16.55
CA SER D 208 -38.17 -15.19 -16.02
C SER D 208 -38.18 -15.77 -14.61
N PHE D 209 -39.27 -15.50 -13.91
CA PHE D 209 -39.56 -16.15 -12.64
C PHE D 209 -41.06 -16.28 -12.49
N ASN D 210 -41.44 -17.03 -11.46
CA ASN D 210 -42.83 -17.23 -11.07
C ASN D 210 -43.00 -16.65 -9.67
N ARG D 211 -43.86 -15.63 -9.58
CA ARG D 211 -44.17 -14.86 -8.37
C ARG D 211 -44.33 -15.63 -7.06
N GLU E 4 -2.62 1.67 25.05
CA GLU E 4 -1.61 2.69 25.32
C GLU E 4 -0.81 2.37 26.57
N HIS E 5 -1.49 1.89 27.61
CA HIS E 5 -0.86 1.54 28.87
C HIS E 5 -1.58 0.36 29.49
N VAL E 6 -0.83 -0.49 30.19
CA VAL E 6 -1.34 -1.73 30.79
C VAL E 6 -0.84 -1.81 32.23
N ILE E 7 -1.78 -1.93 33.17
CA ILE E 7 -1.46 -2.14 34.59
C ILE E 7 -2.06 -3.48 35.02
N ILE E 8 -1.21 -4.38 35.50
CA ILE E 8 -1.61 -5.73 35.89
C ILE E 8 -1.31 -5.95 37.37
N GLN E 9 -2.29 -6.45 38.11
CA GLN E 9 -2.07 -7.03 39.42
C GLN E 9 -1.80 -8.52 39.23
N ALA E 10 -0.54 -8.92 39.39
CA ALA E 10 -0.13 -10.29 39.10
C ALA E 10 0.04 -11.08 40.39
N GLU E 11 -0.64 -12.23 40.46
CA GLU E 11 -0.60 -13.10 41.62
C GLU E 11 -0.33 -14.53 41.15
N PHE E 12 0.50 -15.25 41.89
CA PHE E 12 0.60 -16.70 41.69
C PHE E 12 0.90 -17.39 43.01
N TYR E 13 0.63 -18.69 43.01
CA TYR E 13 0.99 -19.58 44.11
C TYR E 13 1.41 -20.92 43.53
N LEU E 14 2.50 -21.47 44.05
CA LEU E 14 3.10 -22.70 43.55
C LEU E 14 3.25 -23.70 44.69
N ASN E 15 2.67 -24.90 44.52
CA ASN E 15 2.81 -26.11 45.30
C ASN E 15 3.68 -27.12 44.55
N PRO E 16 4.50 -27.93 45.24
CA PRO E 16 4.67 -28.07 46.70
C PRO E 16 5.74 -27.16 47.29
N ASP E 17 6.25 -26.20 46.53
CA ASP E 17 7.20 -25.23 47.10
C ASP E 17 6.54 -24.26 48.06
N GLN E 18 5.21 -24.14 48.02
CA GLN E 18 4.41 -23.24 48.87
C GLN E 18 4.86 -21.79 48.71
N SER E 19 5.14 -21.40 47.46
CA SER E 19 5.70 -20.08 47.15
C SER E 19 4.62 -19.21 46.55
N GLY E 20 4.40 -18.04 47.14
CA GLY E 20 3.38 -17.15 46.65
C GLY E 20 3.95 -15.81 46.23
N GLU E 21 3.24 -15.08 45.38
CA GLU E 21 3.71 -13.78 44.94
C GLU E 21 2.53 -12.91 44.55
N PHE E 22 2.57 -11.66 45.02
CA PHE E 22 1.62 -10.61 44.68
C PHE E 22 2.47 -9.42 44.25
N MET E 23 2.19 -8.88 43.07
CA MET E 23 2.98 -7.75 42.57
C MET E 23 2.12 -6.91 41.64
N PHE E 24 2.64 -5.73 41.30
CA PHE E 24 2.00 -4.83 40.36
C PHE E 24 2.95 -4.54 39.21
N ASP E 25 2.42 -4.49 37.99
CA ASP E 25 3.23 -4.33 36.80
C ASP E 25 2.64 -3.21 35.94
N PHE E 26 3.52 -2.33 35.45
CA PHE E 26 3.16 -1.26 34.52
C PHE E 26 4.06 -1.39 33.29
N ASP E 27 3.47 -1.87 32.18
CA ASP E 27 4.10 -1.90 30.86
C ASP E 27 5.39 -2.71 30.83
N GLY E 28 5.38 -3.86 31.51
CA GLY E 28 6.50 -4.78 31.48
C GLY E 28 7.45 -4.67 32.66
N ASP E 29 7.30 -3.66 33.51
CA ASP E 29 8.18 -3.46 34.65
C ASP E 29 7.40 -3.52 35.95
N GLU E 30 8.07 -4.03 36.99
CA GLU E 30 7.44 -4.17 38.30
C GLU E 30 7.34 -2.81 38.98
N ILE E 31 6.14 -2.49 39.48
CA ILE E 31 5.99 -1.33 40.35
C ILE E 31 6.41 -1.68 41.77
N PHE E 32 5.74 -2.68 42.35
CA PHE E 32 6.07 -3.16 43.68
C PHE E 32 5.77 -4.66 43.73
N HIS E 33 6.35 -5.31 44.72
CA HIS E 33 5.98 -6.68 45.07
C HIS E 33 5.81 -6.79 46.58
N VAL E 34 4.76 -7.47 47.00
CA VAL E 34 4.55 -7.73 48.42
C VAL E 34 5.45 -8.89 48.82
N ASP E 35 6.34 -8.65 49.78
CA ASP E 35 7.24 -9.69 50.25
C ASP E 35 6.49 -10.64 51.17
N MET E 36 6.58 -11.93 50.89
CA MET E 36 5.86 -12.95 51.67
C MET E 36 6.37 -12.99 53.11
N ALA E 37 7.66 -13.27 53.28
CA ALA E 37 8.29 -12.99 54.56
C ALA E 37 8.41 -11.48 54.73
N LYS E 38 8.41 -11.04 56.00
CA LYS E 38 8.47 -9.67 56.52
C LYS E 38 7.17 -8.89 56.32
N LYS E 39 6.26 -9.43 55.51
CA LYS E 39 4.86 -8.99 55.35
C LYS E 39 4.72 -7.49 55.05
N GLU E 40 5.39 -7.05 54.00
CA GLU E 40 5.43 -5.63 53.67
C GLU E 40 5.65 -5.45 52.17
N THR E 41 5.25 -4.29 51.67
CA THR E 41 5.46 -3.98 50.26
C THR E 41 6.90 -3.56 50.02
N VAL E 42 7.45 -3.99 48.89
CA VAL E 42 8.80 -3.64 48.47
C VAL E 42 8.68 -2.99 47.11
N TRP E 43 8.89 -1.67 47.05
CA TRP E 43 8.88 -0.97 45.79
C TRP E 43 10.14 -1.29 45.00
N ARG E 44 9.97 -1.53 43.69
CA ARG E 44 11.10 -1.84 42.83
C ARG E 44 12.07 -0.66 42.73
N LEU E 45 11.53 0.55 42.61
CA LEU E 45 12.32 1.77 42.71
C LEU E 45 11.98 2.44 44.03
N GLU E 46 13.01 2.88 44.75
CA GLU E 46 12.79 3.43 46.10
C GLU E 46 12.02 4.75 46.07
N GLU E 47 12.17 5.53 44.99
CA GLU E 47 11.47 6.81 44.83
C GLU E 47 9.96 6.63 44.89
N PHE E 48 9.47 5.48 44.41
CA PHE E 48 8.05 5.15 44.41
C PHE E 48 7.48 5.14 45.83
N GLY E 49 8.32 4.86 46.83
CA GLY E 49 7.87 4.88 48.21
C GLY E 49 7.53 6.24 48.75
N ARG E 50 7.99 7.32 48.10
CA ARG E 50 7.60 8.65 48.54
C ARG E 50 6.38 9.16 47.78
N PHE E 51 5.84 8.36 46.84
CA PHE E 51 4.68 8.78 46.07
C PHE E 51 3.44 7.91 46.22
N ALA E 52 3.53 6.71 46.79
CA ALA E 52 2.36 5.84 46.90
C ALA E 52 2.55 4.87 48.07
N SER E 53 1.51 4.06 48.31
CA SER E 53 1.47 3.12 49.42
C SER E 53 0.45 2.03 49.12
N PHE E 54 0.62 0.88 49.77
CA PHE E 54 -0.28 -0.26 49.59
C PHE E 54 -0.32 -1.11 50.86
N GLU E 55 -1.51 -1.58 51.22
CA GLU E 55 -1.70 -2.45 52.38
C GLU E 55 -1.41 -3.90 51.99
N ALA E 56 -0.39 -4.50 52.60
CA ALA E 56 0.08 -5.83 52.23
C ALA E 56 -0.80 -6.97 52.74
N GLN E 57 -1.60 -6.74 53.79
CA GLN E 57 -2.34 -7.82 54.43
C GLN E 57 -3.46 -8.34 53.53
N GLY E 58 -4.13 -7.45 52.79
CA GLY E 58 -5.10 -7.89 51.80
C GLY E 58 -4.46 -8.65 50.65
N ALA E 59 -3.22 -8.30 50.30
CA ALA E 59 -2.47 -9.08 49.31
C ALA E 59 -2.20 -10.49 49.83
N LEU E 60 -1.86 -10.63 51.12
CA LEU E 60 -1.69 -11.96 51.69
C LEU E 60 -3.00 -12.75 51.73
N ALA E 61 -4.12 -12.05 51.93
CA ALA E 61 -5.43 -12.69 51.82
C ALA E 61 -5.68 -13.22 50.40
N ASN E 62 -5.29 -12.44 49.38
CA ASN E 62 -5.39 -12.92 48.01
C ASN E 62 -4.49 -14.13 47.74
N ILE E 63 -3.29 -14.15 48.34
CA ILE E 63 -2.41 -15.32 48.19
C ILE E 63 -3.02 -16.56 48.84
N ALA E 64 -3.71 -16.38 49.98
CA ALA E 64 -4.42 -17.51 50.59
C ALA E 64 -5.55 -18.02 49.70
N VAL E 65 -6.28 -17.09 49.05
CA VAL E 65 -7.31 -17.49 48.09
C VAL E 65 -6.71 -18.22 46.89
N ASP E 66 -5.52 -17.79 46.45
CA ASP E 66 -4.82 -18.47 45.36
C ASP E 66 -4.39 -19.88 45.75
N LYS E 67 -3.95 -20.05 47.01
CA LYS E 67 -3.63 -21.38 47.52
C LYS E 67 -4.84 -22.30 47.48
N ALA E 68 -5.99 -21.80 47.95
CA ALA E 68 -7.22 -22.61 47.92
C ALA E 68 -7.66 -22.95 46.50
N ASN E 69 -7.55 -21.99 45.58
CA ASN E 69 -7.91 -22.24 44.19
C ASN E 69 -6.96 -23.25 43.53
N LEU E 70 -5.68 -23.24 43.92
CA LEU E 70 -4.75 -24.25 43.41
C LEU E 70 -5.07 -25.63 43.95
N GLU E 71 -5.53 -25.71 45.21
CA GLU E 71 -6.05 -26.97 45.76
C GLU E 71 -7.20 -27.52 44.93
N ILE E 72 -8.14 -26.65 44.56
CA ILE E 72 -9.27 -27.12 43.74
C ILE E 72 -8.83 -27.50 42.32
N MET E 73 -7.89 -26.74 41.74
CA MET E 73 -7.52 -26.97 40.34
C MET E 73 -6.68 -28.24 40.15
N THR E 74 -5.78 -28.52 41.10
CA THR E 74 -4.94 -29.72 40.99
C THR E 74 -5.77 -30.99 41.07
N LYS E 75 -6.75 -31.02 41.96
CA LYS E 75 -7.66 -32.17 42.05
C LYS E 75 -8.63 -32.22 40.88
N ARG E 76 -9.03 -31.06 40.32
CA ARG E 76 -9.90 -31.11 39.14
C ARG E 76 -9.13 -31.44 37.87
N SER E 77 -7.81 -31.47 37.90
CA SER E 77 -7.01 -31.80 36.72
C SER E 77 -6.43 -33.21 36.78
N ASN E 78 -6.89 -34.03 37.75
CA ASN E 78 -6.37 -35.38 38.03
C ASN E 78 -4.86 -35.35 38.27
N TYR E 79 -4.42 -34.33 39.02
CA TYR E 79 -3.02 -34.11 39.41
C TYR E 79 -2.09 -34.03 38.21
N THR E 80 -2.49 -33.26 37.20
CA THR E 80 -1.67 -33.10 36.01
C THR E 80 -0.54 -32.10 36.30
N PRO E 81 0.71 -32.49 36.13
CA PRO E 81 1.83 -31.62 36.52
C PRO E 81 2.12 -30.55 35.48
N ILE E 82 2.91 -29.56 35.92
CA ILE E 82 3.38 -28.53 35.01
C ILE E 82 4.49 -29.08 34.13
N THR E 83 4.68 -28.43 32.98
CA THR E 83 5.79 -28.75 32.09
C THR E 83 6.98 -27.87 32.44
N ASN E 84 8.14 -28.48 32.67
CA ASN E 84 9.34 -27.73 32.98
C ASN E 84 9.89 -27.06 31.72
N VAL E 85 9.49 -25.81 31.49
CA VAL E 85 9.92 -25.07 30.31
C VAL E 85 11.29 -24.46 30.57
N PRO E 86 12.31 -24.84 29.79
CA PRO E 86 13.67 -24.44 30.12
C PRO E 86 13.89 -22.96 29.83
N PRO E 87 14.82 -22.31 30.53
CA PRO E 87 14.97 -20.86 30.40
C PRO E 87 15.99 -20.42 29.37
N GLU E 88 15.78 -19.21 28.87
CA GLU E 88 16.72 -18.53 27.98
C GLU E 88 17.53 -17.55 28.82
N VAL E 89 18.85 -17.67 28.76
CA VAL E 89 19.75 -16.88 29.60
C VAL E 89 20.61 -16.02 28.69
N THR E 90 20.59 -14.70 28.93
CA THR E 90 21.46 -13.77 28.21
C THR E 90 22.18 -12.90 29.23
N VAL E 91 23.50 -12.78 29.09
CA VAL E 91 24.31 -11.92 29.94
C VAL E 91 24.51 -10.60 29.22
N LEU E 92 24.10 -9.52 29.86
CA LEU E 92 24.14 -8.17 29.31
C LEU E 92 25.00 -7.27 30.18
N THR E 93 25.33 -6.11 29.64
CA THR E 93 25.97 -5.02 30.36
C THR E 93 25.10 -3.78 30.25
N ASN E 94 24.99 -3.05 31.37
CA ASN E 94 24.11 -1.88 31.42
C ASN E 94 24.61 -0.75 30.52
N SER E 95 25.92 -0.49 30.55
CA SER E 95 26.56 0.53 29.73
C SER E 95 27.54 -0.19 28.81
N PRO E 96 28.05 0.44 27.74
CA PRO E 96 29.20 -0.14 27.04
C PRO E 96 30.41 -0.18 27.95
N VAL E 97 31.07 -1.32 27.99
CA VAL E 97 32.12 -1.55 28.98
C VAL E 97 33.40 -0.84 28.56
N GLU E 98 33.94 -0.05 29.48
CA GLU E 98 35.31 0.42 29.42
C GLU E 98 36.01 0.02 30.72
N LEU E 99 37.34 -0.06 30.65
CA LEU E 99 38.14 -0.49 31.79
C LEU E 99 38.04 0.49 32.94
N ARG E 100 37.82 -0.06 34.15
CA ARG E 100 37.75 0.69 35.42
C ARG E 100 36.65 1.74 35.44
N GLU E 101 35.55 1.49 34.75
CA GLU E 101 34.41 2.40 34.76
C GLU E 101 33.19 1.59 35.19
N PRO E 102 32.61 1.89 36.36
CA PRO E 102 31.71 0.93 37.02
C PRO E 102 30.41 0.69 36.25
N ASN E 103 30.03 -0.58 36.18
CA ASN E 103 28.95 -1.03 35.31
C ASN E 103 28.18 -2.13 36.03
N VAL E 104 27.16 -2.66 35.37
CA VAL E 104 26.28 -3.68 35.93
C VAL E 104 26.20 -4.85 34.96
N LEU E 105 26.46 -6.05 35.47
CA LEU E 105 26.26 -7.28 34.71
C LEU E 105 24.85 -7.78 34.98
N ILE E 106 24.07 -7.96 33.93
CA ILE E 106 22.67 -8.34 34.02
C ILE E 106 22.49 -9.74 33.47
N CYS E 107 22.06 -10.67 34.31
CA CYS E 107 21.66 -11.99 33.86
C CYS E 107 20.15 -11.94 33.62
N PHE E 108 19.73 -12.01 32.36
CA PHE E 108 18.33 -11.94 31.98
C PHE E 108 17.86 -13.36 31.67
N ILE E 109 16.86 -13.81 32.41
CA ILE E 109 16.32 -15.16 32.32
C ILE E 109 14.88 -15.03 31.80
N ASP E 110 14.53 -15.78 30.78
CA ASP E 110 13.28 -15.54 30.07
C ASP E 110 12.64 -16.84 29.64
N LYS E 111 11.30 -16.81 29.50
CA LYS E 111 10.49 -17.87 28.89
C LYS E 111 10.63 -19.21 29.63
N PHE E 112 10.32 -19.17 30.93
CA PHE E 112 10.43 -20.37 31.75
C PHE E 112 9.23 -20.47 32.68
N THR E 113 8.93 -21.71 33.08
CA THR E 113 7.98 -22.05 34.13
C THR E 113 8.33 -23.49 34.51
N PRO E 114 8.23 -23.89 35.79
CA PRO E 114 7.73 -23.20 36.99
C PRO E 114 8.69 -22.15 37.54
N PRO E 115 8.19 -21.17 38.30
CA PRO E 115 9.05 -20.06 38.76
C PRO E 115 9.93 -20.45 39.96
N VAL E 116 10.82 -21.41 39.76
CA VAL E 116 11.86 -21.77 40.72
C VAL E 116 13.15 -21.96 39.92
N VAL E 117 14.18 -21.17 40.24
CA VAL E 117 15.45 -21.24 39.53
C VAL E 117 16.56 -20.96 40.54
N ASN E 118 17.68 -21.66 40.40
CA ASN E 118 18.85 -21.42 41.25
C ASN E 118 19.86 -20.65 40.41
N VAL E 119 20.12 -19.39 40.78
CA VAL E 119 20.95 -18.50 39.99
C VAL E 119 22.18 -18.13 40.81
N THR E 120 23.37 -18.28 40.22
CA THR E 120 24.60 -17.98 40.90
C THR E 120 25.55 -17.22 39.97
N TRP E 121 26.07 -16.09 40.45
CA TRP E 121 27.12 -15.38 39.75
C TRP E 121 28.47 -16.00 40.10
N LEU E 122 29.32 -16.18 39.09
CA LEU E 122 30.63 -16.78 39.27
C LEU E 122 31.69 -15.82 38.72
N ARG E 123 32.50 -15.26 39.61
CA ARG E 123 33.64 -14.44 39.22
C ARG E 123 34.87 -15.31 39.21
N ASN E 124 35.41 -15.56 38.00
CA ASN E 124 36.54 -16.46 37.74
C ASN E 124 36.28 -17.88 38.27
N GLY E 125 35.03 -18.32 38.15
CA GLY E 125 34.62 -19.63 38.63
C GLY E 125 34.27 -19.72 40.09
N LYS E 126 34.38 -18.61 40.84
CA LYS E 126 34.08 -18.60 42.26
C LYS E 126 32.80 -17.81 42.53
N PRO E 127 31.90 -18.32 43.39
CA PRO E 127 30.63 -17.62 43.65
C PRO E 127 30.82 -16.24 44.28
N VAL E 128 29.90 -15.34 43.94
CA VAL E 128 29.92 -13.95 44.39
C VAL E 128 28.85 -13.81 45.46
N THR E 129 29.28 -13.72 46.72
CA THR E 129 28.39 -13.80 47.86
C THR E 129 27.98 -12.44 48.41
N THR E 130 28.49 -11.34 47.86
CA THR E 130 28.17 -10.01 48.34
C THR E 130 27.85 -9.09 47.17
N GLY E 131 26.94 -8.15 47.42
CA GLY E 131 26.56 -7.16 46.42
C GLY E 131 25.87 -7.67 45.18
N VAL E 132 24.92 -8.57 45.31
CA VAL E 132 24.19 -9.13 44.18
C VAL E 132 22.71 -8.87 44.39
N SER E 133 22.06 -8.27 43.39
CA SER E 133 20.65 -7.95 43.44
C SER E 133 19.86 -8.85 42.50
N GLU E 134 18.54 -8.92 42.73
CA GLU E 134 17.68 -9.70 41.87
C GLU E 134 16.27 -9.11 41.91
N THR E 135 15.52 -9.35 40.84
CA THR E 135 14.10 -9.03 40.80
C THR E 135 13.28 -10.28 41.11
N VAL E 136 11.99 -10.07 41.31
CA VAL E 136 11.06 -11.18 41.50
C VAL E 136 10.67 -11.74 40.15
N PHE E 137 9.97 -12.86 40.15
CA PHE E 137 9.56 -13.54 38.93
C PHE E 137 8.52 -12.70 38.20
N LEU E 138 8.98 -11.95 37.21
CA LEU E 138 8.10 -11.04 36.48
C LEU E 138 7.30 -11.81 35.44
N PRO E 139 6.00 -11.57 35.32
CA PRO E 139 5.18 -12.36 34.40
C PRO E 139 5.28 -11.87 32.96
N ARG E 140 5.15 -12.81 32.03
CA ARG E 140 5.17 -12.52 30.62
C ARG E 140 3.75 -12.53 30.05
N GLU E 141 3.64 -12.22 28.76
CA GLU E 141 2.36 -12.19 28.08
C GLU E 141 1.99 -13.52 27.42
N ASP E 142 2.90 -14.49 27.39
CA ASP E 142 2.55 -15.88 27.14
C ASP E 142 2.41 -16.66 28.44
N HIS E 143 2.38 -15.95 29.57
CA HIS E 143 2.14 -16.44 30.92
C HIS E 143 3.25 -17.35 31.41
N LEU E 144 4.44 -17.18 30.83
CA LEU E 144 5.69 -17.71 31.32
C LEU E 144 6.33 -16.65 32.21
N PHE E 145 7.62 -16.79 32.52
CA PHE E 145 8.26 -15.92 33.50
C PHE E 145 9.59 -15.40 32.99
N ARG E 146 9.98 -14.25 33.53
CA ARG E 146 11.30 -13.68 33.34
C ARG E 146 11.83 -13.23 34.70
N LYS E 147 13.15 -13.12 34.78
CA LYS E 147 13.84 -12.76 36.01
C LYS E 147 15.12 -12.03 35.66
N PHE E 148 15.54 -11.14 36.55
CA PHE E 148 16.72 -10.32 36.37
C PHE E 148 17.66 -10.52 37.54
N HIS E 149 18.95 -10.65 37.26
CA HIS E 149 19.95 -10.66 38.31
C HIS E 149 21.01 -9.62 37.97
N TYR E 150 21.46 -8.88 38.98
CA TYR E 150 22.39 -7.78 38.79
C TYR E 150 23.62 -7.98 39.66
N LEU E 151 24.78 -7.75 39.05
CA LEU E 151 26.04 -7.71 39.79
C LEU E 151 26.76 -6.42 39.39
N PRO E 152 26.83 -5.42 40.26
CA PRO E 152 27.67 -4.26 39.96
C PRO E 152 29.14 -4.65 40.03
N PHE E 153 29.90 -4.16 39.05
CA PHE E 153 31.28 -4.60 38.91
C PHE E 153 32.08 -3.50 38.23
N LEU E 154 33.38 -3.72 38.15
CA LEU E 154 34.32 -2.76 37.57
C LEU E 154 35.11 -3.53 36.52
N PRO E 155 34.92 -3.25 35.23
CA PRO E 155 35.45 -4.13 34.17
C PRO E 155 36.97 -4.24 34.17
N SER E 156 37.43 -5.47 33.97
CA SER E 156 38.85 -5.79 34.05
C SER E 156 39.24 -6.68 32.88
N THR E 157 40.50 -6.56 32.46
CA THR E 157 41.04 -7.38 31.38
C THR E 157 41.07 -8.85 31.75
N GLU E 158 41.44 -9.17 32.99
CA GLU E 158 41.73 -10.53 33.38
C GLU E 158 40.54 -11.28 33.98
N ASP E 159 39.57 -10.57 34.56
CA ASP E 159 38.43 -11.23 35.18
C ASP E 159 37.43 -11.71 34.13
N VAL E 160 36.89 -12.91 34.36
CA VAL E 160 35.83 -13.48 33.54
C VAL E 160 34.68 -13.87 34.46
N TYR E 161 33.45 -13.68 33.97
CA TYR E 161 32.27 -13.90 34.79
C TYR E 161 31.36 -14.92 34.12
N ASP E 162 30.47 -15.49 34.93
CA ASP E 162 29.64 -16.61 34.51
C ASP E 162 28.30 -16.47 35.22
N CYS E 163 27.21 -16.63 34.49
CA CYS E 163 25.90 -16.75 35.10
C CYS E 163 25.49 -18.21 35.03
N ARG E 164 25.22 -18.80 36.20
CA ARG E 164 24.88 -20.22 36.32
C ARG E 164 23.42 -20.32 36.73
N VAL E 165 22.58 -20.77 35.81
CA VAL E 165 21.13 -20.82 35.98
C VAL E 165 20.72 -22.28 36.01
N GLU E 166 19.98 -22.66 37.05
CA GLU E 166 19.58 -24.04 37.28
C GLU E 166 18.06 -24.11 37.23
N HIS E 167 17.53 -24.85 36.26
CA HIS E 167 16.10 -25.04 36.10
C HIS E 167 15.83 -26.52 35.83
N TRP E 168 14.62 -26.96 36.19
CA TRP E 168 14.24 -28.35 36.03
C TRP E 168 14.01 -28.75 34.58
N GLY E 169 13.87 -27.78 33.68
CA GLY E 169 13.82 -28.10 32.26
C GLY E 169 15.14 -28.45 31.64
N LEU E 170 16.23 -28.26 32.38
CA LEU E 170 17.58 -28.58 31.93
C LEU E 170 18.13 -29.75 32.71
N ASP E 171 18.98 -30.53 32.07
CA ASP E 171 19.65 -31.65 32.74
C ASP E 171 20.92 -31.23 33.48
N GLU E 172 21.47 -30.07 33.15
CA GLU E 172 22.65 -29.52 33.80
C GLU E 172 22.40 -28.04 34.06
N PRO E 173 23.12 -27.45 35.00
CA PRO E 173 23.11 -25.98 35.11
C PRO E 173 23.67 -25.34 33.85
N LEU E 174 23.00 -24.28 33.40
CA LEU E 174 23.40 -23.55 32.20
C LEU E 174 24.37 -22.45 32.60
N LEU E 175 25.47 -22.34 31.85
CA LEU E 175 26.54 -21.41 32.15
C LEU E 175 26.72 -20.46 30.98
N LYS E 176 26.38 -19.19 31.19
CA LYS E 176 26.56 -18.18 30.16
C LYS E 176 27.77 -17.32 30.52
N HIS E 177 28.68 -17.16 29.56
CA HIS E 177 30.00 -16.60 29.80
C HIS E 177 30.03 -15.11 29.45
N TRP E 178 30.89 -14.39 30.15
CA TRP E 178 31.16 -12.99 29.82
C TRP E 178 32.61 -12.68 30.13
N GLU E 179 33.29 -12.05 29.18
CA GLU E 179 34.60 -11.46 29.38
C GLU E 179 34.53 -10.02 28.90
N PHE E 180 35.55 -9.23 29.25
CA PHE E 180 35.55 -7.82 28.89
C PHE E 180 35.65 -7.62 27.39
N ASP E 181 36.58 -8.30 26.75
CA ASP E 181 36.55 -8.44 25.29
C ASP E 181 35.38 -9.33 24.90
N THR E 182 34.90 -9.14 23.67
CA THR E 182 33.73 -9.82 23.09
C THR E 182 32.49 -9.64 23.98
N SER E 183 32.14 -8.38 24.22
CA SER E 183 30.95 -8.05 24.98
C SER E 183 29.69 -8.05 24.13
N GLY E 184 29.80 -8.34 22.84
CA GLY E 184 28.65 -8.41 21.97
C GLY E 184 28.37 -9.82 21.50
N GLU E 185 27.29 -10.41 21.99
CA GLU E 185 26.84 -11.73 21.56
C GLU E 185 25.50 -11.68 20.84
N ASN E 186 25.13 -10.50 20.35
CA ASN E 186 23.82 -10.25 19.75
C ASN E 186 23.97 -10.29 18.23
N LEU E 187 23.37 -11.30 17.61
CA LEU E 187 23.39 -11.55 16.16
C LEU E 187 24.80 -11.58 15.55
N ALA F 2 -1.73 10.90 51.28
CA ALA F 2 -1.19 9.56 51.06
C ALA F 2 -1.95 8.85 49.95
N PRO F 3 -1.39 8.85 48.75
CA PRO F 3 -1.96 8.05 47.65
C PRO F 3 -1.90 6.56 47.96
N LYS F 4 -2.99 5.85 47.68
CA LYS F 4 -3.13 4.46 48.02
C LYS F 4 -3.51 3.62 46.80
N TYR F 5 -2.86 2.47 46.66
CA TYR F 5 -3.22 1.51 45.63
C TYR F 5 -4.30 0.58 46.18
N VAL F 6 -5.33 0.33 45.38
CA VAL F 6 -6.36 -0.60 45.77
C VAL F 6 -6.13 -1.92 45.06
N LYS F 7 -6.68 -2.98 45.64
CA LYS F 7 -6.54 -4.33 45.11
C LYS F 7 -7.86 -4.79 44.53
N GLN F 8 -7.79 -5.67 43.53
CA GLN F 8 -8.95 -6.39 43.05
C GLN F 8 -8.94 -7.77 43.69
N ASN F 9 -10.02 -8.10 44.39
CA ASN F 9 -10.08 -9.32 45.18
C ASN F 9 -10.12 -10.55 44.26
N THR F 10 -9.23 -11.49 44.52
CA THR F 10 -9.26 -12.76 43.81
C THR F 10 -10.48 -13.55 44.25
N LEU F 11 -11.17 -14.14 43.29
CA LEU F 11 -12.43 -14.83 43.57
C LEU F 11 -12.15 -16.26 43.98
N LYS F 12 -12.88 -16.71 45.00
CA LYS F 12 -12.79 -18.09 45.45
C LYS F 12 -13.43 -19.01 44.41
N LEU F 13 -12.79 -20.14 44.16
CA LEU F 13 -13.09 -20.96 42.99
C LEU F 13 -14.33 -21.81 43.23
N ALA F 14 -14.63 -22.69 42.28
CA ALA F 14 -15.78 -23.58 42.34
C ALA F 14 -15.32 -25.01 42.59
N THR F 15 -15.84 -25.64 43.64
CA THR F 15 -15.41 -26.96 44.09
C THR F 15 -15.96 -28.02 43.15
N SER F 16 -15.10 -28.52 42.26
CA SER F 16 -15.40 -29.49 41.20
C SER F 16 -16.66 -29.18 40.39
N GLY F 28 9.71 -32.38 47.71
CA GLY F 28 10.49 -31.15 47.69
C GLY F 28 11.23 -30.92 46.39
N ASP F 29 11.90 -31.97 45.91
CA ASP F 29 12.59 -31.92 44.62
C ASP F 29 12.21 -33.17 43.83
N THR F 30 12.16 -33.02 42.50
CA THR F 30 11.83 -34.04 41.50
C THR F 30 10.38 -34.56 41.69
N ARG F 31 9.55 -33.75 42.32
CA ARG F 31 8.14 -33.93 42.60
C ARG F 31 7.31 -33.19 41.54
N PRO F 32 6.04 -33.57 41.34
CA PRO F 32 5.19 -32.78 40.43
C PRO F 32 4.96 -31.38 40.97
N ARG F 33 4.81 -30.43 40.06
CA ARG F 33 4.71 -29.01 40.39
C ARG F 33 3.37 -28.48 39.92
N PHE F 34 2.71 -27.71 40.77
CA PHE F 34 1.38 -27.18 40.48
C PHE F 34 1.35 -25.68 40.72
N LEU F 35 0.91 -24.94 39.70
CA LEU F 35 0.97 -23.48 39.71
C LEU F 35 -0.37 -22.92 39.25
N GLU F 36 -0.88 -21.93 39.98
CA GLU F 36 -2.10 -21.21 39.61
C GLU F 36 -1.80 -19.72 39.60
N GLN F 37 -2.08 -19.05 38.49
CA GLN F 37 -1.81 -17.63 38.32
C GLN F 37 -3.10 -16.86 38.13
N VAL F 38 -3.15 -15.65 38.68
CA VAL F 38 -4.29 -14.74 38.54
C VAL F 38 -3.76 -13.37 38.13
N LYS F 39 -4.28 -12.84 37.02
CA LYS F 39 -3.85 -11.55 36.50
C LYS F 39 -5.06 -10.64 36.31
N HIS F 40 -5.12 -9.56 37.10
CA HIS F 40 -6.15 -8.52 36.94
C HIS F 40 -5.55 -7.40 36.10
N GLU F 41 -5.95 -7.33 34.83
CA GLU F 41 -5.34 -6.43 33.86
C GLU F 41 -6.22 -5.21 33.62
N CYS F 42 -5.59 -4.03 33.64
CA CYS F 42 -6.23 -2.77 33.28
C CYS F 42 -5.59 -2.26 32.00
N HIS F 43 -6.39 -2.08 30.95
CA HIS F 43 -5.90 -1.62 29.66
C HIS F 43 -6.46 -0.23 29.38
N PHE F 44 -5.58 0.70 29.04
CA PHE F 44 -5.94 2.10 28.87
C PHE F 44 -5.70 2.53 27.42
N PHE F 45 -6.68 3.25 26.86
CA PHE F 45 -6.57 3.82 25.52
C PHE F 45 -6.93 5.29 25.63
N ASN F 46 -6.14 6.14 24.94
CA ASN F 46 -6.29 7.60 24.95
C ASN F 46 -6.24 8.16 26.37
N GLY F 47 -5.32 7.62 27.16
CA GLY F 47 -5.27 7.98 28.57
C GLY F 47 -6.33 7.22 29.34
N THR F 48 -7.11 7.95 30.14
CA THR F 48 -8.21 7.37 30.90
C THR F 48 -9.53 7.38 30.13
N GLU F 49 -9.48 7.46 28.80
CA GLU F 49 -10.71 7.54 28.01
C GLU F 49 -11.38 6.17 27.88
N ARG F 50 -10.69 5.22 27.24
CA ARG F 50 -11.18 3.86 27.09
C ARG F 50 -10.42 2.96 28.05
N VAL F 51 -11.16 2.34 28.98
CA VAL F 51 -10.56 1.45 29.98
C VAL F 51 -11.22 0.08 29.85
N ARG F 52 -10.41 -0.95 29.65
CA ARG F 52 -10.87 -2.32 29.54
C ARG F 52 -10.32 -3.12 30.71
N PHE F 53 -11.22 -3.68 31.52
CA PHE F 53 -10.83 -4.54 32.63
C PHE F 53 -10.78 -5.98 32.16
N LEU F 54 -9.82 -6.75 32.70
CA LEU F 54 -9.61 -8.12 32.24
C LEU F 54 -9.12 -8.95 33.43
N ASP F 55 -10.08 -9.59 34.11
CA ASP F 55 -9.78 -10.46 35.25
C ASP F 55 -9.62 -11.88 34.75
N ARG F 56 -8.38 -12.37 34.71
CA ARG F 56 -8.04 -13.64 34.08
C ARG F 56 -7.43 -14.59 35.10
N TYR F 57 -7.85 -15.85 35.04
CA TYR F 57 -7.40 -16.89 35.96
C TYR F 57 -6.73 -18.00 35.16
N PHE F 58 -5.58 -18.47 35.64
CA PHE F 58 -4.73 -19.39 34.90
C PHE F 58 -4.36 -20.57 35.78
N TYR F 59 -4.36 -21.76 35.17
CA TYR F 59 -3.80 -22.96 35.78
C TYR F 59 -2.61 -23.39 34.94
N HIS F 60 -1.44 -23.45 35.57
CA HIS F 60 -0.12 -23.73 34.97
C HIS F 60 0.19 -22.61 33.98
N GLN F 61 0.38 -22.89 32.69
CA GLN F 61 0.66 -21.90 31.66
C GLN F 61 -0.54 -21.64 30.76
N GLU F 62 -1.75 -21.98 31.21
CA GLU F 62 -2.94 -21.92 30.38
C GLU F 62 -4.05 -21.20 31.12
N GLU F 63 -4.72 -20.29 30.40
CA GLU F 63 -5.87 -19.57 30.90
C GLU F 63 -7.12 -20.44 30.81
N TYR F 64 -7.94 -20.42 31.87
CA TYR F 64 -9.17 -21.19 31.87
C TYR F 64 -10.44 -20.37 31.98
N VAL F 65 -10.43 -19.19 32.62
CA VAL F 65 -11.62 -18.34 32.71
C VAL F 65 -11.18 -16.88 32.66
N ARG F 66 -12.09 -16.01 32.24
CA ARG F 66 -11.78 -14.60 32.03
C ARG F 66 -13.04 -13.76 32.16
N PHE F 67 -12.92 -12.63 32.84
CA PHE F 67 -13.93 -11.58 32.82
C PHE F 67 -13.44 -10.47 31.90
N ASP F 68 -14.20 -10.17 30.86
CA ASP F 68 -13.92 -9.06 29.98
C ASP F 68 -14.96 -7.98 30.26
N SER F 69 -14.50 -6.75 30.48
CA SER F 69 -15.42 -5.64 30.70
C SER F 69 -16.17 -5.25 29.43
N ASP F 70 -15.62 -5.56 28.25
CA ASP F 70 -16.37 -5.38 27.02
C ASP F 70 -17.43 -6.45 26.83
N VAL F 71 -17.34 -7.57 27.56
CA VAL F 71 -18.35 -8.61 27.52
C VAL F 71 -19.29 -8.50 28.71
N GLY F 72 -18.76 -8.21 29.90
CA GLY F 72 -19.59 -8.01 31.07
C GLY F 72 -19.93 -9.25 31.85
N GLU F 73 -19.35 -10.40 31.52
CA GLU F 73 -19.57 -11.63 32.27
C GLU F 73 -18.31 -12.47 32.27
N TYR F 74 -18.22 -13.35 33.26
CA TYR F 74 -17.14 -14.34 33.30
C TYR F 74 -17.41 -15.42 32.27
N ARG F 75 -16.51 -15.56 31.30
CA ARG F 75 -16.61 -16.59 30.27
C ARG F 75 -15.41 -17.51 30.35
N ALA F 76 -15.63 -18.78 29.98
CA ALA F 76 -14.58 -19.78 30.04
C ALA F 76 -13.69 -19.72 28.81
N VAL F 77 -12.38 -19.68 29.03
CA VAL F 77 -11.43 -19.64 27.93
C VAL F 77 -11.18 -21.04 27.40
N THR F 78 -11.08 -22.03 28.29
CA THR F 78 -11.04 -23.43 27.93
C THR F 78 -12.18 -24.16 28.63
N GLU F 79 -12.33 -25.45 28.29
CA GLU F 79 -13.41 -26.27 28.84
C GLU F 79 -13.24 -26.50 30.34
N LEU F 80 -12.00 -26.48 30.83
CA LEU F 80 -11.70 -26.72 32.23
C LEU F 80 -12.21 -25.62 33.16
N GLY F 81 -12.44 -24.41 32.65
CA GLY F 81 -12.86 -23.29 33.48
C GLY F 81 -14.34 -23.04 33.58
N ARG F 82 -15.15 -23.75 32.77
CA ARG F 82 -16.60 -23.58 32.73
C ARG F 82 -17.28 -23.65 34.10
N PRO F 83 -17.00 -24.65 34.99
CA PRO F 83 -17.64 -24.66 36.33
C PRO F 83 -17.42 -23.40 37.15
N ASP F 84 -16.28 -22.73 36.97
CA ASP F 84 -16.04 -21.51 37.74
C ASP F 84 -16.95 -20.39 37.25
N ALA F 85 -17.01 -20.21 35.91
CA ALA F 85 -17.68 -19.06 35.30
C ALA F 85 -19.16 -18.98 35.68
N GLU F 86 -19.85 -20.12 35.52
CA GLU F 86 -21.25 -20.28 35.90
C GLU F 86 -21.49 -19.89 37.35
N TYR F 87 -20.62 -20.35 38.26
CA TYR F 87 -20.77 -20.05 39.68
C TYR F 87 -20.63 -18.55 39.92
N TRP F 88 -19.64 -17.93 39.26
CA TRP F 88 -19.42 -16.51 39.50
C TRP F 88 -20.53 -15.72 38.83
N ASN F 89 -21.01 -16.21 37.69
CA ASN F 89 -22.11 -15.52 37.01
C ASN F 89 -23.46 -15.84 37.64
N SER F 90 -23.48 -16.60 38.73
CA SER F 90 -24.70 -16.74 39.50
C SER F 90 -24.87 -15.65 40.55
N GLN F 91 -23.87 -14.76 40.71
CA GLN F 91 -23.96 -13.70 41.71
C GLN F 91 -23.88 -12.33 41.02
N LYS F 92 -25.03 -11.63 40.95
CA LYS F 92 -25.09 -10.35 40.24
C LYS F 92 -24.32 -9.27 40.99
N ASP F 93 -24.30 -9.31 42.32
CA ASP F 93 -23.55 -8.33 43.11
C ASP F 93 -22.05 -8.44 42.86
N LEU F 94 -21.54 -9.67 42.73
CA LEU F 94 -20.13 -9.88 42.38
C LEU F 94 -19.83 -9.37 40.97
N LEU F 95 -20.73 -9.65 40.02
CA LEU F 95 -20.53 -9.20 38.64
C LEU F 95 -20.60 -7.69 38.53
N GLU F 96 -21.42 -7.03 39.36
CA GLU F 96 -21.43 -5.58 39.37
C GLU F 96 -20.14 -5.01 39.95
N GLN F 97 -19.52 -5.69 40.93
CA GLN F 97 -18.20 -5.28 41.39
C GLN F 97 -17.16 -5.41 40.29
N LYS F 98 -17.22 -6.52 39.53
CA LYS F 98 -16.28 -6.70 38.42
C LYS F 98 -16.50 -5.67 37.31
N ARG F 99 -17.76 -5.28 37.07
CA ARG F 99 -18.02 -4.26 36.07
C ARG F 99 -17.65 -2.86 36.56
N ALA F 100 -17.81 -2.60 37.87
CA ALA F 100 -17.44 -1.32 38.44
C ALA F 100 -15.96 -1.20 38.71
N ALA F 101 -15.21 -2.30 38.53
CA ALA F 101 -13.76 -2.24 38.66
C ALA F 101 -13.10 -1.31 37.65
N VAL F 102 -13.76 -1.08 36.49
CA VAL F 102 -13.25 -0.22 35.43
C VAL F 102 -13.00 1.21 35.94
N ASP F 103 -13.90 1.71 36.78
CA ASP F 103 -13.76 3.04 37.36
C ASP F 103 -13.19 3.02 38.77
N THR F 104 -13.54 2.03 39.60
CA THR F 104 -13.12 2.05 41.00
C THR F 104 -11.76 1.43 41.25
N TYR F 105 -11.25 0.61 40.34
CA TYR F 105 -9.96 -0.08 40.51
C TYR F 105 -8.98 0.31 39.41
N CYS F 106 -9.39 0.21 38.15
CA CYS F 106 -8.49 0.47 37.03
C CYS F 106 -8.19 1.96 36.92
N ARG F 107 -9.22 2.80 36.94
CA ARG F 107 -9.02 4.24 36.79
C ARG F 107 -8.46 4.87 38.06
N HIS F 108 -8.78 4.30 39.22
CA HIS F 108 -8.21 4.78 40.48
C HIS F 108 -6.70 4.55 40.51
N ASN F 109 -6.27 3.31 40.28
CA ASN F 109 -4.86 2.97 40.30
C ASN F 109 -4.08 3.56 39.13
N TYR F 110 -4.77 3.91 38.04
CA TYR F 110 -4.15 4.75 37.02
C TYR F 110 -3.89 6.14 37.57
N GLY F 111 -4.83 6.67 38.36
CA GLY F 111 -4.67 8.00 38.93
C GLY F 111 -3.55 8.09 39.94
N VAL F 112 -3.47 7.13 40.86
CA VAL F 112 -2.44 7.16 41.91
C VAL F 112 -1.22 6.42 41.34
N GLY F 113 -0.42 7.16 40.58
CA GLY F 113 0.70 6.56 39.90
C GLY F 113 0.96 7.17 38.53
N GLU F 114 0.06 8.05 38.09
CA GLU F 114 0.22 8.72 36.80
C GLU F 114 1.44 9.64 36.78
N SER F 115 1.83 10.16 37.95
CA SER F 115 2.97 11.08 38.02
C SER F 115 4.29 10.37 37.75
N PHE F 116 4.49 9.17 38.31
CA PHE F 116 5.79 8.51 38.24
C PHE F 116 5.85 7.33 37.29
N THR F 117 4.74 6.94 36.66
CA THR F 117 4.76 5.87 35.67
C THR F 117 4.45 6.37 34.26
N VAL F 118 3.31 7.05 34.08
CA VAL F 118 2.90 7.48 32.74
C VAL F 118 3.77 8.63 32.26
N GLN F 119 4.07 9.59 33.13
CA GLN F 119 4.85 10.77 32.78
C GLN F 119 6.30 10.65 33.25
N ARG F 120 6.84 9.44 33.29
CA ARG F 120 8.24 9.22 33.63
C ARG F 120 9.11 9.40 32.40
N ARG F 121 10.11 10.28 32.50
CA ARG F 121 11.06 10.52 31.41
C ARG F 121 12.49 10.38 31.93
N VAL F 122 13.29 9.58 31.25
CA VAL F 122 14.72 9.40 31.57
C VAL F 122 15.52 9.65 30.29
N TYR F 123 16.58 10.47 30.40
CA TYR F 123 17.43 10.79 29.24
C TYR F 123 18.19 9.57 28.77
N PRO F 124 18.19 9.27 27.46
CA PRO F 124 19.07 8.22 26.95
C PRO F 124 20.51 8.70 26.83
N GLU F 125 21.43 7.77 27.06
CA GLU F 125 22.85 8.00 26.87
C GLU F 125 23.28 7.25 25.62
N VAL F 126 23.89 7.97 24.67
CA VAL F 126 24.16 7.45 23.33
C VAL F 126 25.66 7.28 23.17
N THR F 127 26.07 6.11 22.65
CA THR F 127 27.47 5.79 22.42
C THR F 127 27.59 5.12 21.06
N VAL F 128 28.61 5.53 20.29
CA VAL F 128 28.89 4.94 18.98
C VAL F 128 30.29 4.35 19.02
N TYR F 129 30.40 3.06 18.73
CA TYR F 129 31.68 2.37 18.69
C TYR F 129 31.66 1.37 17.54
N PRO F 130 32.78 1.17 16.84
CA PRO F 130 32.85 0.12 15.83
C PRO F 130 33.25 -1.23 16.42
N ALA F 131 32.65 -2.29 15.87
CA ALA F 131 32.90 -3.64 16.36
C ALA F 131 33.31 -4.57 15.23
N LEU F 141 31.78 -2.66 10.75
CA LEU F 141 30.39 -2.46 11.13
C LEU F 141 30.34 -1.61 12.40
N LEU F 142 29.35 -0.73 12.49
CA LEU F 142 29.25 0.22 13.59
C LEU F 142 27.99 -0.02 14.43
N VAL F 143 28.10 0.28 15.72
CA VAL F 143 27.04 0.07 16.70
C VAL F 143 26.71 1.41 17.34
N CYS F 144 25.41 1.73 17.40
CA CYS F 144 24.93 2.91 18.14
C CYS F 144 24.19 2.40 19.37
N SER F 145 24.88 2.40 20.51
CA SER F 145 24.31 1.89 21.75
C SER F 145 23.60 3.01 22.50
N VAL F 146 22.30 2.84 22.69
CA VAL F 146 21.45 3.83 23.35
C VAL F 146 20.92 3.19 24.61
N ASN F 147 21.36 3.66 25.77
CA ASN F 147 21.09 2.97 27.02
C ASN F 147 20.42 3.89 28.03
N GLY F 148 19.60 3.28 28.89
CA GLY F 148 19.06 3.94 30.06
C GLY F 148 17.99 4.97 29.80
N PHE F 149 16.91 4.59 29.13
CA PHE F 149 15.84 5.53 28.80
C PHE F 149 14.49 4.92 29.14
N TYR F 150 13.51 5.81 29.34
CA TYR F 150 12.12 5.47 29.61
C TYR F 150 11.31 6.66 29.15
N PRO F 151 10.24 6.46 28.36
CA PRO F 151 9.65 5.19 27.90
C PRO F 151 10.36 4.56 26.70
N GLY F 152 9.79 3.48 26.19
CA GLY F 152 10.36 2.71 25.10
C GLY F 152 10.12 3.24 23.72
N SER F 153 9.36 4.32 23.57
CA SER F 153 9.14 4.91 22.25
C SER F 153 10.41 5.65 21.83
N ILE F 154 11.31 4.93 21.18
CA ILE F 154 12.60 5.47 20.76
C ILE F 154 12.70 5.33 19.24
N GLU F 155 13.42 6.26 18.61
CA GLU F 155 13.65 6.22 17.17
C GLU F 155 15.11 6.54 16.92
N VAL F 156 15.80 5.62 16.23
CA VAL F 156 17.23 5.73 15.98
C VAL F 156 17.44 5.77 14.46
N ARG F 157 18.17 6.79 14.00
CA ARG F 157 18.46 6.95 12.59
C ARG F 157 19.97 7.11 12.40
N TRP F 158 20.47 6.58 11.29
CA TRP F 158 21.89 6.62 10.94
C TRP F 158 22.08 7.55 9.75
N PHE F 159 22.75 8.68 9.98
CA PHE F 159 23.06 9.63 8.91
C PHE F 159 24.52 9.46 8.51
N ARG F 160 24.75 8.82 7.36
CA ARG F 160 26.08 8.71 6.79
C ARG F 160 26.31 9.90 5.87
N ASN F 161 27.21 10.80 6.29
CA ASN F 161 27.54 12.05 5.57
C ASN F 161 26.31 12.91 5.30
N GLY F 162 25.43 13.01 6.30
CA GLY F 162 24.21 13.79 6.17
C GLY F 162 23.13 13.17 5.32
N GLN F 163 23.22 11.87 5.04
CA GLN F 163 22.19 11.14 4.30
C GLN F 163 21.78 9.92 5.11
N GLU F 164 20.47 9.77 5.33
CA GLU F 164 19.96 8.70 6.17
C GLU F 164 20.05 7.36 5.46
N GLU F 165 20.73 6.40 6.09
CA GLU F 165 20.74 5.03 5.60
C GLU F 165 19.50 4.30 6.11
N LYS F 166 18.67 3.84 5.19
CA LYS F 166 17.56 2.96 5.52
C LYS F 166 17.80 1.52 5.10
N THR F 167 18.95 1.22 4.51
CA THR F 167 19.29 -0.10 4.00
C THR F 167 20.65 -0.49 4.57
N GLY F 168 20.65 -1.32 5.60
CA GLY F 168 21.87 -1.73 6.26
C GLY F 168 21.80 -1.51 7.74
N VAL F 169 20.58 -1.25 8.24
CA VAL F 169 20.33 -1.01 9.65
C VAL F 169 19.65 -2.26 10.20
N VAL F 170 20.26 -2.86 11.22
CA VAL F 170 19.63 -3.95 11.97
C VAL F 170 19.62 -3.54 13.44
N SER F 171 18.46 -3.68 14.08
CA SER F 171 18.27 -3.28 15.47
C SER F 171 18.05 -4.52 16.34
N THR F 172 18.59 -4.48 17.55
CA THR F 172 18.30 -5.50 18.54
C THR F 172 16.89 -5.37 19.13
N GLY F 173 16.21 -4.26 18.87
CA GLY F 173 14.91 -4.02 19.46
C GLY F 173 15.03 -3.44 20.85
N LEU F 174 13.87 -3.19 21.45
CA LEU F 174 13.83 -2.66 22.80
C LEU F 174 14.18 -3.78 23.78
N ILE F 175 15.16 -3.52 24.65
CA ILE F 175 15.64 -4.51 25.61
C ILE F 175 15.41 -3.96 27.00
N GLN F 176 14.64 -4.68 27.80
CA GLN F 176 14.30 -4.26 29.15
C GLN F 176 15.42 -4.63 30.13
N ASN F 177 15.81 -3.67 30.97
CA ASN F 177 16.81 -3.91 32.00
C ASN F 177 16.21 -4.23 33.36
N GLY F 178 14.95 -3.86 33.60
CA GLY F 178 14.32 -4.05 34.89
C GLY F 178 14.53 -2.91 35.87
N ASP F 179 15.33 -1.91 35.51
CA ASP F 179 15.51 -0.72 36.34
C ASP F 179 14.55 0.40 35.95
N TRP F 180 13.44 0.06 35.29
CA TRP F 180 12.58 1.00 34.55
C TRP F 180 13.40 1.81 33.55
N THR F 181 14.35 1.13 32.90
CA THR F 181 15.19 1.70 31.85
C THR F 181 15.30 0.67 30.74
N PHE F 182 15.26 1.15 29.49
CA PHE F 182 15.45 0.29 28.33
C PHE F 182 16.81 0.56 27.70
N GLN F 183 17.20 -0.33 26.81
CA GLN F 183 18.42 -0.16 26.04
C GLN F 183 18.24 -0.79 24.68
N THR F 184 19.00 -0.31 23.71
CA THR F 184 18.96 -0.83 22.36
C THR F 184 20.27 -0.52 21.67
N LEU F 185 20.69 -1.41 20.78
CA LEU F 185 21.95 -1.29 20.05
C LEU F 185 21.63 -1.40 18.56
N VAL F 186 21.47 -0.26 17.90
CA VAL F 186 21.15 -0.22 16.48
C VAL F 186 22.46 -0.25 15.72
N MET F 187 22.61 -1.23 14.83
CA MET F 187 23.86 -1.48 14.13
C MET F 187 23.72 -1.03 12.68
N LEU F 188 24.81 -0.53 12.10
CA LEU F 188 24.83 -0.02 10.73
C LEU F 188 25.94 -0.72 9.95
N GLU F 189 25.55 -1.44 8.90
CA GLU F 189 26.48 -2.21 8.08
C GLU F 189 27.00 -1.34 6.94
N THR F 190 28.18 -0.74 7.13
CA THR F 190 28.80 0.09 6.11
C THR F 190 30.26 -0.26 5.89
N VAL F 191 30.95 0.55 5.07
CA VAL F 191 32.38 0.40 4.78
C VAL F 191 33.05 1.73 5.12
N PRO F 192 33.32 2.02 6.40
CA PRO F 192 33.93 3.32 6.74
C PRO F 192 35.41 3.38 6.37
N ARG F 193 35.78 4.43 5.62
CA ARG F 193 37.15 4.68 5.21
C ARG F 193 37.25 6.12 4.73
N SER F 194 38.50 6.61 4.70
CA SER F 194 38.85 7.96 4.23
C SER F 194 38.10 9.08 4.96
N GLY F 195 38.02 8.98 6.28
CA GLY F 195 37.49 10.07 7.08
C GLY F 195 36.02 10.38 6.90
N GLU F 196 35.22 9.41 6.49
CA GLU F 196 33.79 9.62 6.33
C GLU F 196 33.11 9.79 7.68
N VAL F 197 32.35 10.86 7.81
CA VAL F 197 31.67 11.19 9.06
C VAL F 197 30.33 10.46 9.10
N TYR F 198 30.09 9.74 10.19
CA TYR F 198 28.86 9.00 10.40
C TYR F 198 28.14 9.60 11.60
N THR F 199 26.82 9.67 11.53
CA THR F 199 26.03 10.33 12.57
C THR F 199 24.87 9.44 12.97
N CYS F 200 24.64 9.33 14.28
CA CYS F 200 23.51 8.59 14.83
C CYS F 200 22.62 9.57 15.57
N GLN F 201 21.31 9.47 15.34
CA GLN F 201 20.34 10.39 15.92
C GLN F 201 19.32 9.61 16.74
N VAL F 202 18.96 10.17 17.90
CA VAL F 202 18.03 9.54 18.84
C VAL F 202 16.85 10.47 19.05
N GLU F 203 15.64 9.93 18.91
CA GLU F 203 14.40 10.64 19.16
C GLU F 203 13.73 10.01 20.37
N HIS F 204 13.49 10.80 21.42
CA HIS F 204 12.93 10.27 22.65
C HIS F 204 12.06 11.34 23.30
N PRO F 205 10.97 10.96 23.97
CA PRO F 205 10.15 11.94 24.69
C PRO F 205 10.85 12.65 25.83
N SER F 206 11.90 12.07 26.42
CA SER F 206 12.65 12.77 27.45
C SER F 206 13.55 13.86 26.89
N LEU F 207 13.77 13.90 25.59
CA LEU F 207 14.60 14.91 24.96
C LEU F 207 13.71 16.03 24.42
N THR F 208 14.10 17.28 24.69
CA THR F 208 13.42 18.43 24.12
C THR F 208 13.87 18.72 22.69
N SER F 209 14.93 18.07 22.23
CA SER F 209 15.49 18.25 20.90
C SER F 209 16.22 16.96 20.54
N PRO F 210 16.34 16.61 19.26
CA PRO F 210 17.03 15.38 18.88
C PRO F 210 18.51 15.40 19.23
N LEU F 211 19.03 14.23 19.60
CA LEU F 211 20.39 14.05 20.07
C LEU F 211 21.23 13.41 18.99
N THR F 212 22.39 14.01 18.70
CA THR F 212 23.25 13.55 17.62
C THR F 212 24.68 13.35 18.12
N VAL F 213 25.33 12.29 17.64
CA VAL F 213 26.72 12.01 17.94
C VAL F 213 27.41 11.60 16.64
N GLU F 214 28.60 12.15 16.39
CA GLU F 214 29.33 11.93 15.15
C GLU F 214 30.65 11.21 15.42
N TRP F 215 31.00 10.28 14.53
CA TRP F 215 32.22 9.50 14.61
C TRP F 215 32.94 9.59 13.26
N ARG F 216 34.27 9.61 13.30
CA ARG F 216 35.09 9.64 12.10
C ARG F 216 36.23 8.65 12.29
N ALA F 217 36.76 8.15 11.17
CA ALA F 217 37.86 7.18 11.16
C ALA F 217 39.13 7.71 11.82
N GLN G 1 14.62 -10.18 9.53
CA GLN G 1 13.63 -10.99 10.23
C GLN G 1 14.06 -12.46 10.25
N VAL G 2 13.44 -13.25 11.10
CA VAL G 2 13.82 -14.65 11.28
C VAL G 2 13.33 -15.46 10.08
N GLN G 3 14.28 -15.94 9.27
CA GLN G 3 13.99 -16.77 8.10
C GLN G 3 14.98 -17.92 8.04
N LEU G 4 14.49 -19.07 7.59
CA LEU G 4 15.32 -20.24 7.29
C LEU G 4 15.01 -20.68 5.86
N GLN G 5 16.05 -20.95 5.08
CA GLN G 5 15.89 -21.16 3.64
C GLN G 5 16.68 -22.39 3.22
N GLU G 6 15.98 -23.40 2.72
CA GLU G 6 16.60 -24.63 2.24
C GLU G 6 17.04 -24.49 0.80
N SER G 7 18.09 -25.23 0.43
CA SER G 7 18.62 -25.20 -0.92
C SER G 7 19.26 -26.53 -1.25
N GLY G 8 19.12 -26.97 -2.49
CA GLY G 8 19.67 -28.22 -2.94
C GLY G 8 19.29 -28.60 -4.36
N PRO G 9 19.67 -29.83 -4.78
CA PRO G 9 19.56 -30.20 -6.20
C PRO G 9 18.15 -30.51 -6.70
N GLY G 10 17.38 -31.28 -5.93
CA GLY G 10 16.06 -31.68 -6.37
C GLY G 10 15.99 -33.08 -6.96
N LEU G 11 16.98 -33.46 -7.77
CA LEU G 11 17.04 -34.78 -8.38
C LEU G 11 18.40 -35.41 -8.12
N VAL G 12 18.40 -36.56 -7.43
CA VAL G 12 19.61 -37.33 -7.16
C VAL G 12 19.36 -38.77 -7.62
N LYS G 13 20.32 -39.34 -8.35
CA LYS G 13 20.25 -40.76 -8.66
C LYS G 13 20.54 -41.59 -7.40
N PRO G 14 20.02 -42.82 -7.33
CA PRO G 14 20.33 -43.68 -6.17
C PRO G 14 21.80 -44.06 -6.10
N SER G 15 22.23 -44.35 -4.88
CA SER G 15 23.59 -44.65 -4.40
C SER G 15 24.52 -43.45 -4.43
N GLU G 16 24.04 -42.26 -4.80
CA GLU G 16 24.84 -41.06 -4.71
C GLU G 16 24.68 -40.43 -3.33
N THR G 17 25.25 -39.25 -3.12
CA THR G 17 25.13 -38.51 -1.87
C THR G 17 24.31 -37.25 -2.10
N LEU G 18 23.22 -37.12 -1.35
CA LEU G 18 22.42 -35.90 -1.34
C LEU G 18 23.05 -34.87 -0.41
N SER G 19 23.10 -33.62 -0.87
CA SER G 19 23.71 -32.52 -0.12
C SER G 19 22.79 -31.31 -0.13
N LEU G 20 22.32 -30.90 1.06
CA LEU G 20 21.41 -29.79 1.22
C LEU G 20 22.03 -28.75 2.15
N THR G 21 21.71 -27.47 1.93
CA THR G 21 22.16 -26.39 2.79
C THR G 21 21.00 -25.53 3.24
N CYS G 22 20.98 -25.19 4.53
CA CYS G 22 19.99 -24.29 5.12
C CYS G 22 20.70 -22.99 5.48
N THR G 23 20.36 -21.92 4.75
CA THR G 23 20.87 -20.59 5.02
C THR G 23 19.86 -19.83 5.87
N VAL G 24 20.33 -19.24 6.97
CA VAL G 24 19.44 -18.62 7.94
C VAL G 24 19.72 -17.13 8.02
N SER G 25 18.73 -16.40 8.54
CA SER G 25 18.86 -14.97 8.78
C SER G 25 17.91 -14.57 9.90
N GLY G 26 18.21 -13.45 10.54
CA GLY G 26 17.41 -12.94 11.64
C GLY G 26 17.80 -13.47 13.01
N PHE G 27 18.68 -14.45 13.09
CA PHE G 27 19.13 -14.98 14.37
C PHE G 27 20.57 -15.44 14.22
N SER G 28 21.17 -15.83 15.34
CA SER G 28 22.58 -16.17 15.41
C SER G 28 22.72 -17.68 15.56
N LEU G 29 23.60 -18.28 14.75
CA LEU G 29 23.86 -19.71 14.83
C LEU G 29 24.74 -20.09 16.01
N THR G 30 25.35 -19.12 16.69
CA THR G 30 26.08 -19.38 17.93
C THR G 30 25.18 -19.38 19.15
N SER G 31 23.96 -18.85 19.03
CA SER G 31 22.99 -18.86 20.12
C SER G 31 21.81 -19.80 19.87
N TYR G 32 21.67 -20.33 18.65
CA TYR G 32 20.54 -21.14 18.28
C TYR G 32 21.02 -22.41 17.59
N GLY G 33 20.28 -23.50 17.77
CA GLY G 33 20.53 -24.72 17.05
C GLY G 33 19.43 -24.98 16.04
N VAL G 34 19.69 -25.80 15.05
CA VAL G 34 18.70 -26.07 14.00
C VAL G 34 18.51 -27.56 13.82
N HIS G 35 17.26 -27.94 13.56
CA HIS G 35 16.81 -29.30 13.35
C HIS G 35 16.57 -29.54 11.85
N TRP G 36 16.78 -30.79 11.44
CA TRP G 36 16.47 -31.25 10.09
C TRP G 36 15.37 -32.29 10.20
N ILE G 37 14.26 -32.06 9.48
CA ILE G 37 13.07 -32.92 9.48
C ILE G 37 12.65 -33.12 8.02
N ARG G 38 12.39 -34.37 7.63
CA ARG G 38 11.96 -34.66 6.28
C ARG G 38 10.56 -35.26 6.25
N GLN G 39 9.85 -35.00 5.16
CA GLN G 39 8.46 -35.43 4.97
C GLN G 39 8.33 -36.06 3.59
N PRO G 40 8.17 -37.39 3.50
CA PRO G 40 7.84 -38.01 2.20
C PRO G 40 6.52 -37.52 1.67
N PRO G 41 6.39 -37.39 0.34
CA PRO G 41 5.14 -36.85 -0.24
C PRO G 41 3.96 -37.79 -0.01
N GLY G 42 2.90 -37.24 0.57
CA GLY G 42 1.72 -37.98 0.94
C GLY G 42 1.73 -38.51 2.36
N LYS G 43 2.90 -38.89 2.86
CA LYS G 43 3.05 -39.46 4.19
C LYS G 43 3.45 -38.36 5.19
N GLY G 44 3.81 -38.77 6.40
CA GLY G 44 4.07 -37.85 7.49
C GLY G 44 5.48 -37.33 7.54
N LEU G 45 5.85 -36.81 8.71
CA LEU G 45 7.14 -36.17 8.95
C LEU G 45 8.09 -37.09 9.69
N GLU G 46 9.39 -36.90 9.46
CA GLU G 46 10.44 -37.71 10.09
C GLU G 46 11.60 -36.83 10.47
N TRP G 47 11.98 -36.87 11.75
CA TRP G 47 13.09 -36.07 12.27
C TRP G 47 14.41 -36.69 11.85
N ILE G 48 15.24 -35.93 11.14
CA ILE G 48 16.56 -36.41 10.76
C ILE G 48 17.58 -36.15 11.86
N GLY G 49 17.69 -34.91 12.32
CA GLY G 49 18.74 -34.65 13.29
C GLY G 49 18.70 -33.23 13.82
N VAL G 50 19.64 -32.94 14.73
CA VAL G 50 19.86 -31.59 15.24
C VAL G 50 21.35 -31.27 15.20
N ILE G 51 21.63 -29.98 15.05
CA ILE G 51 22.95 -29.39 15.32
C ILE G 51 22.71 -28.20 16.23
N TRP G 52 23.18 -28.30 17.48
CA TRP G 52 22.91 -27.28 18.47
C TRP G 52 23.84 -26.08 18.29
N ALA G 53 23.63 -25.06 19.13
CA ALA G 53 24.43 -23.85 19.06
C ALA G 53 25.87 -24.10 19.47
N GLY G 54 26.09 -25.00 20.43
CA GLY G 54 27.41 -25.37 20.87
C GLY G 54 28.14 -26.36 20.00
N GLY G 55 27.54 -26.78 18.88
CA GLY G 55 28.16 -27.74 17.99
C GLY G 55 27.81 -29.18 18.25
N SER G 56 26.99 -29.47 19.26
CA SER G 56 26.54 -30.84 19.51
C SER G 56 25.60 -31.30 18.40
N ILE G 57 25.86 -32.50 17.87
CA ILE G 57 25.11 -33.04 16.74
C ILE G 57 24.43 -34.32 17.20
N ASN G 58 23.14 -34.44 16.92
CA ASN G 58 22.40 -35.66 17.26
C ASN G 58 21.65 -36.18 16.04
N TYR G 59 21.89 -37.44 15.69
CA TYR G 59 21.23 -38.10 14.57
C TYR G 59 20.18 -39.08 15.05
N ASN G 60 19.40 -39.57 14.08
CA ASN G 60 18.48 -40.67 14.29
C ASN G 60 19.20 -41.97 13.96
N SER G 61 18.85 -43.03 14.69
CA SER G 61 19.60 -44.28 14.57
C SER G 61 19.39 -44.96 13.22
N ALA G 62 18.17 -44.88 12.66
CA ALA G 62 17.82 -45.57 11.43
C ALA G 62 18.64 -45.08 10.24
N LEU G 63 19.02 -43.80 10.26
CA LEU G 63 19.84 -43.21 9.22
C LEU G 63 21.21 -42.80 9.76
N MET G 64 21.63 -43.40 10.90
CA MET G 64 22.83 -42.95 11.63
C MET G 64 24.10 -43.01 10.78
N SER G 65 24.29 -44.12 10.06
CA SER G 65 25.46 -44.24 9.20
C SER G 65 25.42 -43.29 8.01
N ARG G 66 24.24 -42.81 7.60
CA ARG G 66 24.14 -42.08 6.35
C ARG G 66 23.98 -40.58 6.51
N VAL G 67 23.83 -40.05 7.72
CA VAL G 67 23.51 -38.64 7.93
C VAL G 67 24.73 -37.92 8.50
N THR G 68 25.11 -36.82 7.85
CA THR G 68 26.16 -35.93 8.36
C THR G 68 25.62 -34.51 8.37
N ILE G 69 25.55 -33.89 9.54
CA ILE G 69 25.06 -32.52 9.68
C ILE G 69 26.19 -31.67 10.25
N SER G 70 26.58 -30.64 9.51
CA SER G 70 27.63 -29.72 9.90
C SER G 70 27.10 -28.29 9.88
N LYS G 71 27.94 -27.35 10.33
CA LYS G 71 27.52 -25.97 10.54
C LYS G 71 28.66 -25.03 10.18
N ASP G 72 28.38 -24.07 9.29
CA ASP G 72 29.25 -22.94 9.00
C ASP G 72 28.58 -21.70 9.58
N THR G 73 29.07 -21.27 10.76
CA THR G 73 28.55 -20.06 11.38
C THR G 73 28.97 -18.80 10.63
N SER G 74 30.08 -18.86 9.89
CA SER G 74 30.58 -17.69 9.16
C SER G 74 29.62 -17.29 8.04
N LYS G 75 29.09 -18.26 7.30
CA LYS G 75 28.17 -17.98 6.21
C LYS G 75 26.71 -18.17 6.60
N ASN G 76 26.44 -18.38 7.90
CA ASN G 76 25.09 -18.60 8.46
C ASN G 76 24.37 -19.76 7.78
N GLN G 77 25.08 -20.87 7.56
CA GLN G 77 24.49 -22.00 6.86
C GLN G 77 24.79 -23.29 7.60
N VAL G 78 23.94 -24.29 7.37
CA VAL G 78 24.05 -25.60 8.00
C VAL G 78 23.84 -26.65 6.91
N SER G 79 24.73 -27.63 6.83
CA SER G 79 24.74 -28.59 5.75
C SER G 79 24.30 -29.97 6.24
N LEU G 80 23.50 -30.64 5.40
CA LEU G 80 23.02 -32.00 5.67
C LEU G 80 23.35 -32.88 4.47
N LYS G 81 24.03 -33.99 4.73
CA LYS G 81 24.41 -34.95 3.69
C LYS G 81 23.81 -36.31 4.01
N LEU G 82 23.17 -36.91 3.01
CA LEU G 82 22.64 -38.26 3.08
C LEU G 82 23.40 -39.13 2.08
N SER G 83 24.12 -40.14 2.57
CA SER G 83 24.85 -41.05 1.71
C SER G 83 23.99 -42.26 1.36
N SER G 84 24.15 -42.75 0.12
CA SER G 84 23.48 -43.94 -0.42
C SER G 84 21.96 -43.78 -0.37
N VAL G 85 21.48 -42.81 -1.15
CA VAL G 85 20.06 -42.47 -1.17
C VAL G 85 19.27 -43.57 -1.88
N THR G 86 18.12 -43.92 -1.30
CA THR G 86 17.16 -44.83 -1.91
C THR G 86 15.90 -44.05 -2.28
N ALA G 87 14.92 -44.76 -2.83
CA ALA G 87 13.66 -44.13 -3.24
C ALA G 87 12.81 -43.70 -2.05
N ALA G 88 13.06 -44.24 -0.86
CA ALA G 88 12.39 -43.77 0.35
C ALA G 88 12.86 -42.38 0.78
N ASP G 89 14.04 -41.94 0.31
CA ASP G 89 14.59 -40.65 0.66
C ASP G 89 14.04 -39.49 -0.16
N THR G 90 13.13 -39.76 -1.10
CA THR G 90 12.42 -38.69 -1.79
C THR G 90 11.47 -38.00 -0.82
N ALA G 91 11.71 -36.72 -0.54
CA ALA G 91 10.97 -36.03 0.51
C ALA G 91 11.12 -34.52 0.36
N VAL G 92 10.27 -33.81 1.09
CA VAL G 92 10.41 -32.39 1.32
C VAL G 92 11.19 -32.22 2.63
N TYR G 93 12.34 -31.56 2.54
CA TYR G 93 13.25 -31.41 3.66
C TYR G 93 13.10 -30.01 4.23
N TYR G 94 13.05 -29.95 5.57
CA TYR G 94 12.78 -28.74 6.33
C TYR G 94 13.91 -28.55 7.34
N CYS G 95 14.36 -27.31 7.50
CA CYS G 95 15.21 -26.92 8.61
C CYS G 95 14.42 -26.00 9.53
N ALA G 96 14.43 -26.32 10.82
CA ALA G 96 13.71 -25.57 11.84
C ALA G 96 14.67 -25.12 12.93
N ARG G 97 14.21 -24.24 13.81
CA ARG G 97 15.07 -23.60 14.80
C ARG G 97 14.64 -23.92 16.21
N ALA G 98 15.62 -24.11 17.10
CA ALA G 98 15.41 -24.28 18.52
C ALA G 98 16.52 -23.53 19.26
N TYR G 99 16.27 -23.21 20.53
CA TYR G 99 17.22 -22.42 21.29
C TYR G 99 18.22 -23.32 22.01
N GLY G 100 19.47 -22.87 22.05
CA GLY G 100 20.44 -23.45 22.96
C GLY G 100 20.99 -24.79 22.55
N ASP G 101 21.25 -25.66 23.55
CA ASP G 101 21.88 -26.95 23.31
C ASP G 101 21.15 -28.07 24.04
N TYR G 102 19.83 -27.99 24.17
CA TYR G 102 19.08 -29.03 24.86
C TYR G 102 17.77 -29.32 24.14
N VAL G 103 17.35 -30.58 24.21
CA VAL G 103 16.19 -31.07 23.47
C VAL G 103 14.87 -30.53 24.03
N HIS G 104 14.83 -30.14 25.30
CA HIS G 104 13.59 -29.65 25.89
C HIS G 104 13.26 -28.22 25.50
N TYR G 105 14.14 -27.56 24.75
CA TYR G 105 13.83 -26.25 24.16
C TYR G 105 12.98 -26.46 22.91
N ALA G 106 11.88 -25.72 22.80
CA ALA G 106 10.89 -25.95 21.77
C ALA G 106 11.37 -25.46 20.40
N MET G 107 10.79 -26.07 19.36
CA MET G 107 11.07 -25.74 17.97
C MET G 107 10.13 -24.61 17.53
N ASP G 108 10.70 -23.51 17.05
CA ASP G 108 9.92 -22.28 16.88
C ASP G 108 9.58 -21.92 15.44
N TYR G 109 10.57 -21.73 14.57
CA TYR G 109 10.34 -21.28 13.20
C TYR G 109 10.88 -22.29 12.19
N TRP G 110 9.98 -22.98 11.50
CA TRP G 110 10.31 -23.91 10.45
C TRP G 110 10.70 -23.17 9.17
N GLY G 111 11.45 -23.86 8.31
CA GLY G 111 11.78 -23.34 6.99
C GLY G 111 10.79 -23.79 5.93
N GLN G 112 10.86 -23.15 4.75
CA GLN G 112 9.85 -23.35 3.72
C GLN G 112 9.93 -24.74 3.09
N GLY G 113 11.13 -25.32 3.03
CA GLY G 113 11.29 -26.70 2.57
C GLY G 113 11.65 -26.87 1.12
N THR G 114 12.53 -27.82 0.82
CA THR G 114 12.90 -28.13 -0.55
C THR G 114 12.57 -29.59 -0.88
N LEU G 115 12.20 -29.86 -2.12
CA LEU G 115 11.82 -31.21 -2.53
C LEU G 115 12.99 -31.89 -3.22
N VAL G 116 13.35 -33.08 -2.74
CA VAL G 116 14.36 -33.91 -3.37
C VAL G 116 13.69 -35.20 -3.84
N THR G 117 13.79 -35.47 -5.14
CA THR G 117 13.25 -36.69 -5.73
C THR G 117 14.41 -37.61 -6.10
N VAL G 118 14.43 -38.80 -5.51
CA VAL G 118 15.47 -39.77 -5.77
C VAL G 118 14.97 -40.72 -6.85
N SER G 119 15.52 -40.58 -8.05
CA SER G 119 15.19 -41.44 -9.17
C SER G 119 16.37 -41.46 -10.13
N SER G 120 16.53 -42.57 -10.85
CA SER G 120 17.61 -42.74 -11.80
C SER G 120 17.27 -42.18 -13.18
N ALA G 121 16.09 -41.61 -13.36
CA ALA G 121 15.67 -41.10 -14.65
C ALA G 121 16.27 -39.72 -14.91
N SER G 122 16.28 -39.33 -16.18
CA SER G 122 16.82 -38.05 -16.60
C SER G 122 15.76 -36.96 -16.50
N THR G 123 16.22 -35.72 -16.39
CA THR G 123 15.32 -34.58 -16.38
C THR G 123 14.76 -34.32 -17.78
N LYS G 124 13.62 -33.64 -17.81
CA LYS G 124 12.97 -33.30 -19.07
C LYS G 124 12.12 -32.05 -18.87
N GLY G 125 12.25 -31.10 -19.79
CA GLY G 125 11.51 -29.86 -19.73
C GLY G 125 10.03 -30.06 -20.08
N PRO G 126 9.19 -29.12 -19.65
CA PRO G 126 7.76 -29.25 -19.90
C PRO G 126 7.29 -28.56 -21.18
N SER G 127 6.33 -29.20 -21.84
CA SER G 127 5.62 -28.58 -22.95
C SER G 127 4.39 -27.87 -22.43
N VAL G 128 4.21 -26.61 -22.84
CA VAL G 128 3.10 -25.79 -22.38
C VAL G 128 2.14 -25.61 -23.55
N PHE G 129 0.87 -25.97 -23.33
CA PHE G 129 -0.14 -25.78 -24.36
C PHE G 129 -1.27 -24.91 -23.85
N PRO G 130 -1.82 -24.03 -24.68
CA PRO G 130 -2.94 -23.20 -24.21
C PRO G 130 -4.25 -23.97 -24.19
N LEU G 131 -5.04 -23.73 -23.15
CA LEU G 131 -6.40 -24.23 -23.02
C LEU G 131 -7.29 -23.02 -23.28
N ALA G 132 -7.66 -22.85 -24.55
CA ALA G 132 -8.21 -21.60 -25.02
C ALA G 132 -9.64 -21.39 -24.52
N PRO G 133 -10.03 -20.16 -24.18
CA PRO G 133 -11.44 -19.89 -23.88
C PRO G 133 -12.25 -19.92 -25.17
N SER G 134 -13.53 -20.27 -25.03
CA SER G 134 -14.36 -20.50 -26.20
C SER G 134 -15.82 -20.26 -25.82
N SER G 135 -16.70 -20.55 -26.78
CA SER G 135 -18.13 -20.60 -26.48
C SER G 135 -18.48 -21.79 -25.60
N LYS G 136 -17.68 -22.87 -25.67
CA LYS G 136 -17.92 -24.04 -24.85
C LYS G 136 -17.55 -23.79 -23.39
N SER G 137 -16.59 -22.91 -23.13
CA SER G 137 -16.09 -22.65 -21.78
C SER G 137 -16.46 -21.26 -21.26
N THR G 138 -17.65 -20.78 -21.63
CA THR G 138 -18.13 -19.48 -21.18
C THR G 138 -19.57 -19.64 -20.68
N SER G 139 -19.75 -19.68 -19.36
CA SER G 139 -21.06 -19.85 -18.74
C SER G 139 -21.58 -18.48 -18.32
N GLY G 140 -22.35 -17.84 -19.20
CA GLY G 140 -22.95 -16.55 -18.92
C GLY G 140 -21.97 -15.40 -18.80
N GLY G 141 -21.79 -14.88 -17.59
CA GLY G 141 -20.89 -13.77 -17.38
C GLY G 141 -19.54 -14.16 -16.84
N THR G 142 -19.06 -15.34 -17.21
CA THR G 142 -17.72 -15.78 -16.84
C THR G 142 -17.20 -16.77 -17.88
N ALA G 143 -15.91 -16.71 -18.13
CA ALA G 143 -15.21 -17.60 -19.05
C ALA G 143 -13.99 -18.17 -18.33
N ALA G 144 -13.46 -19.26 -18.87
CA ALA G 144 -12.33 -19.94 -18.27
C ALA G 144 -11.24 -20.16 -19.32
N LEU G 145 -9.98 -19.93 -18.92
CA LEU G 145 -8.86 -20.18 -19.81
C LEU G 145 -7.69 -20.71 -18.99
N GLY G 146 -6.86 -21.55 -19.62
CA GLY G 146 -5.80 -22.16 -18.85
C GLY G 146 -4.54 -22.57 -19.60
N CYS G 147 -3.66 -23.28 -18.91
CA CYS G 147 -2.41 -23.77 -19.47
C CYS G 147 -2.20 -25.21 -19.04
N LEU G 148 -1.87 -26.07 -20.00
CA LEU G 148 -1.59 -27.48 -19.76
C LEU G 148 -0.07 -27.68 -19.80
N VAL G 149 0.50 -28.00 -18.65
CA VAL G 149 1.94 -28.21 -18.50
C VAL G 149 2.18 -29.71 -18.49
N LYS G 150 2.78 -30.23 -19.56
CA LYS G 150 2.76 -31.66 -19.86
C LYS G 150 4.18 -32.18 -20.04
N ASP G 151 4.39 -33.45 -19.66
CA ASP G 151 5.57 -34.26 -20.01
C ASP G 151 6.87 -33.65 -19.46
N TYR G 152 6.97 -33.61 -18.14
CA TYR G 152 8.18 -33.13 -17.48
C TYR G 152 8.58 -34.06 -16.35
N PHE G 153 9.85 -33.94 -15.94
CA PHE G 153 10.44 -34.66 -14.83
C PHE G 153 11.64 -33.87 -14.32
N PRO G 154 11.81 -33.71 -13.00
CA PRO G 154 10.87 -34.00 -11.92
C PRO G 154 10.10 -32.76 -11.46
N GLU G 155 9.44 -32.90 -10.31
CA GLU G 155 8.75 -31.80 -9.66
C GLU G 155 9.76 -30.78 -9.12
N PRO G 156 9.35 -29.50 -8.95
CA PRO G 156 8.08 -28.85 -9.31
C PRO G 156 8.14 -27.85 -10.46
N VAL G 157 6.97 -27.49 -10.97
CA VAL G 157 6.81 -26.34 -11.85
C VAL G 157 5.98 -25.30 -11.11
N THR G 158 6.25 -24.03 -11.41
CA THR G 158 5.47 -22.93 -10.87
C THR G 158 4.82 -22.16 -12.00
N VAL G 159 3.52 -21.92 -11.88
CA VAL G 159 2.75 -21.21 -12.90
C VAL G 159 2.18 -19.95 -12.28
N SER G 160 2.49 -18.81 -12.89
CA SER G 160 1.89 -17.53 -12.53
C SER G 160 1.11 -17.00 -13.73
N TRP G 161 0.28 -15.98 -13.49
CA TRP G 161 -0.58 -15.43 -14.52
C TRP G 161 -0.31 -13.93 -14.65
N ASN G 162 0.01 -13.49 -15.87
CA ASN G 162 0.32 -12.10 -16.23
C ASN G 162 1.46 -11.54 -15.36
N SER G 163 2.49 -12.37 -15.16
CA SER G 163 3.67 -12.07 -14.33
C SER G 163 3.28 -11.69 -12.90
N GLY G 164 2.33 -12.44 -12.34
CA GLY G 164 1.89 -12.23 -10.98
C GLY G 164 0.80 -11.18 -10.79
N ALA G 165 0.42 -10.47 -11.85
CA ALA G 165 -0.63 -9.47 -11.73
C ALA G 165 -2.01 -10.11 -11.55
N LEU G 166 -2.21 -11.30 -12.12
CA LEU G 166 -3.48 -12.01 -12.04
C LEU G 166 -3.35 -13.15 -11.03
N THR G 167 -4.05 -13.02 -9.90
CA THR G 167 -4.00 -14.04 -8.86
C THR G 167 -5.40 -14.52 -8.50
N SER G 168 -6.40 -13.65 -8.66
CA SER G 168 -7.77 -13.98 -8.29
C SER G 168 -8.38 -14.87 -9.36
N GLY G 169 -9.01 -15.97 -8.92
CA GLY G 169 -9.56 -16.94 -9.83
C GLY G 169 -8.58 -17.98 -10.33
N VAL G 170 -7.32 -17.91 -9.92
CA VAL G 170 -6.30 -18.83 -10.39
C VAL G 170 -6.40 -20.14 -9.61
N HIS G 171 -6.44 -21.25 -10.34
CA HIS G 171 -6.55 -22.59 -9.77
C HIS G 171 -5.49 -23.44 -10.46
N THR G 172 -4.35 -23.61 -9.79
CA THR G 172 -3.31 -24.50 -10.26
C THR G 172 -3.49 -25.87 -9.63
N PHE G 173 -3.55 -26.88 -10.44
CA PHE G 173 -3.87 -28.23 -10.02
C PHE G 173 -2.60 -28.99 -9.62
N PRO G 174 -2.73 -29.95 -8.71
CA PRO G 174 -1.61 -30.84 -8.40
C PRO G 174 -1.18 -31.65 -9.61
N ALA G 175 0.11 -31.92 -9.70
CA ALA G 175 0.66 -32.67 -10.81
C ALA G 175 0.22 -34.13 -10.77
N VAL G 176 0.00 -34.70 -11.95
CA VAL G 176 -0.41 -36.08 -12.10
C VAL G 176 0.73 -36.85 -12.77
N LEU G 177 1.08 -37.99 -12.20
CA LEU G 177 2.09 -38.86 -12.81
C LEU G 177 1.45 -39.62 -13.95
N GLN G 178 1.89 -39.34 -15.17
CA GLN G 178 1.36 -40.00 -16.35
C GLN G 178 1.85 -41.44 -16.43
N SER G 179 1.21 -42.23 -17.30
CA SER G 179 1.60 -43.61 -17.51
C SER G 179 3.00 -43.73 -18.10
N SER G 180 3.44 -42.74 -18.87
CA SER G 180 4.78 -42.73 -19.43
C SER G 180 5.86 -42.44 -18.38
N GLY G 181 5.48 -41.95 -17.20
CA GLY G 181 6.41 -41.67 -16.12
C GLY G 181 6.63 -40.19 -15.88
N LEU G 182 6.32 -39.34 -16.84
CA LEU G 182 6.47 -37.90 -16.72
C LEU G 182 5.26 -37.31 -15.98
N TYR G 183 5.44 -36.10 -15.47
CA TYR G 183 4.35 -35.41 -14.79
C TYR G 183 3.60 -34.48 -15.74
N SER G 184 2.40 -34.10 -15.31
CA SER G 184 1.55 -33.17 -16.04
C SER G 184 0.55 -32.55 -15.08
N LEU G 185 0.31 -31.26 -15.25
CA LEU G 185 -0.71 -30.54 -14.49
C LEU G 185 -1.37 -29.51 -15.39
N SER G 186 -2.36 -28.82 -14.84
CA SER G 186 -3.02 -27.71 -15.52
C SER G 186 -3.18 -26.58 -14.53
N SER G 187 -3.15 -25.35 -15.04
CA SER G 187 -3.47 -24.17 -14.25
C SER G 187 -4.49 -23.34 -15.02
N VAL G 188 -5.66 -23.14 -14.42
CA VAL G 188 -6.74 -22.41 -15.07
C VAL G 188 -7.01 -21.12 -14.32
N VAL G 189 -7.72 -20.22 -14.98
CA VAL G 189 -8.20 -18.99 -14.36
C VAL G 189 -9.53 -18.63 -15.00
N THR G 190 -10.49 -18.23 -14.16
CA THR G 190 -11.78 -17.73 -14.63
C THR G 190 -11.75 -16.21 -14.64
N VAL G 191 -12.12 -15.64 -15.78
CA VAL G 191 -12.11 -14.20 -16.02
C VAL G 191 -13.49 -13.83 -16.54
N PRO G 192 -13.89 -12.55 -16.42
CA PRO G 192 -15.16 -12.14 -17.04
C PRO G 192 -15.12 -12.26 -18.55
N SER G 193 -16.28 -12.58 -19.13
CA SER G 193 -16.39 -12.85 -20.56
C SER G 193 -16.14 -11.61 -21.39
N SER G 194 -16.53 -10.43 -20.88
CA SER G 194 -16.30 -9.19 -21.60
C SER G 194 -14.82 -8.82 -21.64
N SER G 195 -14.04 -9.24 -20.64
CA SER G 195 -12.62 -8.93 -20.60
C SER G 195 -11.82 -9.65 -21.68
N LEU G 196 -12.37 -10.73 -22.24
CA LEU G 196 -11.72 -11.43 -23.35
C LEU G 196 -11.63 -10.53 -24.57
N GLY G 197 -10.45 -10.46 -25.17
CA GLY G 197 -10.23 -9.58 -26.30
C GLY G 197 -9.59 -8.27 -25.90
N THR G 198 -10.01 -7.72 -24.76
CA THR G 198 -9.49 -6.46 -24.25
C THR G 198 -8.51 -6.65 -23.10
N GLN G 199 -7.95 -7.86 -22.95
CA GLN G 199 -6.98 -8.13 -21.90
C GLN G 199 -6.13 -9.32 -22.32
N THR G 200 -4.82 -9.13 -22.31
CA THR G 200 -3.89 -10.17 -22.73
C THR G 200 -3.58 -11.08 -21.54
N TYR G 201 -3.72 -12.38 -21.75
CA TYR G 201 -3.52 -13.38 -20.70
C TYR G 201 -2.35 -14.27 -21.09
N ILE G 202 -1.30 -14.26 -20.27
CA ILE G 202 -0.10 -15.06 -20.50
C ILE G 202 0.19 -15.85 -19.23
N CYS G 203 0.32 -17.16 -19.37
CA CYS G 203 0.77 -17.99 -18.26
C CYS G 203 2.29 -18.12 -18.31
N ASN G 204 2.90 -18.07 -17.13
CA ASN G 204 4.35 -18.12 -16.96
C ASN G 204 4.67 -19.41 -16.22
N VAL G 205 5.32 -20.34 -16.91
CA VAL G 205 5.65 -21.66 -16.37
C VAL G 205 7.15 -21.73 -16.18
N ASN G 206 7.57 -22.10 -14.97
CA ASN G 206 8.98 -22.19 -14.61
C ASN G 206 9.26 -23.58 -14.08
N HIS G 207 10.14 -24.30 -14.76
CA HIS G 207 10.62 -25.62 -14.35
C HIS G 207 12.12 -25.48 -14.08
N LYS G 208 12.47 -25.42 -12.80
CA LYS G 208 13.83 -25.27 -12.30
C LYS G 208 14.77 -26.45 -12.50
N PRO G 209 14.35 -27.74 -12.45
CA PRO G 209 15.30 -28.81 -12.80
C PRO G 209 15.81 -28.80 -14.23
N SER G 210 15.08 -28.21 -15.19
CA SER G 210 15.57 -28.10 -16.55
C SER G 210 15.92 -26.67 -16.94
N ASN G 211 15.83 -25.72 -15.99
CA ASN G 211 16.09 -24.30 -16.21
C ASN G 211 15.26 -23.74 -17.37
N THR G 212 13.96 -24.04 -17.35
CA THR G 212 13.08 -23.73 -18.46
C THR G 212 12.03 -22.73 -18.00
N LYS G 213 11.89 -21.64 -18.75
CA LYS G 213 10.89 -20.62 -18.47
C LYS G 213 10.13 -20.34 -19.76
N VAL G 214 8.84 -20.67 -19.77
CA VAL G 214 8.00 -20.55 -20.95
C VAL G 214 6.84 -19.63 -20.62
N ASP G 215 6.68 -18.58 -21.42
CA ASP G 215 5.52 -17.70 -21.34
C ASP G 215 4.62 -17.99 -22.53
N LYS G 216 3.40 -18.43 -22.25
CA LYS G 216 2.44 -18.76 -23.30
C LYS G 216 1.27 -17.81 -23.24
N LYS G 217 1.01 -17.13 -24.36
CA LYS G 217 -0.12 -16.21 -24.47
C LYS G 217 -1.33 -17.02 -24.91
N VAL G 218 -2.29 -17.16 -24.01
CA VAL G 218 -3.50 -17.92 -24.30
C VAL G 218 -4.48 -17.01 -25.04
N GLU G 219 -4.97 -17.48 -26.19
CA GLU G 219 -5.74 -16.63 -27.07
C GLU G 219 -7.14 -17.22 -27.32
N PRO G 220 -8.15 -16.37 -27.53
CA PRO G 220 -9.53 -16.85 -27.70
C PRO G 220 -9.79 -17.61 -28.99
N LYS G 221 -11.03 -18.07 -29.16
CA LYS G 221 -11.43 -18.87 -30.32
C LYS G 221 -12.27 -18.04 -31.28
N ASP H 1 11.28 -44.14 18.63
CA ASP H 1 11.18 -45.09 19.74
C ASP H 1 9.92 -44.83 20.56
N ILE H 2 9.48 -43.58 20.59
CA ILE H 2 8.20 -43.20 21.19
C ILE H 2 7.18 -43.06 20.07
N GLN H 3 5.99 -43.62 20.29
CA GLN H 3 4.95 -43.68 19.27
C GLN H 3 3.86 -42.67 19.60
N MET H 4 3.48 -41.88 18.60
CA MET H 4 2.46 -40.85 18.75
C MET H 4 1.25 -41.24 17.89
N THR H 5 0.15 -41.59 18.57
CA THR H 5 -1.08 -42.02 17.91
C THR H 5 -2.04 -40.82 17.91
N GLN H 6 -2.35 -40.33 16.71
CA GLN H 6 -3.19 -39.14 16.56
C GLN H 6 -4.58 -39.56 16.07
N SER H 7 -5.61 -38.99 16.68
CA SER H 7 -6.99 -39.34 16.37
C SER H 7 -7.86 -38.11 16.50
N PRO H 8 -8.83 -37.89 15.60
CA PRO H 8 -9.25 -38.74 14.48
C PRO H 8 -8.36 -38.64 13.25
N SER H 9 -8.45 -39.64 12.37
CA SER H 9 -7.59 -39.70 11.19
C SER H 9 -7.91 -38.60 10.19
N SER H 10 -9.20 -38.30 10.02
CA SER H 10 -9.65 -37.19 9.20
C SER H 10 -10.84 -36.55 9.89
N LEU H 11 -11.09 -35.28 9.56
CA LEU H 11 -12.13 -34.54 10.25
C LEU H 11 -12.76 -33.55 9.27
N SER H 12 -14.08 -33.39 9.40
CA SER H 12 -14.82 -32.36 8.69
C SER H 12 -15.77 -31.70 9.67
N ALA H 13 -15.72 -30.37 9.75
CA ALA H 13 -16.57 -29.64 10.69
C ALA H 13 -16.93 -28.29 10.09
N SER H 14 -18.01 -27.72 10.60
CA SER H 14 -18.55 -26.47 10.10
C SER H 14 -17.81 -25.27 10.70
N VAL H 15 -18.07 -24.09 10.14
CA VAL H 15 -17.49 -22.86 10.67
C VAL H 15 -18.19 -22.50 11.98
N GLY H 16 -17.40 -22.27 13.02
CA GLY H 16 -17.92 -21.99 14.34
C GLY H 16 -17.98 -23.19 15.26
N ASP H 17 -17.63 -24.38 14.77
CA ASP H 17 -17.66 -25.58 15.59
C ASP H 17 -16.46 -25.62 16.52
N ARG H 18 -16.55 -26.49 17.53
CA ARG H 18 -15.47 -26.73 18.47
C ARG H 18 -14.88 -28.11 18.17
N VAL H 19 -13.64 -28.15 17.68
CA VAL H 19 -13.02 -29.41 17.31
C VAL H 19 -11.93 -29.76 18.30
N THR H 20 -11.61 -31.06 18.35
CA THR H 20 -10.78 -31.65 19.39
C THR H 20 -9.97 -32.79 18.80
N ILE H 21 -8.65 -32.61 18.74
CA ILE H 21 -7.72 -33.62 18.26
C ILE H 21 -6.96 -34.19 19.45
N THR H 22 -6.86 -35.52 19.54
CA THR H 22 -6.18 -36.18 20.64
C THR H 22 -4.94 -36.90 20.14
N CYS H 23 -3.93 -36.98 21.01
CA CYS H 23 -2.62 -37.56 20.67
C CYS H 23 -2.11 -38.36 21.86
N ARG H 24 -1.97 -39.67 21.69
CA ARG H 24 -1.46 -40.56 22.73
C ARG H 24 0.03 -40.81 22.49
N ALA H 25 0.79 -40.87 23.59
CA ALA H 25 2.20 -41.19 23.55
C ALA H 25 2.42 -42.58 24.13
N SER H 26 3.33 -43.34 23.52
CA SER H 26 3.63 -44.70 23.98
C SER H 26 4.29 -44.68 25.34
N GLN H 27 5.27 -43.81 25.53
CA GLN H 27 5.89 -43.59 26.83
C GLN H 27 5.30 -42.32 27.44
N GLU H 28 5.91 -41.83 28.51
CA GLU H 28 5.52 -40.56 29.11
C GLU H 28 6.45 -39.47 28.59
N ILE H 29 5.87 -38.36 28.13
CA ILE H 29 6.66 -37.30 27.53
C ILE H 29 6.87 -36.10 28.44
N SER H 30 6.37 -36.17 29.69
CA SER H 30 6.58 -35.14 30.74
C SER H 30 6.11 -33.75 30.31
N GLY H 31 5.01 -33.70 29.58
CA GLY H 31 4.45 -32.44 29.13
C GLY H 31 5.10 -31.85 27.90
N TYR H 32 6.17 -32.48 27.39
CA TYR H 32 6.91 -31.95 26.25
C TYR H 32 6.24 -32.40 24.95
N LEU H 33 5.10 -31.77 24.68
CA LEU H 33 4.34 -32.02 23.47
C LEU H 33 4.09 -30.69 22.76
N THR H 34 4.23 -30.68 21.45
CA THR H 34 3.97 -29.49 20.65
C THR H 34 2.96 -29.81 19.55
N TRP H 35 2.03 -28.87 19.38
CA TRP H 35 1.01 -28.91 18.34
C TRP H 35 1.41 -27.99 17.19
N LEU H 36 1.44 -28.55 15.97
CA LEU H 36 1.84 -27.88 14.75
C LEU H 36 0.71 -27.89 13.74
N GLN H 37 0.63 -26.81 12.95
CA GLN H 37 -0.35 -26.66 11.88
C GLN H 37 0.37 -26.56 10.54
N GLN H 38 0.00 -27.42 9.59
CA GLN H 38 0.56 -27.36 8.24
C GLN H 38 -0.59 -27.12 7.26
N LYS H 39 -0.64 -25.92 6.72
CA LYS H 39 -1.51 -25.65 5.59
C LYS H 39 -0.88 -26.23 4.33
N PRO H 40 -1.68 -26.60 3.32
CA PRO H 40 -1.12 -27.25 2.13
C PRO H 40 -0.24 -26.32 1.33
N GLY H 41 0.89 -26.86 0.87
CA GLY H 41 1.90 -26.07 0.19
C GLY H 41 2.74 -25.19 1.09
N LYS H 42 2.65 -25.37 2.40
CA LYS H 42 3.37 -24.54 3.36
C LYS H 42 4.10 -25.41 4.38
N ALA H 43 4.94 -24.75 5.17
CA ALA H 43 5.64 -25.39 6.26
C ALA H 43 4.68 -25.64 7.43
N PRO H 44 5.03 -26.54 8.33
CA PRO H 44 4.37 -26.56 9.65
C PRO H 44 4.55 -25.25 10.38
N LYS H 45 3.47 -24.81 11.02
CA LYS H 45 3.43 -23.56 11.79
C LYS H 45 3.30 -23.92 13.26
N LEU H 46 4.13 -23.30 14.10
CA LEU H 46 4.13 -23.60 15.52
C LEU H 46 2.89 -23.01 16.17
N LEU H 47 1.99 -23.87 16.63
CA LEU H 47 0.80 -23.42 17.35
C LEU H 47 1.01 -23.43 18.85
N ILE H 48 1.21 -24.61 19.44
CA ILE H 48 1.26 -24.76 20.90
C ILE H 48 2.52 -25.53 21.27
N TYR H 49 3.17 -25.12 22.35
CA TYR H 49 4.31 -25.84 22.92
C TYR H 49 4.06 -26.04 24.41
N ALA H 50 4.80 -26.99 24.98
CA ALA H 50 4.72 -27.38 26.41
C ALA H 50 3.30 -27.77 26.83
N ALA H 51 2.55 -28.32 25.87
CA ALA H 51 1.20 -28.86 25.91
C ALA H 51 0.10 -27.82 26.10
N SER H 52 0.44 -26.62 26.59
CA SER H 52 -0.57 -25.57 26.75
C SER H 52 -0.04 -24.15 26.61
N THR H 53 1.23 -23.93 26.22
CA THR H 53 1.74 -22.57 26.05
C THR H 53 1.48 -22.14 24.62
N LEU H 54 0.74 -21.06 24.44
CA LEU H 54 0.38 -20.58 23.12
C LEU H 54 1.49 -19.68 22.59
N ASP H 55 1.92 -19.94 21.36
CA ASP H 55 2.94 -19.10 20.74
C ASP H 55 2.33 -17.74 20.41
N SER H 56 3.15 -16.69 20.54
CA SER H 56 2.72 -15.34 20.21
C SER H 56 2.47 -15.22 18.71
N GLY H 57 1.27 -14.79 18.34
CA GLY H 57 0.83 -14.74 16.96
C GLY H 57 -0.15 -15.82 16.58
N VAL H 58 -0.40 -16.79 17.46
CA VAL H 58 -1.47 -17.76 17.27
C VAL H 58 -2.68 -17.20 17.99
N PRO H 59 -3.88 -17.25 17.39
CA PRO H 59 -5.08 -16.70 18.06
C PRO H 59 -5.45 -17.43 19.34
N LYS H 60 -6.27 -16.75 20.16
CA LYS H 60 -6.67 -17.25 21.46
C LYS H 60 -7.49 -18.54 21.37
N ARG H 61 -8.16 -18.76 20.25
CA ARG H 61 -9.09 -19.87 20.07
C ARG H 61 -8.44 -21.25 20.06
N PHE H 62 -7.13 -21.35 19.91
CA PHE H 62 -6.44 -22.63 20.01
C PHE H 62 -6.01 -22.86 21.45
N SER H 63 -6.27 -24.06 21.97
CA SER H 63 -5.93 -24.36 23.35
C SER H 63 -5.49 -25.82 23.47
N GLY H 64 -4.56 -26.07 24.36
CA GLY H 64 -4.01 -27.41 24.55
C GLY H 64 -4.17 -27.89 25.97
N SER H 65 -4.45 -29.17 26.14
CA SER H 65 -4.63 -29.77 27.46
C SER H 65 -4.27 -31.24 27.38
N ARG H 66 -4.59 -31.99 28.44
CA ARG H 66 -4.26 -33.40 28.53
C ARG H 66 -5.48 -34.20 28.94
N SER H 67 -5.88 -35.15 28.09
CA SER H 67 -6.89 -36.15 28.42
C SER H 67 -6.18 -37.39 28.93
N GLY H 68 -5.94 -37.43 30.23
CA GLY H 68 -5.15 -38.49 30.83
C GLY H 68 -3.72 -38.49 30.32
N THR H 69 -3.30 -39.58 29.68
CA THR H 69 -2.02 -39.67 29.01
C THR H 69 -2.06 -39.11 27.60
N ASP H 70 -3.26 -38.82 27.11
CA ASP H 70 -3.50 -38.25 25.80
C ASP H 70 -3.40 -36.74 25.89
N PHE H 71 -3.13 -36.10 24.76
CA PHE H 71 -3.07 -34.66 24.68
C PHE H 71 -4.18 -34.18 23.76
N THR H 72 -4.59 -32.92 23.94
CA THR H 72 -5.84 -32.43 23.36
C THR H 72 -5.62 -31.04 22.81
N LEU H 73 -5.81 -30.90 21.51
CA LEU H 73 -5.85 -29.60 20.83
C LEU H 73 -7.30 -29.26 20.55
N THR H 74 -7.71 -28.07 20.99
CA THR H 74 -9.10 -27.65 20.94
C THR H 74 -9.18 -26.33 20.19
N ILE H 75 -9.94 -26.33 19.10
CA ILE H 75 -10.29 -25.11 18.39
C ILE H 75 -11.72 -24.75 18.78
N SER H 76 -11.87 -23.56 19.37
CA SER H 76 -13.14 -23.17 19.98
C SER H 76 -14.19 -22.84 18.92
N SER H 77 -13.90 -21.88 18.04
CA SER H 77 -14.79 -21.50 16.95
C SER H 77 -14.01 -21.66 15.65
N LEU H 78 -14.40 -22.65 14.85
CA LEU H 78 -13.64 -22.99 13.66
C LEU H 78 -13.80 -21.92 12.58
N GLN H 79 -12.70 -21.58 11.93
CA GLN H 79 -12.61 -20.56 10.90
C GLN H 79 -12.23 -21.17 9.57
N PRO H 80 -12.60 -20.55 8.44
CA PRO H 80 -12.32 -21.15 7.12
C PRO H 80 -10.84 -21.34 6.79
N GLU H 81 -9.96 -20.50 7.32
CA GLU H 81 -8.53 -20.65 7.04
C GLU H 81 -7.86 -21.71 7.91
N ASP H 82 -8.61 -22.35 8.82
CA ASP H 82 -8.08 -23.41 9.67
C ASP H 82 -8.09 -24.77 9.00
N PHE H 83 -8.46 -24.86 7.72
CA PHE H 83 -8.31 -26.07 6.92
C PHE H 83 -6.83 -26.44 6.83
N ALA H 84 -6.42 -27.54 7.46
CA ALA H 84 -4.99 -27.84 7.57
C ALA H 84 -4.80 -29.27 8.06
N THR H 85 -3.54 -29.70 8.07
CA THR H 85 -3.15 -30.95 8.71
C THR H 85 -2.43 -30.62 10.01
N TYR H 86 -2.92 -31.19 11.11
CA TYR H 86 -2.37 -30.91 12.43
C TYR H 86 -1.55 -32.08 12.92
N TYR H 87 -0.37 -31.79 13.46
CA TYR H 87 0.59 -32.77 13.91
C TYR H 87 0.92 -32.55 15.38
N CYS H 88 1.02 -33.64 16.13
CA CYS H 88 1.59 -33.59 17.47
C CYS H 88 3.00 -34.17 17.45
N LEU H 89 3.90 -33.57 18.23
CA LEU H 89 5.31 -33.96 18.21
C LEU H 89 5.86 -33.91 19.63
N GLN H 90 6.50 -35.00 20.05
CA GLN H 90 7.17 -35.03 21.34
C GLN H 90 8.59 -34.50 21.20
N TYR H 91 9.04 -33.77 22.22
CA TYR H 91 10.41 -33.26 22.26
C TYR H 91 11.00 -33.47 23.65
N THR H 92 10.84 -34.69 24.19
CA THR H 92 11.38 -35.00 25.50
C THR H 92 12.66 -35.83 25.46
N ASN H 93 12.94 -36.52 24.34
CA ASN H 93 14.08 -37.41 24.22
C ASN H 93 14.27 -37.75 22.75
N TYR H 94 15.53 -37.85 22.32
CA TYR H 94 15.83 -38.31 20.96
C TYR H 94 15.41 -39.76 20.79
N PRO H 95 14.77 -40.12 19.68
CA PRO H 95 14.42 -39.29 18.51
C PRO H 95 13.08 -38.57 18.62
N LEU H 96 12.96 -37.42 17.96
CA LEU H 96 11.71 -36.68 17.94
C LEU H 96 10.75 -37.37 16.99
N THR H 97 9.56 -37.72 17.47
CA THR H 97 8.59 -38.46 16.67
C THR H 97 7.29 -37.69 16.56
N PHE H 98 6.74 -37.65 15.35
CA PHE H 98 5.49 -36.95 15.05
C PHE H 98 4.33 -37.93 15.05
N GLY H 99 3.13 -37.37 15.14
CA GLY H 99 1.91 -38.14 14.97
C GLY H 99 1.59 -38.40 13.52
N GLN H 100 0.53 -39.16 13.29
CA GLN H 100 0.08 -39.42 11.92
C GLN H 100 -0.49 -38.18 11.27
N GLY H 101 -1.13 -37.32 12.03
CA GLY H 101 -1.68 -36.09 11.49
C GLY H 101 -3.18 -36.18 11.30
N THR H 102 -3.86 -35.06 11.53
CA THR H 102 -5.31 -34.97 11.36
C THR H 102 -5.60 -33.95 10.26
N LYS H 103 -6.28 -34.39 9.20
CA LYS H 103 -6.67 -33.50 8.12
C LYS H 103 -8.01 -32.89 8.47
N LEU H 104 -7.99 -31.63 8.91
CA LEU H 104 -9.19 -30.89 9.23
C LEU H 104 -9.64 -30.13 7.99
N GLU H 105 -10.84 -30.48 7.50
CA GLU H 105 -11.52 -29.85 6.39
C GLU H 105 -12.73 -29.08 6.91
N ILE H 106 -13.20 -28.13 6.11
CA ILE H 106 -14.30 -27.26 6.49
C ILE H 106 -15.56 -27.71 5.76
N LYS H 107 -16.65 -27.89 6.51
CA LYS H 107 -17.97 -28.10 5.92
C LYS H 107 -18.63 -26.77 5.61
N ARG H 108 -19.37 -26.73 4.51
CA ARG H 108 -20.15 -25.58 4.10
C ARG H 108 -21.40 -26.08 3.40
N THR H 109 -22.18 -25.15 2.86
CA THR H 109 -23.33 -25.54 2.05
C THR H 109 -22.85 -26.12 0.71
N VAL H 110 -23.65 -27.04 0.17
CA VAL H 110 -23.29 -27.73 -1.05
C VAL H 110 -23.35 -26.76 -2.23
N ALA H 111 -22.29 -26.75 -3.03
CA ALA H 111 -22.17 -25.83 -4.16
C ALA H 111 -21.92 -26.63 -5.43
N ALA H 112 -22.69 -26.33 -6.47
CA ALA H 112 -22.60 -27.04 -7.73
C ALA H 112 -21.37 -26.59 -8.51
N PRO H 113 -20.70 -27.49 -9.22
CA PRO H 113 -19.52 -27.09 -10.00
C PRO H 113 -19.90 -26.42 -11.31
N SER H 114 -19.07 -25.46 -11.71
CA SER H 114 -19.17 -24.89 -13.05
C SER H 114 -18.28 -25.70 -13.98
N VAL H 115 -18.88 -26.24 -15.04
CA VAL H 115 -18.20 -27.19 -15.92
C VAL H 115 -17.73 -26.46 -17.17
N PHE H 116 -16.44 -26.61 -17.48
CA PHE H 116 -15.83 -25.98 -18.64
C PHE H 116 -15.01 -27.03 -19.39
N ILE H 117 -15.19 -27.13 -20.70
CA ILE H 117 -14.49 -28.13 -21.50
C ILE H 117 -13.55 -27.42 -22.47
N PHE H 118 -12.30 -27.88 -22.51
CA PHE H 118 -11.24 -27.32 -23.32
C PHE H 118 -10.80 -28.33 -24.37
N PRO H 119 -10.99 -28.02 -25.65
CA PRO H 119 -10.44 -28.85 -26.72
C PRO H 119 -8.92 -28.77 -26.74
N PRO H 120 -8.24 -29.77 -27.31
CA PRO H 120 -6.77 -29.71 -27.38
C PRO H 120 -6.28 -28.63 -28.34
N SER H 121 -5.05 -28.17 -28.08
CA SER H 121 -4.47 -27.06 -28.81
C SER H 121 -3.91 -27.52 -30.15
N ASP H 122 -3.52 -26.54 -30.97
CA ASP H 122 -2.98 -26.84 -32.29
C ASP H 122 -1.56 -27.38 -32.21
N GLU H 123 -0.75 -26.82 -31.31
CA GLU H 123 0.63 -27.26 -31.13
C GLU H 123 0.71 -28.69 -30.62
N GLN H 124 -0.19 -29.04 -29.69
CA GLN H 124 -0.25 -30.42 -29.21
C GLN H 124 -0.71 -31.38 -30.31
N LEU H 125 -1.72 -30.97 -31.09
CA LEU H 125 -2.24 -31.82 -32.15
C LEU H 125 -1.22 -32.05 -33.25
N LYS H 126 -0.40 -31.05 -33.57
CA LYS H 126 0.68 -31.30 -34.50
C LYS H 126 1.91 -31.91 -33.83
N SER H 127 1.93 -32.04 -32.50
CA SER H 127 2.97 -32.84 -31.85
C SER H 127 2.61 -34.33 -31.77
N GLY H 128 1.40 -34.71 -32.15
CA GLY H 128 1.01 -36.11 -32.18
C GLY H 128 0.22 -36.62 -30.99
N THR H 129 -0.18 -35.76 -30.07
CA THR H 129 -0.93 -36.16 -28.89
C THR H 129 -2.13 -35.23 -28.75
N ALA H 130 -3.21 -35.72 -28.13
CA ALA H 130 -4.38 -34.89 -27.88
C ALA H 130 -4.81 -35.05 -26.43
N SER H 131 -4.96 -33.94 -25.73
CA SER H 131 -5.49 -33.93 -24.37
C SER H 131 -6.68 -32.98 -24.32
N VAL H 132 -7.86 -33.52 -24.04
CA VAL H 132 -9.06 -32.75 -23.80
C VAL H 132 -9.21 -32.57 -22.30
N VAL H 133 -9.46 -31.34 -21.86
CA VAL H 133 -9.44 -31.03 -20.42
C VAL H 133 -10.85 -30.63 -19.98
N CYS H 134 -11.33 -31.25 -18.91
CA CYS H 134 -12.63 -30.91 -18.33
C CYS H 134 -12.38 -30.36 -16.93
N LEU H 135 -12.84 -29.13 -16.70
CA LEU H 135 -12.61 -28.39 -15.47
C LEU H 135 -13.92 -28.26 -14.71
N LEU H 136 -13.89 -28.67 -13.44
CA LEU H 136 -15.01 -28.49 -12.52
C LEU H 136 -14.58 -27.44 -11.50
N ASN H 137 -15.16 -26.25 -11.59
CA ASN H 137 -14.76 -25.16 -10.73
C ASN H 137 -15.71 -24.92 -9.57
N ASN H 138 -15.13 -24.49 -8.44
CA ASN H 138 -15.79 -24.05 -7.21
C ASN H 138 -16.94 -24.92 -6.70
N PHE H 139 -16.63 -26.08 -6.13
CA PHE H 139 -17.68 -26.99 -5.69
C PHE H 139 -17.34 -27.59 -4.34
N TYR H 140 -18.41 -28.03 -3.64
CA TYR H 140 -18.36 -28.74 -2.39
C TYR H 140 -19.56 -29.67 -2.42
N PRO H 141 -19.43 -30.95 -2.01
CA PRO H 141 -18.24 -31.63 -1.46
C PRO H 141 -17.26 -32.10 -2.52
N ARG H 142 -16.17 -32.76 -2.09
CA ARG H 142 -15.10 -33.16 -2.98
C ARG H 142 -15.51 -34.28 -3.93
N GLU H 143 -16.55 -35.04 -3.58
CA GLU H 143 -16.96 -36.18 -4.38
C GLU H 143 -17.65 -35.71 -5.66
N ALA H 144 -17.08 -36.09 -6.80
CA ALA H 144 -17.65 -35.74 -8.10
C ALA H 144 -17.33 -36.85 -9.09
N LYS H 145 -18.31 -37.21 -9.92
CA LYS H 145 -18.16 -38.30 -10.88
C LYS H 145 -18.03 -37.69 -12.26
N VAL H 146 -16.84 -37.82 -12.85
CA VAL H 146 -16.53 -37.21 -14.14
C VAL H 146 -16.29 -38.34 -15.13
N GLN H 147 -17.15 -38.45 -16.14
CA GLN H 147 -17.04 -39.49 -17.14
C GLN H 147 -16.80 -38.87 -18.52
N TRP H 148 -16.02 -39.56 -19.33
CA TRP H 148 -15.65 -39.10 -20.66
C TRP H 148 -16.39 -39.92 -21.71
N LYS H 149 -17.15 -39.24 -22.56
CA LYS H 149 -17.90 -39.90 -23.62
C LYS H 149 -17.43 -39.39 -24.98
N VAL H 150 -16.86 -40.29 -25.77
CA VAL H 150 -16.40 -40.02 -27.13
C VAL H 150 -17.32 -40.79 -28.08
N ASP H 151 -18.03 -40.04 -28.93
CA ASP H 151 -19.06 -40.58 -29.83
C ASP H 151 -20.10 -41.39 -29.07
N ASN H 152 -20.58 -40.81 -27.95
CA ASN H 152 -21.56 -41.38 -27.03
C ASN H 152 -21.09 -42.68 -26.36
N ALA H 153 -19.79 -42.97 -26.39
CA ALA H 153 -19.23 -44.20 -25.86
C ALA H 153 -18.34 -43.88 -24.67
N LEU H 154 -18.57 -44.59 -23.56
CA LEU H 154 -17.87 -44.32 -22.32
C LEU H 154 -16.40 -44.71 -22.40
N GLN H 155 -15.51 -43.81 -22.02
CA GLN H 155 -14.09 -44.10 -21.95
C GLN H 155 -13.71 -44.60 -20.56
N SER H 156 -12.61 -45.35 -20.51
CA SER H 156 -12.11 -45.87 -19.24
C SER H 156 -10.63 -46.18 -19.39
N GLY H 157 -9.84 -45.79 -18.39
CA GLY H 157 -8.42 -46.08 -18.36
C GLY H 157 -7.54 -45.14 -19.16
N ASN H 158 -8.11 -44.10 -19.77
CA ASN H 158 -7.33 -43.12 -20.53
C ASN H 158 -7.55 -41.70 -20.02
N SER H 159 -7.97 -41.56 -18.77
CA SER H 159 -8.24 -40.25 -18.18
C SER H 159 -7.68 -40.21 -16.76
N GLN H 160 -7.11 -39.07 -16.39
CA GLN H 160 -6.57 -38.85 -15.06
C GLN H 160 -7.15 -37.56 -14.48
N GLU H 161 -7.43 -37.59 -13.18
CA GLU H 161 -8.04 -36.47 -12.48
C GLU H 161 -7.08 -35.89 -11.46
N SER H 162 -7.33 -34.63 -11.10
CA SER H 162 -6.54 -33.95 -10.07
C SER H 162 -7.44 -32.97 -9.35
N VAL H 163 -7.44 -33.04 -8.01
CA VAL H 163 -8.31 -32.22 -7.18
C VAL H 163 -7.44 -31.28 -6.36
N THR H 164 -7.79 -29.99 -6.39
CA THR H 164 -7.14 -29.02 -5.52
C THR H 164 -7.51 -29.25 -4.06
N GLU H 165 -6.70 -28.71 -3.17
CA GLU H 165 -7.07 -28.64 -1.76
C GLU H 165 -8.15 -27.58 -1.57
N GLN H 166 -8.71 -27.54 -0.36
CA GLN H 166 -9.81 -26.62 -0.07
C GLN H 166 -9.31 -25.18 -0.10
N ASP H 167 -10.06 -24.32 -0.79
CA ASP H 167 -9.73 -22.91 -0.84
C ASP H 167 -9.97 -22.29 0.53
N SER H 168 -9.05 -21.43 0.95
CA SER H 168 -9.06 -20.93 2.32
C SER H 168 -10.16 -19.90 2.59
N LYS H 169 -10.87 -19.43 1.56
CA LYS H 169 -11.85 -18.38 1.73
C LYS H 169 -13.29 -18.84 1.49
N ASP H 170 -13.56 -19.63 0.46
CA ASP H 170 -14.92 -20.11 0.21
C ASP H 170 -15.09 -21.62 0.40
N SER H 171 -14.02 -22.34 0.77
CA SER H 171 -14.05 -23.75 1.17
C SER H 171 -14.55 -24.66 0.05
N THR H 172 -14.10 -24.39 -1.17
CA THR H 172 -14.50 -25.16 -2.35
C THR H 172 -13.31 -25.95 -2.89
N TYR H 173 -13.60 -26.82 -3.85
CA TYR H 173 -12.60 -27.62 -4.55
C TYR H 173 -12.71 -27.36 -6.05
N SER H 174 -11.70 -27.83 -6.78
CA SER H 174 -11.68 -27.76 -8.24
C SER H 174 -11.04 -29.02 -8.79
N LEU H 175 -11.56 -29.52 -9.91
CA LEU H 175 -11.11 -30.78 -10.48
C LEU H 175 -10.73 -30.57 -11.94
N SER H 176 -9.69 -31.29 -12.37
CA SER H 176 -9.22 -31.27 -13.75
C SER H 176 -9.10 -32.71 -14.24
N SER H 177 -10.05 -33.15 -15.07
CA SER H 177 -9.99 -34.47 -15.69
C SER H 177 -9.45 -34.31 -17.11
N THR H 178 -8.32 -34.96 -17.39
CA THR H 178 -7.66 -34.86 -18.68
C THR H 178 -7.77 -36.19 -19.41
N LEU H 179 -8.42 -36.18 -20.57
CA LEU H 179 -8.52 -37.35 -21.44
C LEU H 179 -7.44 -37.26 -22.51
N THR H 180 -6.63 -38.32 -22.63
CA THR H 180 -5.49 -38.34 -23.53
C THR H 180 -5.67 -39.41 -24.59
N LEU H 181 -5.51 -39.01 -25.86
CA LEU H 181 -5.60 -39.90 -27.00
C LEU H 181 -4.47 -39.58 -27.96
N SER H 182 -4.22 -40.51 -28.89
CA SER H 182 -3.32 -40.21 -29.99
C SER H 182 -4.02 -39.32 -31.00
N LYS H 183 -3.23 -38.74 -31.92
CA LYS H 183 -3.78 -37.85 -32.94
C LYS H 183 -4.74 -38.59 -33.87
N ALA H 184 -4.38 -39.82 -34.26
CA ALA H 184 -5.25 -40.63 -35.10
C ALA H 184 -6.53 -41.03 -34.36
N ASP H 185 -6.41 -41.43 -33.10
CA ASP H 185 -7.59 -41.83 -32.33
C ASP H 185 -8.44 -40.62 -31.97
N TYR H 186 -7.84 -39.44 -31.83
CA TYR H 186 -8.64 -38.24 -31.59
C TYR H 186 -9.40 -37.81 -32.84
N GLU H 187 -8.74 -37.84 -34.00
CA GLU H 187 -9.33 -37.33 -35.22
C GLU H 187 -10.21 -38.34 -35.95
N LYS H 188 -10.35 -39.55 -35.42
CA LYS H 188 -11.29 -40.53 -35.95
C LYS H 188 -12.70 -40.38 -35.39
N HIS H 189 -12.94 -39.39 -34.54
CA HIS H 189 -14.23 -39.19 -33.88
C HIS H 189 -14.62 -37.72 -33.99
N LYS H 190 -15.87 -37.42 -33.66
CA LYS H 190 -16.39 -36.07 -33.84
C LYS H 190 -16.89 -35.43 -32.56
N VAL H 191 -17.71 -36.11 -31.76
CA VAL H 191 -18.34 -35.52 -30.60
C VAL H 191 -17.56 -35.93 -29.36
N TYR H 192 -17.09 -34.93 -28.59
CA TYR H 192 -16.35 -35.19 -27.38
C TYR H 192 -17.04 -34.50 -26.20
N ALA H 193 -17.29 -35.25 -25.13
CA ALA H 193 -18.06 -34.71 -24.02
C ALA H 193 -17.51 -35.21 -22.69
N CYS H 194 -17.66 -34.36 -21.67
CA CYS H 194 -17.44 -34.77 -20.29
C CYS H 194 -18.75 -34.55 -19.52
N GLU H 195 -19.16 -35.57 -18.77
CA GLU H 195 -20.39 -35.56 -18.01
C GLU H 195 -20.04 -35.55 -16.52
N VAL H 196 -20.70 -34.66 -15.78
CA VAL H 196 -20.39 -34.38 -14.39
C VAL H 196 -21.63 -34.75 -13.57
N THR H 197 -21.44 -35.63 -12.59
CA THR H 197 -22.44 -35.96 -11.59
C THR H 197 -21.96 -35.43 -10.25
N HIS H 198 -22.78 -34.61 -9.60
CA HIS H 198 -22.41 -34.00 -8.34
C HIS H 198 -23.67 -33.82 -7.49
N GLN H 199 -23.47 -33.75 -6.17
CA GLN H 199 -24.59 -33.65 -5.23
C GLN H 199 -25.35 -32.33 -5.38
N GLY H 200 -24.68 -31.27 -5.84
CA GLY H 200 -25.32 -30.00 -6.09
C GLY H 200 -26.05 -29.89 -7.40
N LEU H 201 -26.08 -30.95 -8.20
CA LEU H 201 -26.75 -30.95 -9.50
C LEU H 201 -27.96 -31.89 -9.43
N SER H 202 -29.12 -31.37 -9.84
CA SER H 202 -30.32 -32.20 -9.88
C SER H 202 -30.24 -33.24 -10.98
N SER H 203 -29.59 -32.90 -12.09
CA SER H 203 -29.35 -33.79 -13.22
C SER H 203 -27.89 -33.67 -13.63
N PRO H 204 -27.29 -34.73 -14.19
CA PRO H 204 -25.89 -34.64 -14.62
C PRO H 204 -25.70 -33.64 -15.75
N VAL H 205 -24.59 -32.90 -15.67
CA VAL H 205 -24.31 -31.81 -16.60
C VAL H 205 -23.25 -32.29 -17.58
N THR H 206 -23.58 -32.26 -18.87
CA THR H 206 -22.66 -32.73 -19.91
C THR H 206 -22.23 -31.54 -20.75
N LYS H 207 -20.93 -31.26 -20.75
CA LYS H 207 -20.37 -30.25 -21.64
C LYS H 207 -19.65 -30.94 -22.79
N SER H 208 -19.90 -30.45 -24.01
CA SER H 208 -19.50 -31.17 -25.21
C SER H 208 -19.03 -30.20 -26.27
N PHE H 209 -18.31 -30.75 -27.25
CA PHE H 209 -17.98 -30.01 -28.45
C PHE H 209 -17.89 -30.98 -29.62
N ASN H 210 -17.80 -30.40 -30.81
CA ASN H 210 -17.62 -31.13 -32.06
C ASN H 210 -16.32 -30.66 -32.69
N ARG H 211 -15.39 -31.61 -32.86
CA ARG H 211 -14.03 -31.42 -33.39
C ARG H 211 -13.88 -30.51 -34.61
#